data_6R31
# 
_entry.id   6R31 
# 
_audit_conform.dict_name       mmcif_pdbx.dic 
_audit_conform.dict_version    5.392 
_audit_conform.dict_location   http://mmcif.pdb.org/dictionaries/ascii/mmcif_pdbx.dic 
# 
loop_
_database_2.database_id 
_database_2.database_code 
_database_2.pdbx_database_accession 
_database_2.pdbx_DOI 
PDB   6R31         pdb_00006r31 10.2210/pdb6r31/pdb 
WWPDB D_1292101295 ?            ?                   
# 
loop_
_pdbx_audit_revision_history.ordinal 
_pdbx_audit_revision_history.data_content_type 
_pdbx_audit_revision_history.major_revision 
_pdbx_audit_revision_history.minor_revision 
_pdbx_audit_revision_history.revision_date 
1 'Structure model' 1 0 2020-02-05 
2 'Structure model' 1 1 2020-07-15 
3 'Structure model' 2 0 2020-07-29 
4 'Structure model' 2 1 2024-05-15 
# 
loop_
_pdbx_audit_revision_details.ordinal 
_pdbx_audit_revision_details.revision_ordinal 
_pdbx_audit_revision_details.data_content_type 
_pdbx_audit_revision_details.provider 
_pdbx_audit_revision_details.type 
_pdbx_audit_revision_details.description 
_pdbx_audit_revision_details.details 
1 1 'Structure model' repository 'Initial release' ?                          ? 
2 3 'Structure model' repository Remediation       'Carbohydrate remediation' ? 
# 
loop_
_pdbx_audit_revision_group.ordinal 
_pdbx_audit_revision_group.revision_ordinal 
_pdbx_audit_revision_group.data_content_type 
_pdbx_audit_revision_group.group 
1 2 'Structure model' 'Database references'  
2 3 'Structure model' Advisory               
3 3 'Structure model' 'Atomic model'         
4 3 'Structure model' 'Data collection'      
5 3 'Structure model' 'Derived calculations' 
6 3 'Structure model' 'Structure summary'    
7 4 'Structure model' 'Data collection'      
8 4 'Structure model' 'Database references'  
9 4 'Structure model' 'Structure summary'    
# 
loop_
_pdbx_audit_revision_category.ordinal 
_pdbx_audit_revision_category.revision_ordinal 
_pdbx_audit_revision_category.data_content_type 
_pdbx_audit_revision_category.category 
1  2 'Structure model' citation                      
2  2 'Structure model' citation_author               
3  3 'Structure model' atom_site                     
4  3 'Structure model' chem_comp                     
5  3 'Structure model' entity                        
6  3 'Structure model' pdbx_branch_scheme            
7  3 'Structure model' pdbx_chem_comp_identifier     
8  3 'Structure model' pdbx_entity_branch            
9  3 'Structure model' pdbx_entity_branch_descriptor 
10 3 'Structure model' pdbx_entity_branch_link       
11 3 'Structure model' pdbx_entity_branch_list       
12 3 'Structure model' pdbx_entity_nonpoly           
13 3 'Structure model' pdbx_nonpoly_scheme           
14 3 'Structure model' pdbx_struct_assembly_gen      
15 3 'Structure model' pdbx_struct_conn_angle        
16 3 'Structure model' pdbx_validate_close_contact   
17 3 'Structure model' struct_asym                   
18 3 'Structure model' struct_conn                   
19 3 'Structure model' struct_conn_type              
20 3 'Structure model' struct_site                   
21 3 'Structure model' struct_site_gen               
22 4 'Structure model' chem_comp                     
23 4 'Structure model' chem_comp_atom                
24 4 'Structure model' chem_comp_bond                
25 4 'Structure model' database_2                    
# 
loop_
_pdbx_audit_revision_item.ordinal 
_pdbx_audit_revision_item.revision_ordinal 
_pdbx_audit_revision_item.data_content_type 
_pdbx_audit_revision_item.item 
1  2 'Structure model' '_citation.journal_volume'                    
2  2 'Structure model' '_citation.page_first'                        
3  2 'Structure model' '_citation.page_last'                         
4  2 'Structure model' '_citation.year'                              
5  2 'Structure model' '_citation_author.identifier_ORCID'           
6  3 'Structure model' '_atom_site.auth_asym_id'                     
7  3 'Structure model' '_atom_site.auth_seq_id'                      
8  3 'Structure model' '_atom_site.label_asym_id'                    
9  3 'Structure model' '_chem_comp.name'                             
10 3 'Structure model' '_entity.formula_weight'                      
11 3 'Structure model' '_entity.pdbx_description'                    
12 3 'Structure model' '_entity.pdbx_number_of_molecules'            
13 3 'Structure model' '_entity.type'                                
14 3 'Structure model' '_pdbx_struct_assembly_gen.asym_id_list'      
15 3 'Structure model' '_pdbx_struct_conn_angle.ptnr2_label_asym_id' 
16 3 'Structure model' '_pdbx_validate_close_contact.auth_asym_id_1' 
17 3 'Structure model' '_pdbx_validate_close_contact.auth_asym_id_2' 
18 3 'Structure model' '_pdbx_validate_close_contact.auth_seq_id_1'  
19 3 'Structure model' '_pdbx_validate_close_contact.auth_seq_id_2'  
20 3 'Structure model' '_struct_conn.conn_type_id'                   
21 3 'Structure model' '_struct_conn.id'                             
22 3 'Structure model' '_struct_conn.pdbx_dist_value'                
23 3 'Structure model' '_struct_conn.pdbx_leaving_atom_flag'         
24 3 'Structure model' '_struct_conn.ptnr1_auth_asym_id'             
25 3 'Structure model' '_struct_conn.ptnr1_auth_comp_id'             
26 3 'Structure model' '_struct_conn.ptnr1_auth_seq_id'              
27 3 'Structure model' '_struct_conn.ptnr1_label_asym_id'            
28 3 'Structure model' '_struct_conn.ptnr1_label_atom_id'            
29 3 'Structure model' '_struct_conn.ptnr1_label_comp_id'            
30 3 'Structure model' '_struct_conn.ptnr1_label_seq_id'             
31 3 'Structure model' '_struct_conn.ptnr2_auth_asym_id'             
32 3 'Structure model' '_struct_conn.ptnr2_auth_comp_id'             
33 3 'Structure model' '_struct_conn.ptnr2_auth_seq_id'              
34 3 'Structure model' '_struct_conn.ptnr2_label_asym_id'            
35 3 'Structure model' '_struct_conn.ptnr2_label_atom_id'            
36 3 'Structure model' '_struct_conn.ptnr2_label_comp_id'            
37 3 'Structure model' '_struct_conn_type.id'                        
38 4 'Structure model' '_chem_comp.pdbx_synonyms'                    
39 4 'Structure model' '_database_2.pdbx_DOI'                        
40 4 'Structure model' '_database_2.pdbx_database_accession'         
# 
_pdbx_database_status.status_code                     REL 
_pdbx_database_status.status_code_sf                  REL 
_pdbx_database_status.status_code_mr                  ? 
_pdbx_database_status.entry_id                        6R31 
_pdbx_database_status.recvd_initial_deposition_date   2019-03-19 
_pdbx_database_status.SG_entry                        N 
_pdbx_database_status.deposit_site                    PDBE 
_pdbx_database_status.process_site                    PDBE 
_pdbx_database_status.status_code_cs                  ? 
_pdbx_database_status.methods_development_category    ? 
_pdbx_database_status.pdb_format_compatible           Y 
_pdbx_database_status.status_code_nmr_data            ? 
# 
_pdbx_database_related.db_name        PDB 
_pdbx_database_related.details        . 
_pdbx_database_related.db_id          1V0A 
_pdbx_database_related.content_type   unspecified 
# 
loop_
_audit_author.name 
_audit_author.pdbx_ordinal 
_audit_author.identifier_ORCID 
'Ribeiro, D.O.'  1 0000-0001-9022-0055 
'Carvalho, A.L.' 2 ?                   
# 
_citation.abstract                  ? 
_citation.abstract_id_CAS           ? 
_citation.book_id_ISBN              ? 
_citation.book_publisher            ? 
_citation.book_publisher_city       ? 
_citation.book_title                ? 
_citation.coordinate_linkage        ? 
_citation.country                   UK 
_citation.database_id_Medline       ? 
_citation.details                   ? 
_citation.id                        primary 
_citation.journal_abbrev            'Febs J.' 
_citation.journal_id_ASTM           ? 
_citation.journal_id_CSD            ? 
_citation.journal_id_ISSN           1742-464X 
_citation.journal_full              ? 
_citation.journal_issue             ? 
_citation.journal_volume            287 
_citation.language                  ? 
_citation.page_first                2723 
_citation.page_last                 2743 
_citation.title                     
;Molecular basis for the preferential recognition of beta 1,3-1,4-glucans by the family 11 carbohydrate-binding module from Clostridium thermocellum.
;
_citation.year                      2020 
_citation.database_id_CSD           ? 
_citation.pdbx_database_id_DOI      10.1111/febs.15162 
_citation.pdbx_database_id_PubMed   31794092 
_citation.unpublished_flag          ? 
# 
loop_
_citation_author.citation_id 
_citation_author.name 
_citation_author.ordinal 
_citation_author.identifier_ORCID 
primary 'Ribeiro, D.O.'      1  ? 
primary 'Viegas, A.'         2  ? 
primary 'Pires, V.M.R.'      3  ? 
primary 'Medeiros-Silva, J.' 4  ? 
primary 'Bule, P.'           5  ? 
primary 'Chai, W.'           6  ? 
primary 'Marcelo, F.'        7  ? 
primary 'Fontes, C.M.G.A.'   8  ? 
primary 'Cabrita, E.J.'      9  ? 
primary 'Palma, A.S.'        10 ? 
primary 'Carvalho, A.L.'     11 ? 
# 
loop_
_entity.id 
_entity.type 
_entity.src_method 
_entity.pdbx_description 
_entity.formula_weight 
_entity.pdbx_number_of_molecules 
_entity.pdbx_ec 
_entity.pdbx_mutation 
_entity.pdbx_fragment 
_entity.details 
1 polymer     man 'Endoglucanase H' 19791.979 1  3.2.1.4 ? ? ? 
2 branched    man 
;beta-D-glucopyranose-(1-4)-beta-D-glucopyranose-(1-3)-beta-D-glucopyranose-(1-4)-beta-D-glucopyranose-(1-4)-beta-D-glucopyranose-(1-3)-beta-D-glucopyranose
;
990.860   1  ?       ? ? ? 
3 non-polymer syn 'CALCIUM ION' 40.078    2  ?       ? ? ? 
4 non-polymer syn 'PHOSPHATE ION' 94.971    2  ?       ? ? ? 
5 water       nat water 18.015    52 ?       ? ? ? 
# 
_entity_name_com.entity_id   1 
_entity_name_com.name        'Cellulase H,Endo-1,4-beta-glucanase H,EgH' 
# 
_entity_poly.entity_id                      1 
_entity_poly.type                           'polypeptide(L)' 
_entity_poly.nstd_linkage                   no 
_entity_poly.nstd_monomer                   no 
_entity_poly.pdbx_seq_one_letter_code       
;MASAVGEKMLDDFEGVLNWGSYSGEGAKVSTKIVSGKTGNGMEVSYTGTTDGYWGTVYSLPDGDWSKWLKISFDIKSVDG
SANEIRFMIAEKSINGVGDGEHWVYSITPDSSWKTIEIPFSSFRRRLDYQPPGQDMSGTLDLDNIDSIHFMYANNKSGKF
VVDNIKLIGALEHHHHHH
;
_entity_poly.pdbx_seq_one_letter_code_can   
;MASAVGEKMLDDFEGVLNWGSYSGEGAKVSTKIVSGKTGNGMEVSYTGTTDGYWGTVYSLPDGDWSKWLKISFDIKSVDG
SANEIRFMIAEKSINGVGDGEHWVYSITPDSSWKTIEIPFSSFRRRLDYQPPGQDMSGTLDLDNIDSIHFMYANNKSGKF
VVDNIKLIGALEHHHHHH
;
_entity_poly.pdbx_strand_id                 A 
_entity_poly.pdbx_target_identifier         ? 
# 
loop_
_pdbx_entity_nonpoly.entity_id 
_pdbx_entity_nonpoly.name 
_pdbx_entity_nonpoly.comp_id 
3 'CALCIUM ION'   CA  
4 'PHOSPHATE ION' PO4 
5 water           HOH 
# 
loop_
_entity_poly_seq.entity_id 
_entity_poly_seq.num 
_entity_poly_seq.mon_id 
_entity_poly_seq.hetero 
1 1   MET n 
1 2   ALA n 
1 3   SER n 
1 4   ALA n 
1 5   VAL n 
1 6   GLY n 
1 7   GLU n 
1 8   LYS n 
1 9   MET n 
1 10  LEU n 
1 11  ASP n 
1 12  ASP n 
1 13  PHE n 
1 14  GLU n 
1 15  GLY n 
1 16  VAL n 
1 17  LEU n 
1 18  ASN n 
1 19  TRP n 
1 20  GLY n 
1 21  SER n 
1 22  TYR n 
1 23  SER n 
1 24  GLY n 
1 25  GLU n 
1 26  GLY n 
1 27  ALA n 
1 28  LYS n 
1 29  VAL n 
1 30  SER n 
1 31  THR n 
1 32  LYS n 
1 33  ILE n 
1 34  VAL n 
1 35  SER n 
1 36  GLY n 
1 37  LYS n 
1 38  THR n 
1 39  GLY n 
1 40  ASN n 
1 41  GLY n 
1 42  MET n 
1 43  GLU n 
1 44  VAL n 
1 45  SER n 
1 46  TYR n 
1 47  THR n 
1 48  GLY n 
1 49  THR n 
1 50  THR n 
1 51  ASP n 
1 52  GLY n 
1 53  TYR n 
1 54  TRP n 
1 55  GLY n 
1 56  THR n 
1 57  VAL n 
1 58  TYR n 
1 59  SER n 
1 60  LEU n 
1 61  PRO n 
1 62  ASP n 
1 63  GLY n 
1 64  ASP n 
1 65  TRP n 
1 66  SER n 
1 67  LYS n 
1 68  TRP n 
1 69  LEU n 
1 70  LYS n 
1 71  ILE n 
1 72  SER n 
1 73  PHE n 
1 74  ASP n 
1 75  ILE n 
1 76  LYS n 
1 77  SER n 
1 78  VAL n 
1 79  ASP n 
1 80  GLY n 
1 81  SER n 
1 82  ALA n 
1 83  ASN n 
1 84  GLU n 
1 85  ILE n 
1 86  ARG n 
1 87  PHE n 
1 88  MET n 
1 89  ILE n 
1 90  ALA n 
1 91  GLU n 
1 92  LYS n 
1 93  SER n 
1 94  ILE n 
1 95  ASN n 
1 96  GLY n 
1 97  VAL n 
1 98  GLY n 
1 99  ASP n 
1 100 GLY n 
1 101 GLU n 
1 102 HIS n 
1 103 TRP n 
1 104 VAL n 
1 105 TYR n 
1 106 SER n 
1 107 ILE n 
1 108 THR n 
1 109 PRO n 
1 110 ASP n 
1 111 SER n 
1 112 SER n 
1 113 TRP n 
1 114 LYS n 
1 115 THR n 
1 116 ILE n 
1 117 GLU n 
1 118 ILE n 
1 119 PRO n 
1 120 PHE n 
1 121 SER n 
1 122 SER n 
1 123 PHE n 
1 124 ARG n 
1 125 ARG n 
1 126 ARG n 
1 127 LEU n 
1 128 ASP n 
1 129 TYR n 
1 130 GLN n 
1 131 PRO n 
1 132 PRO n 
1 133 GLY n 
1 134 GLN n 
1 135 ASP n 
1 136 MET n 
1 137 SER n 
1 138 GLY n 
1 139 THR n 
1 140 LEU n 
1 141 ASP n 
1 142 LEU n 
1 143 ASP n 
1 144 ASN n 
1 145 ILE n 
1 146 ASP n 
1 147 SER n 
1 148 ILE n 
1 149 HIS n 
1 150 PHE n 
1 151 MET n 
1 152 TYR n 
1 153 ALA n 
1 154 ASN n 
1 155 ASN n 
1 156 LYS n 
1 157 SER n 
1 158 GLY n 
1 159 LYS n 
1 160 PHE n 
1 161 VAL n 
1 162 VAL n 
1 163 ASP n 
1 164 ASN n 
1 165 ILE n 
1 166 LYS n 
1 167 LEU n 
1 168 ILE n 
1 169 GLY n 
1 170 ALA n 
1 171 LEU n 
1 172 GLU n 
1 173 HIS n 
1 174 HIS n 
1 175 HIS n 
1 176 HIS n 
1 177 HIS n 
1 178 HIS n 
# 
_entity_src_gen.entity_id                          1 
_entity_src_gen.pdbx_src_id                        1 
_entity_src_gen.pdbx_alt_source_flag               sample 
_entity_src_gen.pdbx_seq_type                      'Biological sequence' 
_entity_src_gen.pdbx_beg_seq_num                   1 
_entity_src_gen.pdbx_end_seq_num                   178 
_entity_src_gen.gene_src_common_name               ? 
_entity_src_gen.gene_src_genus                     ? 
_entity_src_gen.pdbx_gene_src_gene                 'celH, Cthe_1472' 
_entity_src_gen.gene_src_species                   ? 
_entity_src_gen.gene_src_strain                    'ATCC 27405 / DSM 1237 / NBRC 103400 / NCIMB 10682 / NRRL B-4536 / VPI 7372' 
_entity_src_gen.gene_src_tissue                    ? 
_entity_src_gen.gene_src_tissue_fraction           ? 
_entity_src_gen.gene_src_details                   ? 
_entity_src_gen.pdbx_gene_src_fragment             ? 
_entity_src_gen.pdbx_gene_src_scientific_name      
'Clostridium thermocellum (strain ATCC 27405 / DSM 1237 / NBRC 103400 / NCIMB 10682 / NRRL B-4536 / VPI 7372)' 
_entity_src_gen.pdbx_gene_src_ncbi_taxonomy_id     203119 
_entity_src_gen.pdbx_gene_src_variant              ? 
_entity_src_gen.pdbx_gene_src_cell_line            ? 
_entity_src_gen.pdbx_gene_src_atcc                 27405 
_entity_src_gen.pdbx_gene_src_organ                ? 
_entity_src_gen.pdbx_gene_src_organelle            ? 
_entity_src_gen.pdbx_gene_src_cell                 ? 
_entity_src_gen.pdbx_gene_src_cellular_location    ? 
_entity_src_gen.host_org_common_name               ? 
_entity_src_gen.pdbx_host_org_scientific_name      'Escherichia coli' 
_entity_src_gen.pdbx_host_org_ncbi_taxonomy_id     562 
_entity_src_gen.host_org_genus                     ? 
_entity_src_gen.pdbx_host_org_gene                 ? 
_entity_src_gen.pdbx_host_org_organ                ? 
_entity_src_gen.host_org_species                   ? 
_entity_src_gen.pdbx_host_org_tissue               ? 
_entity_src_gen.pdbx_host_org_tissue_fraction      ? 
_entity_src_gen.pdbx_host_org_strain               BL21 
_entity_src_gen.pdbx_host_org_variant              ? 
_entity_src_gen.pdbx_host_org_cell_line            ? 
_entity_src_gen.pdbx_host_org_atcc                 ? 
_entity_src_gen.pdbx_host_org_culture_collection   ? 
_entity_src_gen.pdbx_host_org_cell                 ? 
_entity_src_gen.pdbx_host_org_organelle            ? 
_entity_src_gen.pdbx_host_org_cellular_location    ? 
_entity_src_gen.pdbx_host_org_vector_type          pET21a 
_entity_src_gen.pdbx_host_org_vector               ? 
_entity_src_gen.host_org_details                   ? 
_entity_src_gen.expression_system_id               ? 
_entity_src_gen.plasmid_name                       ? 
_entity_src_gen.plasmid_details                    ? 
_entity_src_gen.pdbx_description                   ? 
# 
_pdbx_entity_branch.entity_id   2 
_pdbx_entity_branch.type        oligosaccharide 
# 
loop_
_pdbx_entity_branch_descriptor.ordinal 
_pdbx_entity_branch_descriptor.entity_id 
_pdbx_entity_branch_descriptor.descriptor 
_pdbx_entity_branch_descriptor.type 
_pdbx_entity_branch_descriptor.program 
_pdbx_entity_branch_descriptor.program_version 
1 2 DGlcpb1-4DGlcpb1-3DGlcpb1-4DGlcpb1-4DGlcpb1-3DGlcpb1-ROH                                                        
'Glycam Condensed Sequence' GMML       1.0   
2 2 'WURCS=2.0/1,6,5/[a2122h-1b_1-5]/1-1-1-1-1-1/a3-b1_b4-c1_c4-d1_d3-e1_e4-f1'                                     WURCS 
PDB2Glycan 1.1.0 
3 2 '[][b-D-Glcp]{[(3+1)][b-D-Glcp]{[(4+1)][b-D-Glcp]{[(4+1)][b-D-Glcp]{[(3+1)][b-D-Glcp]{[(4+1)][b-D-Glcp]{}}}}}}' LINUCS 
PDB-CARE   ?     
# 
loop_
_pdbx_entity_branch_link.link_id 
_pdbx_entity_branch_link.entity_id 
_pdbx_entity_branch_link.entity_branch_list_num_1 
_pdbx_entity_branch_link.comp_id_1 
_pdbx_entity_branch_link.atom_id_1 
_pdbx_entity_branch_link.leaving_atom_id_1 
_pdbx_entity_branch_link.entity_branch_list_num_2 
_pdbx_entity_branch_link.comp_id_2 
_pdbx_entity_branch_link.atom_id_2 
_pdbx_entity_branch_link.leaving_atom_id_2 
_pdbx_entity_branch_link.value_order 
_pdbx_entity_branch_link.details 
1 2 2 BGC C1 O1 1 BGC O3 HO3 sing ? 
2 2 3 BGC C1 O1 2 BGC O4 HO4 sing ? 
3 2 4 BGC C1 O1 3 BGC O4 HO4 sing ? 
4 2 5 BGC C1 O1 4 BGC O3 HO3 sing ? 
5 2 6 BGC C1 O1 5 BGC O4 HO4 sing ? 
# 
loop_
_chem_comp.id 
_chem_comp.type 
_chem_comp.mon_nstd_flag 
_chem_comp.name 
_chem_comp.pdbx_synonyms 
_chem_comp.formula 
_chem_comp.formula_weight 
ALA 'L-peptide linking'          y ALANINE              ?                                    'C3 H7 N O2'     89.093  
ARG 'L-peptide linking'          y ARGININE             ?                                    'C6 H15 N4 O2 1' 175.209 
ASN 'L-peptide linking'          y ASPARAGINE           ?                                    'C4 H8 N2 O3'    132.118 
ASP 'L-peptide linking'          y 'ASPARTIC ACID'      ?                                    'C4 H7 N O4'     133.103 
BGC 'D-saccharide, beta linking' . beta-D-glucopyranose 'beta-D-glucose; D-glucose; glucose' 'C6 H12 O6'      180.156 
CA  non-polymer                  . 'CALCIUM ION'        ?                                    'Ca 2'           40.078  
GLN 'L-peptide linking'          y GLUTAMINE            ?                                    'C5 H10 N2 O3'   146.144 
GLU 'L-peptide linking'          y 'GLUTAMIC ACID'      ?                                    'C5 H9 N O4'     147.129 
GLY 'peptide linking'            y GLYCINE              ?                                    'C2 H5 N O2'     75.067  
HIS 'L-peptide linking'          y HISTIDINE            ?                                    'C6 H10 N3 O2 1' 156.162 
HOH non-polymer                  . WATER                ?                                    'H2 O'           18.015  
ILE 'L-peptide linking'          y ISOLEUCINE           ?                                    'C6 H13 N O2'    131.173 
LEU 'L-peptide linking'          y LEUCINE              ?                                    'C6 H13 N O2'    131.173 
LYS 'L-peptide linking'          y LYSINE               ?                                    'C6 H15 N2 O2 1' 147.195 
MET 'L-peptide linking'          y METHIONINE           ?                                    'C5 H11 N O2 S'  149.211 
PHE 'L-peptide linking'          y PHENYLALANINE        ?                                    'C9 H11 N O2'    165.189 
PO4 non-polymer                  . 'PHOSPHATE ION'      ?                                    'O4 P -3'        94.971  
PRO 'L-peptide linking'          y PROLINE              ?                                    'C5 H9 N O2'     115.130 
SER 'L-peptide linking'          y SERINE               ?                                    'C3 H7 N O3'     105.093 
THR 'L-peptide linking'          y THREONINE            ?                                    'C4 H9 N O3'     119.119 
TRP 'L-peptide linking'          y TRYPTOPHAN           ?                                    'C11 H12 N2 O2'  204.225 
TYR 'L-peptide linking'          y TYROSINE             ?                                    'C9 H11 N O3'    181.189 
VAL 'L-peptide linking'          y VALINE               ?                                    'C5 H11 N O2'    117.146 
# 
loop_
_pdbx_chem_comp_identifier.comp_id 
_pdbx_chem_comp_identifier.type 
_pdbx_chem_comp_identifier.program 
_pdbx_chem_comp_identifier.program_version 
_pdbx_chem_comp_identifier.identifier 
BGC 'CONDENSED IUPAC CARBOHYDRATE SYMBOL' GMML     1.0 DGlcpb            
BGC 'COMMON NAME'                         GMML     1.0 b-D-glucopyranose 
BGC 'IUPAC CARBOHYDRATE SYMBOL'           PDB-CARE 1.0 b-D-Glcp          
BGC 'SNFG CARBOHYDRATE SYMBOL'            GMML     1.0 Glc               
# 
loop_
_pdbx_poly_seq_scheme.asym_id 
_pdbx_poly_seq_scheme.entity_id 
_pdbx_poly_seq_scheme.seq_id 
_pdbx_poly_seq_scheme.mon_id 
_pdbx_poly_seq_scheme.ndb_seq_num 
_pdbx_poly_seq_scheme.pdb_seq_num 
_pdbx_poly_seq_scheme.auth_seq_num 
_pdbx_poly_seq_scheme.pdb_mon_id 
_pdbx_poly_seq_scheme.auth_mon_id 
_pdbx_poly_seq_scheme.pdb_strand_id 
_pdbx_poly_seq_scheme.pdb_ins_code 
_pdbx_poly_seq_scheme.hetero 
A 1 1   MET 1   1   ?   ?   ?   A . n 
A 1 2   ALA 2   2   ?   ?   ?   A . n 
A 1 3   SER 3   3   3   SER SER A . n 
A 1 4   ALA 4   4   4   ALA ALA A . n 
A 1 5   VAL 5   5   5   VAL VAL A . n 
A 1 6   GLY 6   6   6   GLY GLY A . n 
A 1 7   GLU 7   7   7   GLU GLU A . n 
A 1 8   LYS 8   8   8   LYS LYS A . n 
A 1 9   MET 9   9   9   MET MET A . n 
A 1 10  LEU 10  10  10  LEU LEU A . n 
A 1 11  ASP 11  11  11  ASP ASP A . n 
A 1 12  ASP 12  12  12  ASP ASP A . n 
A 1 13  PHE 13  13  13  PHE PHE A . n 
A 1 14  GLU 14  14  14  GLU GLU A . n 
A 1 15  GLY 15  15  15  GLY GLY A . n 
A 1 16  VAL 16  16  16  VAL VAL A . n 
A 1 17  LEU 17  17  17  LEU LEU A . n 
A 1 18  ASN 18  18  18  ASN ASN A . n 
A 1 19  TRP 19  19  19  TRP TRP A . n 
A 1 20  GLY 20  20  20  GLY GLY A . n 
A 1 21  SER 21  21  21  SER SER A . n 
A 1 22  TYR 22  22  22  TYR TYR A . n 
A 1 23  SER 23  23  23  SER SER A . n 
A 1 24  GLY 24  24  24  GLY GLY A . n 
A 1 25  GLU 25  25  25  GLU GLU A . n 
A 1 26  GLY 26  26  26  GLY GLY A . n 
A 1 27  ALA 27  27  27  ALA ALA A . n 
A 1 28  LYS 28  28  28  LYS LYS A . n 
A 1 29  VAL 29  29  29  VAL VAL A . n 
A 1 30  SER 30  30  30  SER SER A . n 
A 1 31  THR 31  31  31  THR THR A . n 
A 1 32  LYS 32  32  32  LYS LYS A . n 
A 1 33  ILE 33  33  33  ILE ILE A . n 
A 1 34  VAL 34  34  34  VAL VAL A . n 
A 1 35  SER 35  35  35  SER SER A . n 
A 1 36  GLY 36  36  36  GLY GLY A . n 
A 1 37  LYS 37  37  37  LYS LYS A . n 
A 1 38  THR 38  38  38  THR THR A . n 
A 1 39  GLY 39  39  39  GLY GLY A . n 
A 1 40  ASN 40  40  40  ASN ASN A . n 
A 1 41  GLY 41  41  41  GLY GLY A . n 
A 1 42  MET 42  42  42  MET MET A . n 
A 1 43  GLU 43  43  43  GLU GLU A . n 
A 1 44  VAL 44  44  44  VAL VAL A . n 
A 1 45  SER 45  45  45  SER SER A . n 
A 1 46  TYR 46  46  46  TYR TYR A . n 
A 1 47  THR 47  47  47  THR THR A . n 
A 1 48  GLY 48  48  48  GLY GLY A . n 
A 1 49  THR 49  49  49  THR THR A . n 
A 1 50  THR 50  50  50  THR THR A . n 
A 1 51  ASP 51  51  51  ASP ASP A . n 
A 1 52  GLY 52  52  52  GLY GLY A . n 
A 1 53  TYR 53  53  53  TYR TYR A . n 
A 1 54  TRP 54  54  54  TRP TRP A . n 
A 1 55  GLY 55  55  55  GLY GLY A . n 
A 1 56  THR 56  56  56  THR THR A . n 
A 1 57  VAL 57  57  57  VAL VAL A . n 
A 1 58  TYR 58  58  58  TYR TYR A . n 
A 1 59  SER 59  59  59  SER SER A . n 
A 1 60  LEU 60  60  60  LEU LEU A . n 
A 1 61  PRO 61  61  61  PRO PRO A . n 
A 1 62  ASP 62  62  62  ASP ASP A . n 
A 1 63  GLY 63  63  63  GLY GLY A . n 
A 1 64  ASP 64  64  64  ASP ASP A . n 
A 1 65  TRP 65  65  65  TRP TRP A . n 
A 1 66  SER 66  66  66  SER SER A . n 
A 1 67  LYS 67  67  67  LYS LYS A . n 
A 1 68  TRP 68  68  68  TRP TRP A . n 
A 1 69  LEU 69  69  69  LEU LEU A . n 
A 1 70  LYS 70  70  70  LYS LYS A . n 
A 1 71  ILE 71  71  71  ILE ILE A . n 
A 1 72  SER 72  72  72  SER SER A . n 
A 1 73  PHE 73  73  73  PHE PHE A . n 
A 1 74  ASP 74  74  74  ASP ASP A . n 
A 1 75  ILE 75  75  75  ILE ILE A . n 
A 1 76  LYS 76  76  76  LYS LYS A . n 
A 1 77  SER 77  77  77  SER SER A . n 
A 1 78  VAL 78  78  78  VAL VAL A . n 
A 1 79  ASP 79  79  ?   ?   ?   A . n 
A 1 80  GLY 80  80  80  GLY GLY A . n 
A 1 81  SER 81  81  81  SER SER A . n 
A 1 82  ALA 82  82  82  ALA ALA A . n 
A 1 83  ASN 83  83  83  ASN ASN A . n 
A 1 84  GLU 84  84  84  GLU GLU A . n 
A 1 85  ILE 85  85  85  ILE ILE A . n 
A 1 86  ARG 86  86  86  ARG ARG A . n 
A 1 87  PHE 87  87  87  PHE PHE A . n 
A 1 88  MET 88  88  88  MET MET A . n 
A 1 89  ILE 89  89  89  ILE ILE A . n 
A 1 90  ALA 90  90  90  ALA ALA A . n 
A 1 91  GLU 91  91  91  GLU GLU A . n 
A 1 92  LYS 92  92  92  LYS LYS A . n 
A 1 93  SER 93  93  93  SER SER A . n 
A 1 94  ILE 94  94  94  ILE ILE A . n 
A 1 95  ASN 95  95  95  ASN ASN A . n 
A 1 96  GLY 96  96  96  GLY GLY A . n 
A 1 97  VAL 97  97  97  VAL VAL A . n 
A 1 98  GLY 98  98  98  GLY GLY A . n 
A 1 99  ASP 99  99  99  ASP ASP A . n 
A 1 100 GLY 100 100 100 GLY GLY A . n 
A 1 101 GLU 101 101 101 GLU GLU A . n 
A 1 102 HIS 102 102 102 HIS HIS A . n 
A 1 103 TRP 103 103 103 TRP TRP A . n 
A 1 104 VAL 104 104 104 VAL VAL A . n 
A 1 105 TYR 105 105 105 TYR TYR A . n 
A 1 106 SER 106 106 106 SER SER A . n 
A 1 107 ILE 107 107 107 ILE ILE A . n 
A 1 108 THR 108 108 108 THR THR A . n 
A 1 109 PRO 109 109 109 PRO PRO A . n 
A 1 110 ASP 110 110 110 ASP ASP A . n 
A 1 111 SER 111 111 111 SER SER A . n 
A 1 112 SER 112 112 112 SER SER A . n 
A 1 113 TRP 113 113 113 TRP TRP A . n 
A 1 114 LYS 114 114 114 LYS LYS A . n 
A 1 115 THR 115 115 115 THR THR A . n 
A 1 116 ILE 116 116 116 ILE ILE A . n 
A 1 117 GLU 117 117 117 GLU GLU A . n 
A 1 118 ILE 118 118 118 ILE ILE A . n 
A 1 119 PRO 119 119 119 PRO PRO A . n 
A 1 120 PHE 120 120 120 PHE PHE A . n 
A 1 121 SER 121 121 121 SER SER A . n 
A 1 122 SER 122 122 122 SER SER A . n 
A 1 123 PHE 123 123 123 PHE PHE A . n 
A 1 124 ARG 124 124 124 ARG ARG A . n 
A 1 125 ARG 125 125 125 ARG ARG A . n 
A 1 126 ARG 126 126 126 ARG ARG A . n 
A 1 127 LEU 127 127 127 LEU LEU A . n 
A 1 128 ASP 128 128 128 ASP ASP A . n 
A 1 129 TYR 129 129 129 TYR TYR A . n 
A 1 130 GLN 130 130 130 GLN GLN A . n 
A 1 131 PRO 131 131 131 PRO PRO A . n 
A 1 132 PRO 132 132 132 PRO PRO A . n 
A 1 133 GLY 133 133 133 GLY GLY A . n 
A 1 134 GLN 134 134 134 GLN GLN A . n 
A 1 135 ASP 135 135 135 ASP ASP A . n 
A 1 136 MET 136 136 136 MET MET A . n 
A 1 137 SER 137 137 137 SER SER A . n 
A 1 138 GLY 138 138 138 GLY GLY A . n 
A 1 139 THR 139 139 139 THR THR A . n 
A 1 140 LEU 140 140 140 LEU LEU A . n 
A 1 141 ASP 141 141 141 ASP ASP A . n 
A 1 142 LEU 142 142 142 LEU LEU A . n 
A 1 143 ASP 143 143 143 ASP ASP A . n 
A 1 144 ASN 144 144 144 ASN ASN A . n 
A 1 145 ILE 145 145 145 ILE ILE A . n 
A 1 146 ASP 146 146 146 ASP ASP A . n 
A 1 147 SER 147 147 147 SER SER A . n 
A 1 148 ILE 148 148 148 ILE ILE A . n 
A 1 149 HIS 149 149 149 HIS HIS A . n 
A 1 150 PHE 150 150 150 PHE PHE A . n 
A 1 151 MET 151 151 151 MET MET A . n 
A 1 152 TYR 152 152 152 TYR TYR A . n 
A 1 153 ALA 153 153 153 ALA ALA A . n 
A 1 154 ASN 154 154 154 ASN ASN A . n 
A 1 155 ASN 155 155 155 ASN ASN A . n 
A 1 156 LYS 156 156 156 LYS LYS A . n 
A 1 157 SER 157 157 157 SER SER A . n 
A 1 158 GLY 158 158 158 GLY GLY A . n 
A 1 159 LYS 159 159 159 LYS LYS A . n 
A 1 160 PHE 160 160 160 PHE PHE A . n 
A 1 161 VAL 161 161 161 VAL VAL A . n 
A 1 162 VAL 162 162 162 VAL VAL A . n 
A 1 163 ASP 163 163 163 ASP ASP A . n 
A 1 164 ASN 164 164 164 ASN ASN A . n 
A 1 165 ILE 165 165 165 ILE ILE A . n 
A 1 166 LYS 166 166 166 LYS LYS A . n 
A 1 167 LEU 167 167 167 LEU LEU A . n 
A 1 168 ILE 168 168 168 ILE ILE A . n 
A 1 169 GLY 169 169 169 GLY GLY A . n 
A 1 170 ALA 170 170 170 ALA ALA A . n 
A 1 171 LEU 171 171 171 LEU LEU A . n 
A 1 172 GLU 172 172 172 GLU GLU A . n 
A 1 173 HIS 173 173 173 HIS HIS A . n 
A 1 174 HIS 174 174 ?   ?   ?   A . n 
A 1 175 HIS 175 175 ?   ?   ?   A . n 
A 1 176 HIS 176 176 ?   ?   ?   A . n 
A 1 177 HIS 177 177 ?   ?   ?   A . n 
A 1 178 HIS 178 178 ?   ?   ?   A . n 
# 
loop_
_pdbx_branch_scheme.asym_id 
_pdbx_branch_scheme.entity_id 
_pdbx_branch_scheme.mon_id 
_pdbx_branch_scheme.num 
_pdbx_branch_scheme.pdb_asym_id 
_pdbx_branch_scheme.pdb_mon_id 
_pdbx_branch_scheme.pdb_seq_num 
_pdbx_branch_scheme.auth_asym_id 
_pdbx_branch_scheme.auth_mon_id 
_pdbx_branch_scheme.auth_seq_num 
_pdbx_branch_scheme.hetero 
B 2 BGC 1 B BGC 1 C BGC 1 n 
B 2 BGC 2 B BGC 2 C BGC 2 n 
B 2 BGC 3 B BGC 3 C BGC 3 n 
B 2 BGC 4 B BGC 4 C BGC 4 n 
B 2 BGC 5 B BGC 5 C BGC 5 n 
B 2 BGC 6 B BGC 6 C BGC 6 n 
# 
loop_
_pdbx_nonpoly_scheme.asym_id 
_pdbx_nonpoly_scheme.entity_id 
_pdbx_nonpoly_scheme.mon_id 
_pdbx_nonpoly_scheme.ndb_seq_num 
_pdbx_nonpoly_scheme.pdb_seq_num 
_pdbx_nonpoly_scheme.auth_seq_num 
_pdbx_nonpoly_scheme.pdb_mon_id 
_pdbx_nonpoly_scheme.auth_mon_id 
_pdbx_nonpoly_scheme.pdb_strand_id 
_pdbx_nonpoly_scheme.pdb_ins_code 
C 3 CA  1  207 1  CA  CA  A . 
D 3 CA  1  208 2  CA  CA  A . 
E 4 PO4 1  209 1  PO4 PO4 A . 
F 4 PO4 1  210 2  PO4 PO4 A . 
G 5 HOH 1  301 21 HOH HOH A . 
G 5 HOH 2  302 46 HOH HOH A . 
G 5 HOH 3  303 9  HOH HOH A . 
G 5 HOH 4  304 56 HOH HOH A . 
G 5 HOH 5  305 41 HOH HOH A . 
G 5 HOH 6  306 15 HOH HOH A . 
G 5 HOH 7  307 40 HOH HOH A . 
G 5 HOH 8  308 31 HOH HOH A . 
G 5 HOH 9  309 18 HOH HOH A . 
G 5 HOH 10 310 52 HOH HOH A . 
G 5 HOH 11 311 3  HOH HOH A . 
G 5 HOH 12 312 43 HOH HOH A . 
G 5 HOH 13 313 32 HOH HOH A . 
G 5 HOH 14 314 26 HOH HOH A . 
G 5 HOH 15 315 7  HOH HOH A . 
G 5 HOH 16 316 6  HOH HOH A . 
G 5 HOH 17 317 57 HOH HOH A . 
G 5 HOH 18 318 42 HOH HOH A . 
G 5 HOH 19 319 29 HOH HOH A . 
G 5 HOH 20 320 23 HOH HOH A . 
G 5 HOH 21 321 1  HOH HOH A . 
G 5 HOH 22 322 27 HOH HOH A . 
G 5 HOH 23 323 22 HOH HOH A . 
G 5 HOH 24 324 36 HOH HOH A . 
G 5 HOH 25 325 16 HOH HOH A . 
G 5 HOH 26 326 51 HOH HOH A . 
G 5 HOH 27 327 44 HOH HOH A . 
G 5 HOH 28 328 12 HOH HOH A . 
G 5 HOH 29 329 55 HOH HOH A . 
G 5 HOH 30 330 5  HOH HOH A . 
G 5 HOH 31 331 13 HOH HOH A . 
G 5 HOH 32 332 35 HOH HOH A . 
G 5 HOH 33 333 25 HOH HOH A . 
G 5 HOH 34 334 4  HOH HOH A . 
G 5 HOH 35 335 24 HOH HOH A . 
G 5 HOH 36 336 30 HOH HOH A . 
G 5 HOH 37 337 10 HOH HOH A . 
G 5 HOH 38 338 38 HOH HOH A . 
G 5 HOH 39 339 14 HOH HOH A . 
G 5 HOH 40 340 54 HOH HOH A . 
G 5 HOH 41 341 37 HOH HOH A . 
G 5 HOH 42 342 50 HOH HOH A . 
G 5 HOH 43 343 2  HOH HOH A . 
G 5 HOH 44 344 34 HOH HOH A . 
G 5 HOH 45 345 17 HOH HOH A . 
G 5 HOH 46 346 11 HOH HOH A . 
G 5 HOH 47 347 45 HOH HOH A . 
G 5 HOH 48 348 19 HOH HOH A . 
G 5 HOH 49 349 47 HOH HOH A . 
G 5 HOH 50 350 48 HOH HOH A . 
G 5 HOH 51 351 53 HOH HOH A . 
G 5 HOH 52 352 49 HOH HOH A . 
# 
loop_
_software.citation_id 
_software.classification 
_software.compiler_name 
_software.compiler_version 
_software.contact_author 
_software.contact_author_email 
_software.date 
_software.description 
_software.dependencies 
_software.hardware 
_software.language 
_software.location 
_software.mods 
_software.name 
_software.os 
_software.os_version 
_software.type 
_software.version 
_software.pdbx_ordinal 
? refinement       ? ? ? ? ? ? ? ? ? ? ? REFMAC ? ? ? 5.8.0238 1 
? 'data reduction' ? ? ? ? ? ? ? ? ? ? ? MOSFLM ? ? ? .        2 
? 'data scaling'   ? ? ? ? ? ? ? ? ? ? ? SCALA  ? ? ? .        3 
? phasing          ? ? ? ? ? ? ? ? ? ? ? PHASER ? ? ? .        4 
# 
_cell.angle_alpha                  90.00 
_cell.angle_alpha_esd              ? 
_cell.angle_beta                   90.00 
_cell.angle_beta_esd               ? 
_cell.angle_gamma                  120.00 
_cell.angle_gamma_esd              ? 
_cell.entry_id                     6R31 
_cell.details                      ? 
_cell.formula_units_Z              ? 
_cell.length_a                     104.910 
_cell.length_a_esd                 ? 
_cell.length_b                     104.910 
_cell.length_b_esd                 ? 
_cell.length_c                     39.511 
_cell.length_c_esd                 ? 
_cell.volume                       ? 
_cell.volume_esd                   ? 
_cell.Z_PDB                        9 
_cell.reciprocal_angle_alpha       ? 
_cell.reciprocal_angle_beta        ? 
_cell.reciprocal_angle_gamma       ? 
_cell.reciprocal_angle_alpha_esd   ? 
_cell.reciprocal_angle_beta_esd    ? 
_cell.reciprocal_angle_gamma_esd   ? 
_cell.reciprocal_length_a          ? 
_cell.reciprocal_length_b          ? 
_cell.reciprocal_length_c          ? 
_cell.reciprocal_length_a_esd      ? 
_cell.reciprocal_length_b_esd      ? 
_cell.reciprocal_length_c_esd      ? 
_cell.pdbx_unique_axis             ? 
# 
_symmetry.entry_id                         6R31 
_symmetry.cell_setting                     ? 
_symmetry.Int_Tables_number                146 
_symmetry.space_group_name_Hall            ? 
_symmetry.space_group_name_H-M             'H 3' 
_symmetry.pdbx_full_space_group_name_H-M   ? 
# 
_exptl.absorpt_coefficient_mu     ? 
_exptl.absorpt_correction_T_max   ? 
_exptl.absorpt_correction_T_min   ? 
_exptl.absorpt_correction_type    ? 
_exptl.absorpt_process_details    ? 
_exptl.entry_id                   6R31 
_exptl.crystals_number            1 
_exptl.details                    ? 
_exptl.method                     'X-RAY DIFFRACTION' 
_exptl.method_details             ? 
# 
_exptl_crystal.colour                      ? 
_exptl_crystal.density_diffrn              ? 
_exptl_crystal.density_Matthews            2.1 
_exptl_crystal.density_method              ? 
_exptl_crystal.density_percent_sol         41 
_exptl_crystal.description                 ? 
_exptl_crystal.F_000                       ? 
_exptl_crystal.id                          1 
_exptl_crystal.preparation                 ? 
_exptl_crystal.size_max                    ? 
_exptl_crystal.size_mid                    ? 
_exptl_crystal.size_min                    ? 
_exptl_crystal.size_rad                    ? 
_exptl_crystal.colour_lustre               ? 
_exptl_crystal.colour_modifier             ? 
_exptl_crystal.colour_primary              ? 
_exptl_crystal.density_meas                ? 
_exptl_crystal.density_meas_esd            ? 
_exptl_crystal.density_meas_gt             ? 
_exptl_crystal.density_meas_lt             ? 
_exptl_crystal.density_meas_temp           ? 
_exptl_crystal.density_meas_temp_esd       ? 
_exptl_crystal.density_meas_temp_gt        ? 
_exptl_crystal.density_meas_temp_lt        ? 
_exptl_crystal.pdbx_crystal_image_url      ? 
_exptl_crystal.pdbx_crystal_image_format   ? 
_exptl_crystal.pdbx_mosaicity              ? 
_exptl_crystal.pdbx_mosaicity_esd          ? 
# 
_exptl_crystal_grow.apparatus       ? 
_exptl_crystal_grow.atmosphere      ? 
_exptl_crystal_grow.crystal_id      1 
_exptl_crystal_grow.details         ? 
_exptl_crystal_grow.method          'VAPOR DIFFUSION, HANGING DROP' 
_exptl_crystal_grow.method_ref      ? 
_exptl_crystal_grow.pH              4.6 
_exptl_crystal_grow.pressure        ? 
_exptl_crystal_grow.pressure_esd    ? 
_exptl_crystal_grow.seeding         ? 
_exptl_crystal_grow.seeding_ref     ? 
_exptl_crystal_grow.temp            293.15 
_exptl_crystal_grow.temp_details    ? 
_exptl_crystal_grow.temp_esd        ? 
_exptl_crystal_grow.time            ? 
_exptl_crystal_grow.pdbx_details    
;20-28% (m/v) polyethyleneglycol (PEG)
3350, 0.2 M potassium phosphate, 0.1 M
sodium acetate buffer pH 4.6
;
_exptl_crystal_grow.pdbx_pH_range   ? 
# 
_diffrn.ambient_environment              ? 
_diffrn.ambient_temp                     100 
_diffrn.ambient_temp_details             ? 
_diffrn.ambient_temp_esd                 ? 
_diffrn.crystal_id                       1 
_diffrn.crystal_support                  ? 
_diffrn.crystal_treatment                ? 
_diffrn.details                          ? 
_diffrn.id                               1 
_diffrn.ambient_pressure                 ? 
_diffrn.ambient_pressure_esd             ? 
_diffrn.ambient_pressure_gt              ? 
_diffrn.ambient_pressure_lt              ? 
_diffrn.ambient_temp_gt                  ? 
_diffrn.ambient_temp_lt                  ? 
_diffrn.pdbx_serial_crystal_experiment   N 
# 
_diffrn_detector.details                      ? 
_diffrn_detector.detector                     PIXEL 
_diffrn_detector.diffrn_id                    1 
_diffrn_detector.type                         'DECTRIS PILATUS3 X 2M' 
_diffrn_detector.area_resol_mean              ? 
_diffrn_detector.dtime                        ? 
_diffrn_detector.pdbx_frames_total            ? 
_diffrn_detector.pdbx_collection_time_total   ? 
_diffrn_detector.pdbx_collection_date         2015-03-12 
_diffrn_detector.pdbx_frequency               ? 
# 
_diffrn_radiation.collimation                      ? 
_diffrn_radiation.diffrn_id                        1 
_diffrn_radiation.filter_edge                      ? 
_diffrn_radiation.inhomogeneity                    ? 
_diffrn_radiation.monochromator                    ? 
_diffrn_radiation.polarisn_norm                    ? 
_diffrn_radiation.polarisn_ratio                   ? 
_diffrn_radiation.probe                            ? 
_diffrn_radiation.type                             ? 
_diffrn_radiation.xray_symbol                      ? 
_diffrn_radiation.wavelength_id                    1 
_diffrn_radiation.pdbx_monochromatic_or_laue_m_l   M 
_diffrn_radiation.pdbx_wavelength_list             ? 
_diffrn_radiation.pdbx_wavelength                  ? 
_diffrn_radiation.pdbx_diffrn_protocol             'SINGLE WAVELENGTH' 
_diffrn_radiation.pdbx_analyzer                    ? 
_diffrn_radiation.pdbx_scattering_type             x-ray 
# 
_diffrn_radiation_wavelength.id           1 
_diffrn_radiation_wavelength.wavelength   0.87290 
_diffrn_radiation_wavelength.wt           1.0 
# 
_diffrn_source.current                     ? 
_diffrn_source.details                     ? 
_diffrn_source.diffrn_id                   1 
_diffrn_source.power                       ? 
_diffrn_source.size                        ? 
_diffrn_source.source                      SYNCHROTRON 
_diffrn_source.target                      ? 
_diffrn_source.type                        'ESRF BEAMLINE ID23-2' 
_diffrn_source.voltage                     ? 
_diffrn_source.take-off_angle              ? 
_diffrn_source.pdbx_wavelength_list        0.87290 
_diffrn_source.pdbx_wavelength             ? 
_diffrn_source.pdbx_synchrotron_beamline   ID23-2 
_diffrn_source.pdbx_synchrotron_site       ESRF 
# 
_reflns.B_iso_Wilson_estimate            ? 
_reflns.entry_id                         6R31 
_reflns.data_reduction_details           ? 
_reflns.data_reduction_method            ? 
_reflns.d_resolution_high                2.60 
_reflns.d_resolution_low                 30.28 
_reflns.details                          ? 
_reflns.limit_h_max                      ? 
_reflns.limit_h_min                      ? 
_reflns.limit_k_max                      ? 
_reflns.limit_k_min                      ? 
_reflns.limit_l_max                      ? 
_reflns.limit_l_min                      ? 
_reflns.number_all                       ? 
_reflns.number_obs                       4803 
_reflns.observed_criterion               ? 
_reflns.observed_criterion_F_max         ? 
_reflns.observed_criterion_F_min         ? 
_reflns.observed_criterion_I_max         ? 
_reflns.observed_criterion_I_min         ? 
_reflns.observed_criterion_sigma_F       ? 
_reflns.observed_criterion_sigma_I       2 
_reflns.percent_possible_obs             96.3 
_reflns.R_free_details                   ? 
_reflns.Rmerge_F_all                     ? 
_reflns.Rmerge_F_obs                     ? 
_reflns.Friedel_coverage                 ? 
_reflns.number_gt                        ? 
_reflns.threshold_expression             ? 
_reflns.pdbx_redundancy                  2.5 
_reflns.pdbx_Rmerge_I_obs                0.180 
_reflns.pdbx_Rmerge_I_all                ? 
_reflns.pdbx_Rsym_value                  ? 
_reflns.pdbx_netI_over_av_sigmaI         ? 
_reflns.pdbx_netI_over_sigmaI            3.7 
_reflns.pdbx_res_netI_over_av_sigmaI_2   ? 
_reflns.pdbx_res_netI_over_sigmaI_2      ? 
_reflns.pdbx_chi_squared                 ? 
_reflns.pdbx_scaling_rejects             ? 
_reflns.pdbx_d_res_high_opt              ? 
_reflns.pdbx_d_res_low_opt               ? 
_reflns.pdbx_d_res_opt_method            ? 
_reflns.phase_calculation_details        ? 
_reflns.pdbx_Rrim_I_all                  ? 
_reflns.pdbx_Rpim_I_all                  ? 
_reflns.pdbx_d_opt                       ? 
_reflns.pdbx_number_measured_all         ? 
_reflns.pdbx_diffrn_id                   1 
_reflns.pdbx_ordinal                     1 
_reflns.pdbx_CC_half                     ? 
_reflns.pdbx_R_split                     ? 
# 
_reflns_shell.d_res_high                  2.60 
_reflns_shell.d_res_low                   2.72 
_reflns_shell.meanI_over_sigI_all         ? 
_reflns_shell.meanI_over_sigI_obs         2.0 
_reflns_shell.number_measured_all         ? 
_reflns_shell.number_measured_obs         ? 
_reflns_shell.number_possible             ? 
_reflns_shell.number_unique_all           ? 
_reflns_shell.number_unique_obs           590 
_reflns_shell.percent_possible_all        96.9 
_reflns_shell.percent_possible_obs        ? 
_reflns_shell.Rmerge_F_all                ? 
_reflns_shell.Rmerge_F_obs                ? 
_reflns_shell.Rmerge_I_all                ? 
_reflns_shell.Rmerge_I_obs                0.355 
_reflns_shell.meanI_over_sigI_gt          ? 
_reflns_shell.meanI_over_uI_all           ? 
_reflns_shell.meanI_over_uI_gt            ? 
_reflns_shell.number_measured_gt          ? 
_reflns_shell.number_unique_gt            ? 
_reflns_shell.percent_possible_gt         ? 
_reflns_shell.Rmerge_F_gt                 ? 
_reflns_shell.Rmerge_I_gt                 ? 
_reflns_shell.pdbx_redundancy             2.2 
_reflns_shell.pdbx_Rsym_value             ? 
_reflns_shell.pdbx_chi_squared            ? 
_reflns_shell.pdbx_netI_over_sigmaI_all   ? 
_reflns_shell.pdbx_netI_over_sigmaI_obs   ? 
_reflns_shell.pdbx_Rrim_I_all             ? 
_reflns_shell.pdbx_Rpim_I_all             ? 
_reflns_shell.pdbx_rejects                ? 
_reflns_shell.pdbx_ordinal                1 
_reflns_shell.pdbx_diffrn_id              1 
_reflns_shell.pdbx_CC_half                ? 
_reflns_shell.pdbx_R_split                ? 
# 
_refine.aniso_B[1][1]                            -1.98 
_refine.aniso_B[1][2]                            -0.99 
_refine.aniso_B[1][3]                            0.00 
_refine.aniso_B[2][2]                            -1.98 
_refine.aniso_B[2][3]                            0.00 
_refine.aniso_B[3][3]                            6.43 
_refine.B_iso_max                                ? 
_refine.B_iso_mean                               19.434 
_refine.B_iso_min                                ? 
_refine.correlation_coeff_Fo_to_Fc               0.931 
_refine.correlation_coeff_Fo_to_Fc_free          0.872 
_refine.details                                  ? 
_refine.diff_density_max                         ? 
_refine.diff_density_max_esd                     ? 
_refine.diff_density_min                         ? 
_refine.diff_density_min_esd                     ? 
_refine.diff_density_rms                         ? 
_refine.diff_density_rms_esd                     ? 
_refine.entry_id                                 6R31 
_refine.pdbx_refine_id                           'X-RAY DIFFRACTION' 
_refine.ls_abs_structure_details                 ? 
_refine.ls_abs_structure_Flack                   ? 
_refine.ls_abs_structure_Flack_esd               ? 
_refine.ls_abs_structure_Rogers                  ? 
_refine.ls_abs_structure_Rogers_esd              ? 
_refine.ls_d_res_high                            2.60 
_refine.ls_d_res_low                             29.83 
_refine.ls_extinction_coef                       ? 
_refine.ls_extinction_coef_esd                   ? 
_refine.ls_extinction_expression                 ? 
_refine.ls_extinction_method                     ? 
_refine.ls_goodness_of_fit_all                   ? 
_refine.ls_goodness_of_fit_all_esd               ? 
_refine.ls_goodness_of_fit_obs                   ? 
_refine.ls_goodness_of_fit_obs_esd               ? 
_refine.ls_hydrogen_treatment                    ? 
_refine.ls_matrix_type                           ? 
_refine.ls_number_constraints                    ? 
_refine.ls_number_parameters                     ? 
_refine.ls_number_reflns_all                     ? 
_refine.ls_number_reflns_obs                     4290 
_refine.ls_number_reflns_R_free                  508 
_refine.ls_number_reflns_R_work                  ? 
_refine.ls_number_restraints                     ? 
_refine.ls_percent_reflns_obs                    96.15 
_refine.ls_percent_reflns_R_free                 10.6 
_refine.ls_R_factor_all                          ? 
_refine.ls_R_factor_obs                          0.19705 
_refine.ls_R_factor_R_free                       0.25380 
_refine.ls_R_factor_R_free_error                 ? 
_refine.ls_R_factor_R_free_error_details         ? 
_refine.ls_R_factor_R_work                       0.19013 
_refine.ls_R_Fsqd_factor_obs                     ? 
_refine.ls_R_I_factor_obs                        ? 
_refine.ls_redundancy_reflns_all                 ? 
_refine.ls_redundancy_reflns_obs                 ? 
_refine.ls_restrained_S_all                      ? 
_refine.ls_restrained_S_obs                      ? 
_refine.ls_shift_over_esd_max                    ? 
_refine.ls_shift_over_esd_mean                   ? 
_refine.ls_structure_factor_coef                 ? 
_refine.ls_weighting_details                     ? 
_refine.ls_weighting_scheme                      ? 
_refine.ls_wR_factor_all                         ? 
_refine.ls_wR_factor_obs                         ? 
_refine.ls_wR_factor_R_free                      ? 
_refine.ls_wR_factor_R_work                      ? 
_refine.occupancy_max                            ? 
_refine.occupancy_min                            ? 
_refine.solvent_model_details                    ? 
_refine.solvent_model_param_bsol                 ? 
_refine.solvent_model_param_ksol                 ? 
_refine.ls_R_factor_gt                           ? 
_refine.ls_goodness_of_fit_gt                    ? 
_refine.ls_goodness_of_fit_ref                   ? 
_refine.ls_shift_over_su_max                     ? 
_refine.ls_shift_over_su_max_lt                  ? 
_refine.ls_shift_over_su_mean                    ? 
_refine.ls_shift_over_su_mean_lt                 ? 
_refine.pdbx_ls_sigma_I                          ? 
_refine.pdbx_ls_sigma_F                          ? 
_refine.pdbx_ls_sigma_Fsqd                       ? 
_refine.pdbx_data_cutoff_high_absF               ? 
_refine.pdbx_data_cutoff_high_rms_absF           ? 
_refine.pdbx_data_cutoff_low_absF                ? 
_refine.pdbx_isotropic_thermal_model             ? 
_refine.pdbx_ls_cross_valid_method               THROUGHOUT 
_refine.pdbx_method_to_determine_struct          'MOLECULAR REPLACEMENT' 
_refine.pdbx_starting_model                      ? 
_refine.pdbx_stereochemistry_target_values       ? 
_refine.pdbx_R_Free_selection_details            RANDOM 
_refine.pdbx_stereochem_target_val_spec_case     ? 
_refine.pdbx_overall_ESU_R                       ? 
_refine.pdbx_overall_ESU_R_Free                  0.404 
_refine.pdbx_solvent_vdw_probe_radii             1.20 
_refine.pdbx_solvent_ion_probe_radii             0.80 
_refine.pdbx_solvent_shrinkage_radii             0.80 
_refine.pdbx_real_space_R                        ? 
_refine.pdbx_density_correlation                 ? 
_refine.pdbx_pd_number_of_powder_patterns        ? 
_refine.pdbx_pd_number_of_points                 ? 
_refine.pdbx_pd_meas_number_of_points            ? 
_refine.pdbx_pd_proc_ls_prof_R_factor            ? 
_refine.pdbx_pd_proc_ls_prof_wR_factor           ? 
_refine.pdbx_pd_Marquardt_correlation_coeff      ? 
_refine.pdbx_pd_Fsqrd_R_factor                   ? 
_refine.pdbx_pd_ls_matrix_band_width             ? 
_refine.pdbx_overall_phase_error                 ? 
_refine.pdbx_overall_SU_R_free_Cruickshank_DPI   ? 
_refine.pdbx_overall_SU_R_free_Blow_DPI          ? 
_refine.pdbx_overall_SU_R_Blow_DPI               ? 
_refine.pdbx_TLS_residual_ADP_flag               ? 
_refine.pdbx_diffrn_id                           1 
_refine.overall_SU_B                             16.578 
_refine.overall_SU_ML                            0.351 
_refine.overall_SU_R_Cruickshank_DPI             ? 
_refine.overall_SU_R_free                        ? 
_refine.overall_FOM_free_R_set                   ? 
_refine.overall_FOM_work_R_set                   ? 
_refine.pdbx_average_fsc_overall                 ? 
_refine.pdbx_average_fsc_work                    ? 
_refine.pdbx_average_fsc_free                    ? 
# 
_refine_hist.pdbx_refine_id                   'X-RAY DIFFRACTION' 
_refine_hist.cycle_id                         1 
_refine_hist.details                          ? 
_refine_hist.d_res_high                       2.60 
_refine_hist.d_res_low                        29.83 
_refine_hist.number_atoms_solvent             52 
_refine_hist.number_atoms_total               1455 
_refine_hist.number_reflns_all                ? 
_refine_hist.number_reflns_obs                ? 
_refine_hist.number_reflns_R_free             ? 
_refine_hist.number_reflns_R_work             ? 
_refine_hist.R_factor_all                     ? 
_refine_hist.R_factor_obs                     ? 
_refine_hist.R_factor_R_free                  ? 
_refine_hist.R_factor_R_work                  ? 
_refine_hist.pdbx_number_residues_total       ? 
_refine_hist.pdbx_B_iso_mean_ligand           ? 
_refine_hist.pdbx_B_iso_mean_solvent          ? 
_refine_hist.pdbx_number_atoms_protein        1324 
_refine_hist.pdbx_number_atoms_nucleic_acid   0 
_refine_hist.pdbx_number_atoms_ligand         79 
_refine_hist.pdbx_number_atoms_lipid          ? 
_refine_hist.pdbx_number_atoms_carb           ? 
_refine_hist.pdbx_pseudo_atom_details         ? 
# 
loop_
_refine_ls_restr.pdbx_refine_id 
_refine_ls_restr.criterion 
_refine_ls_restr.dev_ideal 
_refine_ls_restr.dev_ideal_target 
_refine_ls_restr.number 
_refine_ls_restr.rejects 
_refine_ls_restr.type 
_refine_ls_restr.weight 
_refine_ls_restr.pdbx_restraint_function 
'X-RAY DIFFRACTION' ? 0.005  0.012  1436 ? r_bond_refined_d             ? ? 
'X-RAY DIFFRACTION' ? ?      ?      ?    ? r_bond_other_d               ? ? 
'X-RAY DIFFRACTION' ? 1.267  1.697  1952 ? r_angle_refined_deg          ? ? 
'X-RAY DIFFRACTION' ? ?      ?      ?    ? r_angle_other_deg            ? ? 
'X-RAY DIFFRACTION' ? 8.012  5.000  168  ? r_dihedral_angle_1_deg       ? ? 
'X-RAY DIFFRACTION' ? 34.738 23.906 64   ? r_dihedral_angle_2_deg       ? ? 
'X-RAY DIFFRACTION' ? 16.528 15.000 226  ? r_dihedral_angle_3_deg       ? ? 
'X-RAY DIFFRACTION' ? 8.475  15.000 4    ? r_dihedral_angle_4_deg       ? ? 
'X-RAY DIFFRACTION' ? 0.089  0.200  202  ? r_chiral_restr               ? ? 
'X-RAY DIFFRACTION' ? 0.005  0.020  1039 ? r_gen_planes_refined         ? ? 
'X-RAY DIFFRACTION' ? ?      ?      ?    ? r_gen_planes_other           ? ? 
'X-RAY DIFFRACTION' ? ?      ?      ?    ? r_nbd_refined                ? ? 
'X-RAY DIFFRACTION' ? ?      ?      ?    ? r_nbd_other                  ? ? 
'X-RAY DIFFRACTION' ? ?      ?      ?    ? r_nbtor_refined              ? ? 
'X-RAY DIFFRACTION' ? ?      ?      ?    ? r_nbtor_other                ? ? 
'X-RAY DIFFRACTION' ? ?      ?      ?    ? r_xyhbond_nbd_refined        ? ? 
'X-RAY DIFFRACTION' ? ?      ?      ?    ? r_xyhbond_nbd_other          ? ? 
'X-RAY DIFFRACTION' ? ?      ?      ?    ? r_metal_ion_refined          ? ? 
'X-RAY DIFFRACTION' ? ?      ?      ?    ? r_metal_ion_other            ? ? 
'X-RAY DIFFRACTION' ? ?      ?      ?    ? r_symmetry_vdw_refined       ? ? 
'X-RAY DIFFRACTION' ? ?      ?      ?    ? r_symmetry_vdw_other         ? ? 
'X-RAY DIFFRACTION' ? ?      ?      ?    ? r_symmetry_hbond_refined     ? ? 
'X-RAY DIFFRACTION' ? ?      ?      ?    ? r_symmetry_hbond_other       ? ? 
'X-RAY DIFFRACTION' ? ?      ?      ?    ? r_symmetry_metal_ion_refined ? ? 
'X-RAY DIFFRACTION' ? ?      ?      ?    ? r_symmetry_metal_ion_other   ? ? 
'X-RAY DIFFRACTION' ? 0.524  1.877  678  ? r_mcbond_it                  ? ? 
'X-RAY DIFFRACTION' ? ?      ?      ?    ? r_mcbond_other               ? ? 
'X-RAY DIFFRACTION' ? 0.836  2.814  844  ? r_mcangle_it                 ? ? 
'X-RAY DIFFRACTION' ? ?      ?      ?    ? r_mcangle_other              ? ? 
'X-RAY DIFFRACTION' ? 0.583  1.932  758  ? r_scbond_it                  ? ? 
'X-RAY DIFFRACTION' ? ?      ?      ?    ? r_scbond_other               ? ? 
'X-RAY DIFFRACTION' ? ?      ?      ?    ? r_scangle_it                 ? ? 
'X-RAY DIFFRACTION' ? ?      ?      ?    ? r_scangle_other              ? ? 
'X-RAY DIFFRACTION' ? 2.220  25.560 2084 ? r_long_range_B_refined       ? ? 
'X-RAY DIFFRACTION' ? ?      ?      ?    ? r_long_range_B_other         ? ? 
'X-RAY DIFFRACTION' ? ?      ?      ?    ? r_rigid_bond_restr           ? ? 
'X-RAY DIFFRACTION' ? ?      ?      ?    ? r_sphericity_free            ? ? 
'X-RAY DIFFRACTION' ? ?      ?      ?    ? r_sphericity_bonded          ? ? 
# 
_refine_ls_shell.pdbx_refine_id                   'X-RAY DIFFRACTION' 
_refine_ls_shell.d_res_high                       2.601 
_refine_ls_shell.d_res_low                        2.668 
_refine_ls_shell.number_reflns_all                ? 
_refine_ls_shell.number_reflns_obs                ? 
_refine_ls_shell.number_reflns_R_free             35 
_refine_ls_shell.number_reflns_R_work             341 
_refine_ls_shell.percent_reflns_obs               96.91 
_refine_ls_shell.percent_reflns_R_free            ? 
_refine_ls_shell.R_factor_all                     ? 
_refine_ls_shell.R_factor_obs                     ? 
_refine_ls_shell.R_factor_R_free                  0.276 
_refine_ls_shell.R_factor_R_free_error            ? 
_refine_ls_shell.R_factor_R_work                  0.242 
_refine_ls_shell.redundancy_reflns_all            ? 
_refine_ls_shell.redundancy_reflns_obs            ? 
_refine_ls_shell.wR_factor_all                    ? 
_refine_ls_shell.wR_factor_obs                    ? 
_refine_ls_shell.wR_factor_R_free                 ? 
_refine_ls_shell.wR_factor_R_work                 ? 
_refine_ls_shell.pdbx_total_number_of_bins_used   20 
_refine_ls_shell.pdbx_phase_error                 ? 
_refine_ls_shell.pdbx_fsc_work                    ? 
_refine_ls_shell.pdbx_fsc_free                    ? 
# 
_struct.entry_id                     6R31 
_struct.title                        
'Family 11 Carbohydrate-Binding Module from Clostridium thermocellum in complex with beta-1,3-1,4-mixed-linked tetrasaccharide' 
_struct.pdbx_model_details           ? 
_struct.pdbx_formula_weight          ? 
_struct.pdbx_formula_weight_method   ? 
_struct.pdbx_model_type_details      ? 
_struct.pdbx_CASP_flag               N 
# 
_struct_keywords.entry_id        6R31 
_struct_keywords.text            'CtCBM11 beta-1, 3-1, 4-mixed-linked glucan Clostridium thermocellum, SUGAR BINDING PROTEIN' 
_struct_keywords.pdbx_keywords   'SUGAR BINDING PROTEIN' 
# 
loop_
_struct_asym.id 
_struct_asym.pdbx_blank_PDB_chainid_flag 
_struct_asym.pdbx_modified 
_struct_asym.entity_id 
_struct_asym.details 
A N N 1 ? 
B N N 2 ? 
C N N 3 ? 
D N N 3 ? 
E N N 4 ? 
F N N 4 ? 
G N N 5 ? 
# 
_struct_ref.id                         1 
_struct_ref.db_name                    UNP 
_struct_ref.db_code                    GUNH_CLOTH 
_struct_ref.pdbx_db_accession          P16218 
_struct_ref.pdbx_db_isoform            ? 
_struct_ref.entity_id                  1 
_struct_ref.pdbx_seq_one_letter_code   
;AVGEKMLDDFEGVLNWGSYSGEGAKVSTKIVSGKTGNGMEVSYTGTTDGYWGTVYSLPDGDWSKWLKISFDIKSVDGSAN
EIRFMIAEKSINGVGDGEHWVYSITPDSSWKTIEIPFSSFRRRLDYQPPGQDMSGTLDLDNIDSIHFMYANNKSGKFVVD
NIKLIGA
;
_struct_ref.pdbx_align_begin           655 
# 
_struct_ref_seq.align_id                      1 
_struct_ref_seq.ref_id                        1 
_struct_ref_seq.pdbx_PDB_id_code              6R31 
_struct_ref_seq.pdbx_strand_id                A 
_struct_ref_seq.seq_align_beg                 4 
_struct_ref_seq.pdbx_seq_align_beg_ins_code   ? 
_struct_ref_seq.seq_align_end                 170 
_struct_ref_seq.pdbx_seq_align_end_ins_code   ? 
_struct_ref_seq.pdbx_db_accession             P16218 
_struct_ref_seq.db_align_beg                  655 
_struct_ref_seq.pdbx_db_align_beg_ins_code    ? 
_struct_ref_seq.db_align_end                  821 
_struct_ref_seq.pdbx_db_align_end_ins_code    ? 
_struct_ref_seq.pdbx_auth_seq_align_beg       4 
_struct_ref_seq.pdbx_auth_seq_align_end       170 
# 
loop_
_struct_ref_seq_dif.align_id 
_struct_ref_seq_dif.pdbx_pdb_id_code 
_struct_ref_seq_dif.mon_id 
_struct_ref_seq_dif.pdbx_pdb_strand_id 
_struct_ref_seq_dif.seq_num 
_struct_ref_seq_dif.pdbx_pdb_ins_code 
_struct_ref_seq_dif.pdbx_seq_db_name 
_struct_ref_seq_dif.pdbx_seq_db_accession_code 
_struct_ref_seq_dif.db_mon_id 
_struct_ref_seq_dif.pdbx_seq_db_seq_num 
_struct_ref_seq_dif.details 
_struct_ref_seq_dif.pdbx_auth_seq_num 
_struct_ref_seq_dif.pdbx_ordinal 
1 6R31 MET A 1   ? UNP P16218 ? ? 'initiating methionine' 1   1  
1 6R31 ALA A 2   ? UNP P16218 ? ? 'expression tag'        2   2  
1 6R31 SER A 3   ? UNP P16218 ? ? 'expression tag'        3   3  
1 6R31 LEU A 171 ? UNP P16218 ? ? 'expression tag'        171 4  
1 6R31 GLU A 172 ? UNP P16218 ? ? 'expression tag'        172 5  
1 6R31 HIS A 173 ? UNP P16218 ? ? 'expression tag'        173 6  
1 6R31 HIS A 174 ? UNP P16218 ? ? 'expression tag'        174 7  
1 6R31 HIS A 175 ? UNP P16218 ? ? 'expression tag'        175 8  
1 6R31 HIS A 176 ? UNP P16218 ? ? 'expression tag'        176 9  
1 6R31 HIS A 177 ? UNP P16218 ? ? 'expression tag'        177 10 
1 6R31 HIS A 178 ? UNP P16218 ? ? 'expression tag'        178 11 
# 
_pdbx_struct_assembly.id                   1 
_pdbx_struct_assembly.details              software_defined_assembly 
_pdbx_struct_assembly.method_details       PISA 
_pdbx_struct_assembly.oligomeric_details   monomeric 
_pdbx_struct_assembly.oligomeric_count     1 
# 
loop_
_pdbx_struct_assembly_prop.biol_id 
_pdbx_struct_assembly_prop.type 
_pdbx_struct_assembly_prop.value 
_pdbx_struct_assembly_prop.details 
1 'ABSA (A^2)' 2020 ? 
1 MORE         -7   ? 
1 'SSA (A^2)'  8680 ? 
# 
_pdbx_struct_assembly_gen.assembly_id       1 
_pdbx_struct_assembly_gen.oper_expression   1 
_pdbx_struct_assembly_gen.asym_id_list      A,B,C,D,E,F,G 
# 
_pdbx_struct_assembly_auth_evidence.id                     1 
_pdbx_struct_assembly_auth_evidence.assembly_id            1 
_pdbx_struct_assembly_auth_evidence.experimental_support   'isothermal titration calorimetry' 
_pdbx_struct_assembly_auth_evidence.details                ? 
# 
_pdbx_struct_oper_list.id                   1 
_pdbx_struct_oper_list.type                 'identity operation' 
_pdbx_struct_oper_list.name                 1_555 
_pdbx_struct_oper_list.symmetry_operation   x,y,z 
_pdbx_struct_oper_list.matrix[1][1]         1.0000000000 
_pdbx_struct_oper_list.matrix[1][2]         0.0000000000 
_pdbx_struct_oper_list.matrix[1][3]         0.0000000000 
_pdbx_struct_oper_list.vector[1]            0.0000000000 
_pdbx_struct_oper_list.matrix[2][1]         0.0000000000 
_pdbx_struct_oper_list.matrix[2][2]         1.0000000000 
_pdbx_struct_oper_list.matrix[2][3]         0.0000000000 
_pdbx_struct_oper_list.vector[2]            0.0000000000 
_pdbx_struct_oper_list.matrix[3][1]         0.0000000000 
_pdbx_struct_oper_list.matrix[3][2]         0.0000000000 
_pdbx_struct_oper_list.matrix[3][3]         1.0000000000 
_pdbx_struct_oper_list.vector[3]            0.0000000000 
# 
_struct_conf.conf_type_id            HELX_P 
_struct_conf.id                      HELX_P1 
_struct_conf.pdbx_PDB_helix_id       AA1 
_struct_conf.beg_label_comp_id       SER 
_struct_conf.beg_label_asym_id       A 
_struct_conf.beg_label_seq_id        121 
_struct_conf.pdbx_beg_PDB_ins_code   ? 
_struct_conf.end_label_comp_id       PHE 
_struct_conf.end_label_asym_id       A 
_struct_conf.end_label_seq_id        123 
_struct_conf.pdbx_end_PDB_ins_code   ? 
_struct_conf.beg_auth_comp_id        SER 
_struct_conf.beg_auth_asym_id        A 
_struct_conf.beg_auth_seq_id         121 
_struct_conf.end_auth_comp_id        PHE 
_struct_conf.end_auth_asym_id        A 
_struct_conf.end_auth_seq_id         123 
_struct_conf.pdbx_PDB_helix_class    5 
_struct_conf.details                 ? 
_struct_conf.pdbx_PDB_helix_length   3 
# 
_struct_conf_type.id          HELX_P 
_struct_conf_type.criteria    ? 
_struct_conf_type.reference   ? 
# 
loop_
_struct_conn.id 
_struct_conn.conn_type_id 
_struct_conn.pdbx_leaving_atom_flag 
_struct_conn.pdbx_PDB_id 
_struct_conn.ptnr1_label_asym_id 
_struct_conn.ptnr1_label_comp_id 
_struct_conn.ptnr1_label_seq_id 
_struct_conn.ptnr1_label_atom_id 
_struct_conn.pdbx_ptnr1_label_alt_id 
_struct_conn.pdbx_ptnr1_PDB_ins_code 
_struct_conn.pdbx_ptnr1_standard_comp_id 
_struct_conn.ptnr1_symmetry 
_struct_conn.ptnr2_label_asym_id 
_struct_conn.ptnr2_label_comp_id 
_struct_conn.ptnr2_label_seq_id 
_struct_conn.ptnr2_label_atom_id 
_struct_conn.pdbx_ptnr2_label_alt_id 
_struct_conn.pdbx_ptnr2_PDB_ins_code 
_struct_conn.ptnr1_auth_asym_id 
_struct_conn.ptnr1_auth_comp_id 
_struct_conn.ptnr1_auth_seq_id 
_struct_conn.ptnr2_auth_asym_id 
_struct_conn.ptnr2_auth_comp_id 
_struct_conn.ptnr2_auth_seq_id 
_struct_conn.ptnr2_symmetry 
_struct_conn.pdbx_ptnr3_label_atom_id 
_struct_conn.pdbx_ptnr3_label_seq_id 
_struct_conn.pdbx_ptnr3_label_comp_id 
_struct_conn.pdbx_ptnr3_label_asym_id 
_struct_conn.pdbx_ptnr3_label_alt_id 
_struct_conn.pdbx_ptnr3_PDB_ins_code 
_struct_conn.details 
_struct_conn.pdbx_dist_value 
_struct_conn.pdbx_value_order 
_struct_conn.pdbx_role 
covale1  covale both ? B BGC .   O3  ? ? ? 1_555 B BGC . C1 ? ? B BGC 1   B BGC 2   1_555 ? ? ? ? ? ? ? 1.383 ? ? 
covale2  covale both ? B BGC .   O4  ? ? ? 1_555 B BGC . C1 ? ? B BGC 2   B BGC 3   1_555 ? ? ? ? ? ? ? 1.391 ? ? 
covale3  covale both ? B BGC .   O4  ? ? ? 1_555 B BGC . C1 ? ? B BGC 3   B BGC 4   1_555 ? ? ? ? ? ? ? 1.414 ? ? 
covale4  covale both ? B BGC .   O3  ? ? ? 1_555 B BGC . C1 ? ? B BGC 4   B BGC 5   1_555 ? ? ? ? ? ? ? 1.428 ? ? 
covale5  covale both ? B BGC .   O4  ? ? ? 1_555 B BGC . C1 ? ? B BGC 5   B BGC 6   1_555 ? ? ? ? ? ? ? 1.387 ? ? 
metalc1  metalc ?    ? A ASP 12  O   ? ? ? 1_555 C CA  . CA ? ? A ASP 12  A CA  207 1_555 ? ? ? ? ? ? ? 2.374 ? ? 
metalc2  metalc ?    ? A GLU 14  OE2 ? ? ? 1_555 C CA  . CA ? ? A GLU 14  A CA  207 1_555 ? ? ? ? ? ? ? 2.213 ? ? 
metalc3  metalc ?    ? A THR 38  O   ? ? ? 1_555 C CA  . CA ? ? A THR 38  A CA  207 1_555 ? ? ? ? ? ? ? 2.235 ? ? 
metalc4  metalc ?    ? A ASN 40  O   ? ? ? 1_555 C CA  . CA ? ? A ASN 40  A CA  207 1_555 ? ? ? ? ? ? ? 2.621 ? ? 
metalc5  metalc ?    ? A GLU 91  OE1 ? ? ? 1_555 D CA  . CA ? ? A GLU 91  A CA  208 1_555 ? ? ? ? ? ? ? 2.543 ? ? 
metalc6  metalc ?    ? A GLU 91  OE2 ? ? ? 1_555 D CA  . CA ? ? A GLU 91  A CA  208 1_555 ? ? ? ? ? ? ? 2.782 ? ? 
metalc7  metalc ?    ? A GLU 101 OE1 ? ? ? 1_555 D CA  . CA ? ? A GLU 101 A CA  208 1_555 ? ? ? ? ? ? ? 2.249 ? ? 
metalc8  metalc ?    ? A ASP 135 OD1 ? ? ? 1_555 D CA  . CA ? ? A ASP 135 A CA  208 1_555 ? ? ? ? ? ? ? 2.719 ? ? 
metalc9  metalc ?    ? A ASP 135 OD2 ? ? ? 1_555 D CA  . CA ? ? A ASP 135 A CA  208 1_555 ? ? ? ? ? ? ? 2.402 ? ? 
metalc10 metalc ?    ? A SER 137 OG  ? ? ? 1_555 D CA  . CA ? ? A SER 137 A CA  208 1_555 ? ? ? ? ? ? ? 2.253 ? ? 
metalc11 metalc ?    ? A THR 139 O   ? ? ? 1_555 D CA  . CA ? ? A THR 139 A CA  208 1_555 ? ? ? ? ? ? ? 2.411 ? ? 
metalc12 metalc ?    ? A ASP 141 OD2 ? ? ? 1_555 D CA  . CA ? ? A ASP 141 A CA  208 1_555 ? ? ? ? ? ? ? 2.345 ? ? 
metalc13 metalc ?    ? A ASP 163 OD1 ? ? ? 1_555 C CA  . CA ? ? A ASP 163 A CA  207 1_555 ? ? ? ? ? ? ? 2.570 ? ? 
metalc14 metalc ?    ? A ASP 163 OD2 ? ? ? 1_555 C CA  . CA ? ? A ASP 163 A CA  207 1_555 ? ? ? ? ? ? ? 3.045 ? ? 
# 
loop_
_struct_conn_type.id 
_struct_conn_type.criteria 
_struct_conn_type.reference 
covale ? ? 
metalc ? ? 
# 
loop_
_pdbx_struct_conn_angle.id 
_pdbx_struct_conn_angle.ptnr1_label_atom_id 
_pdbx_struct_conn_angle.ptnr1_label_alt_id 
_pdbx_struct_conn_angle.ptnr1_label_asym_id 
_pdbx_struct_conn_angle.ptnr1_label_comp_id 
_pdbx_struct_conn_angle.ptnr1_label_seq_id 
_pdbx_struct_conn_angle.ptnr1_auth_atom_id 
_pdbx_struct_conn_angle.ptnr1_auth_asym_id 
_pdbx_struct_conn_angle.ptnr1_auth_comp_id 
_pdbx_struct_conn_angle.ptnr1_auth_seq_id 
_pdbx_struct_conn_angle.ptnr1_PDB_ins_code 
_pdbx_struct_conn_angle.ptnr1_symmetry 
_pdbx_struct_conn_angle.ptnr2_label_atom_id 
_pdbx_struct_conn_angle.ptnr2_label_alt_id 
_pdbx_struct_conn_angle.ptnr2_label_asym_id 
_pdbx_struct_conn_angle.ptnr2_label_comp_id 
_pdbx_struct_conn_angle.ptnr2_label_seq_id 
_pdbx_struct_conn_angle.ptnr2_auth_atom_id 
_pdbx_struct_conn_angle.ptnr2_auth_asym_id 
_pdbx_struct_conn_angle.ptnr2_auth_comp_id 
_pdbx_struct_conn_angle.ptnr2_auth_seq_id 
_pdbx_struct_conn_angle.ptnr2_PDB_ins_code 
_pdbx_struct_conn_angle.ptnr2_symmetry 
_pdbx_struct_conn_angle.ptnr3_label_atom_id 
_pdbx_struct_conn_angle.ptnr3_label_alt_id 
_pdbx_struct_conn_angle.ptnr3_label_asym_id 
_pdbx_struct_conn_angle.ptnr3_label_comp_id 
_pdbx_struct_conn_angle.ptnr3_label_seq_id 
_pdbx_struct_conn_angle.ptnr3_auth_atom_id 
_pdbx_struct_conn_angle.ptnr3_auth_asym_id 
_pdbx_struct_conn_angle.ptnr3_auth_comp_id 
_pdbx_struct_conn_angle.ptnr3_auth_seq_id 
_pdbx_struct_conn_angle.ptnr3_PDB_ins_code 
_pdbx_struct_conn_angle.ptnr3_symmetry 
_pdbx_struct_conn_angle.value 
_pdbx_struct_conn_angle.value_esd 
1  O   ? A ASP 12  ? A ASP 12  ? 1_555 CA ? C CA . ? A CA 207 ? 1_555 OE2 ? A GLU 14  ? A GLU 14  ? 1_555 83.2  ? 
2  O   ? A ASP 12  ? A ASP 12  ? 1_555 CA ? C CA . ? A CA 207 ? 1_555 O   ? A THR 38  ? A THR 38  ? 1_555 168.0 ? 
3  OE2 ? A GLU 14  ? A GLU 14  ? 1_555 CA ? C CA . ? A CA 207 ? 1_555 O   ? A THR 38  ? A THR 38  ? 1_555 86.2  ? 
4  O   ? A ASP 12  ? A ASP 12  ? 1_555 CA ? C CA . ? A CA 207 ? 1_555 O   ? A ASN 40  ? A ASN 40  ? 1_555 73.7  ? 
5  OE2 ? A GLU 14  ? A GLU 14  ? 1_555 CA ? C CA . ? A CA 207 ? 1_555 O   ? A ASN 40  ? A ASN 40  ? 1_555 85.9  ? 
6  O   ? A THR 38  ? A THR 38  ? 1_555 CA ? C CA . ? A CA 207 ? 1_555 O   ? A ASN 40  ? A ASN 40  ? 1_555 100.0 ? 
7  O   ? A ASP 12  ? A ASP 12  ? 1_555 CA ? C CA . ? A CA 207 ? 1_555 OD1 ? A ASP 163 ? A ASP 163 ? 1_555 74.7  ? 
8  OE2 ? A GLU 14  ? A GLU 14  ? 1_555 CA ? C CA . ? A CA 207 ? 1_555 OD1 ? A ASP 163 ? A ASP 163 ? 1_555 156.5 ? 
9  O   ? A THR 38  ? A THR 38  ? 1_555 CA ? C CA . ? A CA 207 ? 1_555 OD1 ? A ASP 163 ? A ASP 163 ? 1_555 114.8 ? 
10 O   ? A ASN 40  ? A ASN 40  ? 1_555 CA ? C CA . ? A CA 207 ? 1_555 OD1 ? A ASP 163 ? A ASP 163 ? 1_555 80.3  ? 
11 O   ? A ASP 12  ? A ASP 12  ? 1_555 CA ? C CA . ? A CA 207 ? 1_555 OD2 ? A ASP 163 ? A ASP 163 ? 1_555 119.1 ? 
12 OE2 ? A GLU 14  ? A GLU 14  ? 1_555 CA ? C CA . ? A CA 207 ? 1_555 OD2 ? A ASP 163 ? A ASP 163 ? 1_555 152.8 ? 
13 O   ? A THR 38  ? A THR 38  ? 1_555 CA ? C CA . ? A CA 207 ? 1_555 OD2 ? A ASP 163 ? A ASP 163 ? 1_555 69.7  ? 
14 O   ? A ASN 40  ? A ASN 40  ? 1_555 CA ? C CA . ? A CA 207 ? 1_555 OD2 ? A ASP 163 ? A ASP 163 ? 1_555 86.0  ? 
15 OD1 ? A ASP 163 ? A ASP 163 ? 1_555 CA ? C CA . ? A CA 207 ? 1_555 OD2 ? A ASP 163 ? A ASP 163 ? 1_555 45.2  ? 
16 OE1 ? A GLU 91  ? A GLU 91  ? 1_555 CA ? D CA . ? A CA 208 ? 1_555 OE2 ? A GLU 91  ? A GLU 91  ? 1_555 47.8  ? 
17 OE1 ? A GLU 91  ? A GLU 91  ? 1_555 CA ? D CA . ? A CA 208 ? 1_555 OE1 ? A GLU 101 ? A GLU 101 ? 1_555 96.3  ? 
18 OE2 ? A GLU 91  ? A GLU 91  ? 1_555 CA ? D CA . ? A CA 208 ? 1_555 OE1 ? A GLU 101 ? A GLU 101 ? 1_555 92.2  ? 
19 OE1 ? A GLU 91  ? A GLU 91  ? 1_555 CA ? D CA . ? A CA 208 ? 1_555 OD1 ? A ASP 135 ? A ASP 135 ? 1_555 92.6  ? 
20 OE2 ? A GLU 91  ? A GLU 91  ? 1_555 CA ? D CA . ? A CA 208 ? 1_555 OD1 ? A ASP 135 ? A ASP 135 ? 1_555 138.1 ? 
21 OE1 ? A GLU 101 ? A GLU 101 ? 1_555 CA ? D CA . ? A CA 208 ? 1_555 OD1 ? A ASP 135 ? A ASP 135 ? 1_555 76.9  ? 
22 OE1 ? A GLU 91  ? A GLU 91  ? 1_555 CA ? D CA . ? A CA 208 ? 1_555 OD2 ? A ASP 135 ? A ASP 135 ? 1_555 70.4  ? 
23 OE2 ? A GLU 91  ? A GLU 91  ? 1_555 CA ? D CA . ? A CA 208 ? 1_555 OD2 ? A ASP 135 ? A ASP 135 ? 1_555 112.3 ? 
24 OE1 ? A GLU 101 ? A GLU 101 ? 1_555 CA ? D CA . ? A CA 208 ? 1_555 OD2 ? A ASP 135 ? A ASP 135 ? 1_555 123.1 ? 
25 OD1 ? A ASP 135 ? A ASP 135 ? 1_555 CA ? D CA . ? A CA 208 ? 1_555 OD2 ? A ASP 135 ? A ASP 135 ? 1_555 50.1  ? 
26 OE1 ? A GLU 91  ? A GLU 91  ? 1_555 CA ? D CA . ? A CA 208 ? 1_555 OG  ? A SER 137 ? A SER 137 ? 1_555 155.9 ? 
27 OE2 ? A GLU 91  ? A GLU 91  ? 1_555 CA ? D CA . ? A CA 208 ? 1_555 OG  ? A SER 137 ? A SER 137 ? 1_555 147.5 ? 
28 OE1 ? A GLU 101 ? A GLU 101 ? 1_555 CA ? D CA . ? A CA 208 ? 1_555 OG  ? A SER 137 ? A SER 137 ? 1_555 100.1 ? 
29 OD1 ? A ASP 135 ? A ASP 135 ? 1_555 CA ? D CA . ? A CA 208 ? 1_555 OG  ? A SER 137 ? A SER 137 ? 1_555 74.3  ? 
30 OD2 ? A ASP 135 ? A ASP 135 ? 1_555 CA ? D CA . ? A CA 208 ? 1_555 OG  ? A SER 137 ? A SER 137 ? 1_555 85.9  ? 
31 OE1 ? A GLU 91  ? A GLU 91  ? 1_555 CA ? D CA . ? A CA 208 ? 1_555 O   ? A THR 139 ? A THR 139 ? 1_555 118.8 ? 
32 OE2 ? A GLU 91  ? A GLU 91  ? 1_555 CA ? D CA . ? A CA 208 ? 1_555 O   ? A THR 139 ? A THR 139 ? 1_555 71.4  ? 
33 OE1 ? A GLU 101 ? A GLU 101 ? 1_555 CA ? D CA . ? A CA 208 ? 1_555 O   ? A THR 139 ? A THR 139 ? 1_555 76.6  ? 
34 OD1 ? A ASP 135 ? A ASP 135 ? 1_555 CA ? D CA . ? A CA 208 ? 1_555 O   ? A THR 139 ? A THR 139 ? 1_555 140.7 ? 
35 OD2 ? A ASP 135 ? A ASP 135 ? 1_555 CA ? D CA . ? A CA 208 ? 1_555 O   ? A THR 139 ? A THR 139 ? 1_555 158.8 ? 
36 OG  ? A SER 137 ? A SER 137 ? 1_555 CA ? D CA . ? A CA 208 ? 1_555 O   ? A THR 139 ? A THR 139 ? 1_555 82.3  ? 
37 OE1 ? A GLU 91  ? A GLU 91  ? 1_555 CA ? D CA . ? A CA 208 ? 1_555 OD2 ? A ASP 141 ? A ASP 141 ? 1_555 76.1  ? 
38 OE2 ? A GLU 91  ? A GLU 91  ? 1_555 CA ? D CA . ? A CA 208 ? 1_555 OD2 ? A ASP 141 ? A ASP 141 ? 1_555 71.8  ? 
39 OE1 ? A GLU 101 ? A GLU 101 ? 1_555 CA ? D CA . ? A CA 208 ? 1_555 OD2 ? A ASP 141 ? A ASP 141 ? 1_555 163.5 ? 
40 OD1 ? A ASP 135 ? A ASP 135 ? 1_555 CA ? D CA . ? A CA 208 ? 1_555 OD2 ? A ASP 141 ? A ASP 141 ? 1_555 117.5 ? 
41 OD2 ? A ASP 135 ? A ASP 135 ? 1_555 CA ? D CA . ? A CA 208 ? 1_555 OD2 ? A ASP 141 ? A ASP 141 ? 1_555 68.7  ? 
42 OG  ? A SER 137 ? A SER 137 ? 1_555 CA ? D CA . ? A CA 208 ? 1_555 OD2 ? A ASP 141 ? A ASP 141 ? 1_555 91.9  ? 
43 O   ? A THR 139 ? A THR 139 ? 1_555 CA ? D CA . ? A CA 208 ? 1_555 OD2 ? A ASP 141 ? A ASP 141 ? 1_555 94.1  ? 
# 
loop_
_struct_sheet.id 
_struct_sheet.type 
_struct_sheet.number_strands 
_struct_sheet.details 
AA1 ? 4 ? 
AA2 ? 4 ? 
AA3 ? 6 ? 
# 
loop_
_struct_sheet_order.sheet_id 
_struct_sheet_order.range_id_1 
_struct_sheet_order.range_id_2 
_struct_sheet_order.offset 
_struct_sheet_order.sense 
AA1 1 2 ? anti-parallel 
AA1 2 3 ? anti-parallel 
AA1 3 4 ? anti-parallel 
AA2 1 2 ? anti-parallel 
AA2 2 3 ? anti-parallel 
AA2 3 4 ? anti-parallel 
AA3 1 2 ? anti-parallel 
AA3 2 3 ? anti-parallel 
AA3 3 4 ? anti-parallel 
AA3 4 5 ? anti-parallel 
AA3 5 6 ? anti-parallel 
# 
loop_
_struct_sheet_range.sheet_id 
_struct_sheet_range.id 
_struct_sheet_range.beg_label_comp_id 
_struct_sheet_range.beg_label_asym_id 
_struct_sheet_range.beg_label_seq_id 
_struct_sheet_range.pdbx_beg_PDB_ins_code 
_struct_sheet_range.end_label_comp_id 
_struct_sheet_range.end_label_asym_id 
_struct_sheet_range.end_label_seq_id 
_struct_sheet_range.pdbx_end_PDB_ins_code 
_struct_sheet_range.beg_auth_comp_id 
_struct_sheet_range.beg_auth_asym_id 
_struct_sheet_range.beg_auth_seq_id 
_struct_sheet_range.end_auth_comp_id 
_struct_sheet_range.end_auth_asym_id 
_struct_sheet_range.end_auth_seq_id 
AA1 1 GLU A 7   ? ASP A 11  ? GLU A 7   ASP A 11  
AA1 2 SER A 157 ? ILE A 168 ? SER A 157 ILE A 168 
AA1 3 ASN A 40  ? THR A 47  ? ASN A 40  THR A 47  
AA1 4 LYS A 28  ? SER A 35  ? LYS A 28  SER A 35  
AA2 1 GLU A 7   ? ASP A 11  ? GLU A 7   ASP A 11  
AA2 2 SER A 157 ? ILE A 168 ? SER A 157 ILE A 168 
AA2 3 LYS A 70  ? SER A 77  ? LYS A 70  SER A 77  
AA2 4 LYS A 114 ? PRO A 119 ? LYS A 114 PRO A 119 
AA3 1 GLY A 20  ? GLY A 24  ? GLY A 20  GLY A 24  
AA3 2 TYR A 53  ? SER A 59  ? TYR A 53  SER A 59  
AA3 3 ILE A 145 ? TYR A 152 ? ILE A 145 TYR A 152 
AA3 4 ILE A 85  ? LYS A 92  ? ILE A 85  LYS A 92  
AA3 5 ASP A 99  ? ILE A 107 ? ASP A 99  ILE A 107 
AA3 6 ARG A 124 ? ARG A 125 ? ARG A 124 ARG A 125 
# 
loop_
_pdbx_struct_sheet_hbond.sheet_id 
_pdbx_struct_sheet_hbond.range_id_1 
_pdbx_struct_sheet_hbond.range_id_2 
_pdbx_struct_sheet_hbond.range_1_label_atom_id 
_pdbx_struct_sheet_hbond.range_1_label_comp_id 
_pdbx_struct_sheet_hbond.range_1_label_asym_id 
_pdbx_struct_sheet_hbond.range_1_label_seq_id 
_pdbx_struct_sheet_hbond.range_1_PDB_ins_code 
_pdbx_struct_sheet_hbond.range_1_auth_atom_id 
_pdbx_struct_sheet_hbond.range_1_auth_comp_id 
_pdbx_struct_sheet_hbond.range_1_auth_asym_id 
_pdbx_struct_sheet_hbond.range_1_auth_seq_id 
_pdbx_struct_sheet_hbond.range_2_label_atom_id 
_pdbx_struct_sheet_hbond.range_2_label_comp_id 
_pdbx_struct_sheet_hbond.range_2_label_asym_id 
_pdbx_struct_sheet_hbond.range_2_label_seq_id 
_pdbx_struct_sheet_hbond.range_2_PDB_ins_code 
_pdbx_struct_sheet_hbond.range_2_auth_atom_id 
_pdbx_struct_sheet_hbond.range_2_auth_comp_id 
_pdbx_struct_sheet_hbond.range_2_auth_asym_id 
_pdbx_struct_sheet_hbond.range_2_auth_seq_id 
AA1 1 2 N ASP A 11  ? N ASP A 11  O ILE A 165 ? O ILE A 165 
AA1 2 3 O PHE A 160 ? O PHE A 160 N VAL A 44  ? N VAL A 44  
AA1 3 4 O GLY A 41  ? O GLY A 41  N VAL A 34  ? N VAL A 34  
AA2 1 2 N ASP A 11  ? N ASP A 11  O ILE A 165 ? O ILE A 165 
AA2 2 3 O ASP A 163 ? O ASP A 163 N ASP A 74  ? N ASP A 74  
AA2 3 4 N ILE A 71  ? N ILE A 71  O ILE A 118 ? O ILE A 118 
AA3 1 2 N GLY A 20  ? N GLY A 20  O VAL A 57  ? O VAL A 57  
AA3 2 3 N THR A 56  ? N THR A 56  O PHE A 150 ? O PHE A 150 
AA3 3 4 O ASP A 146 ? O ASP A 146 N ALA A 90  ? N ALA A 90  
AA3 4 5 N ILE A 89  ? N ILE A 89  O TRP A 103 ? O TRP A 103 
AA3 5 6 N VAL A 104 ? N VAL A 104 O ARG A 124 ? O ARG A 124 
# 
_pdbx_validate_close_contact.id               1 
_pdbx_validate_close_contact.PDB_model_num    1 
_pdbx_validate_close_contact.auth_atom_id_1   O3 
_pdbx_validate_close_contact.auth_asym_id_1   B 
_pdbx_validate_close_contact.auth_comp_id_1   BGC 
_pdbx_validate_close_contact.auth_seq_id_1    1 
_pdbx_validate_close_contact.PDB_ins_code_1   ? 
_pdbx_validate_close_contact.label_alt_id_1   ? 
_pdbx_validate_close_contact.auth_atom_id_2   O5 
_pdbx_validate_close_contact.auth_asym_id_2   B 
_pdbx_validate_close_contact.auth_comp_id_2   BGC 
_pdbx_validate_close_contact.auth_seq_id_2    2 
_pdbx_validate_close_contact.PDB_ins_code_2   ? 
_pdbx_validate_close_contact.label_alt_id_2   ? 
_pdbx_validate_close_contact.dist             2.15 
# 
loop_
_pdbx_validate_torsion.id 
_pdbx_validate_torsion.PDB_model_num 
_pdbx_validate_torsion.auth_comp_id 
_pdbx_validate_torsion.auth_asym_id 
_pdbx_validate_torsion.auth_seq_id 
_pdbx_validate_torsion.PDB_ins_code 
_pdbx_validate_torsion.label_alt_id 
_pdbx_validate_torsion.phi 
_pdbx_validate_torsion.psi 
1 1 ASP A 99  ? ? -113.23 -169.24 
2 1 ASN A 144 ? ? -149.74 49.71   
# 
_pdbx_distant_solvent_atoms.id                                1 
_pdbx_distant_solvent_atoms.PDB_model_num                     1 
_pdbx_distant_solvent_atoms.auth_atom_id                      O 
_pdbx_distant_solvent_atoms.label_alt_id                      ? 
_pdbx_distant_solvent_atoms.auth_asym_id                      A 
_pdbx_distant_solvent_atoms.auth_comp_id                      HOH 
_pdbx_distant_solvent_atoms.auth_seq_id                       352 
_pdbx_distant_solvent_atoms.PDB_ins_code                      ? 
_pdbx_distant_solvent_atoms.neighbor_macromolecule_distance   6.35 
_pdbx_distant_solvent_atoms.neighbor_ligand_distance          . 
# 
loop_
_pdbx_unobs_or_zero_occ_residues.id 
_pdbx_unobs_or_zero_occ_residues.PDB_model_num 
_pdbx_unobs_or_zero_occ_residues.polymer_flag 
_pdbx_unobs_or_zero_occ_residues.occupancy_flag 
_pdbx_unobs_or_zero_occ_residues.auth_asym_id 
_pdbx_unobs_or_zero_occ_residues.auth_comp_id 
_pdbx_unobs_or_zero_occ_residues.auth_seq_id 
_pdbx_unobs_or_zero_occ_residues.PDB_ins_code 
_pdbx_unobs_or_zero_occ_residues.label_asym_id 
_pdbx_unobs_or_zero_occ_residues.label_comp_id 
_pdbx_unobs_or_zero_occ_residues.label_seq_id 
1 1 Y 1 A MET 1   ? A MET 1   
2 1 Y 1 A ALA 2   ? A ALA 2   
3 1 Y 1 A ASP 79  ? A ASP 79  
4 1 Y 1 A HIS 174 ? A HIS 174 
5 1 Y 1 A HIS 175 ? A HIS 175 
6 1 Y 1 A HIS 176 ? A HIS 176 
7 1 Y 1 A HIS 177 ? A HIS 177 
8 1 Y 1 A HIS 178 ? A HIS 178 
# 
loop_
_chem_comp_atom.comp_id 
_chem_comp_atom.atom_id 
_chem_comp_atom.type_symbol 
_chem_comp_atom.pdbx_aromatic_flag 
_chem_comp_atom.pdbx_stereo_config 
_chem_comp_atom.pdbx_ordinal 
ALA N    N  N N 1   
ALA CA   C  N S 2   
ALA C    C  N N 3   
ALA O    O  N N 4   
ALA CB   C  N N 5   
ALA OXT  O  N N 6   
ALA H    H  N N 7   
ALA H2   H  N N 8   
ALA HA   H  N N 9   
ALA HB1  H  N N 10  
ALA HB2  H  N N 11  
ALA HB3  H  N N 12  
ALA HXT  H  N N 13  
ARG N    N  N N 14  
ARG CA   C  N S 15  
ARG C    C  N N 16  
ARG O    O  N N 17  
ARG CB   C  N N 18  
ARG CG   C  N N 19  
ARG CD   C  N N 20  
ARG NE   N  N N 21  
ARG CZ   C  N N 22  
ARG NH1  N  N N 23  
ARG NH2  N  N N 24  
ARG OXT  O  N N 25  
ARG H    H  N N 26  
ARG H2   H  N N 27  
ARG HA   H  N N 28  
ARG HB2  H  N N 29  
ARG HB3  H  N N 30  
ARG HG2  H  N N 31  
ARG HG3  H  N N 32  
ARG HD2  H  N N 33  
ARG HD3  H  N N 34  
ARG HE   H  N N 35  
ARG HH11 H  N N 36  
ARG HH12 H  N N 37  
ARG HH21 H  N N 38  
ARG HH22 H  N N 39  
ARG HXT  H  N N 40  
ASN N    N  N N 41  
ASN CA   C  N S 42  
ASN C    C  N N 43  
ASN O    O  N N 44  
ASN CB   C  N N 45  
ASN CG   C  N N 46  
ASN OD1  O  N N 47  
ASN ND2  N  N N 48  
ASN OXT  O  N N 49  
ASN H    H  N N 50  
ASN H2   H  N N 51  
ASN HA   H  N N 52  
ASN HB2  H  N N 53  
ASN HB3  H  N N 54  
ASN HD21 H  N N 55  
ASN HD22 H  N N 56  
ASN HXT  H  N N 57  
ASP N    N  N N 58  
ASP CA   C  N S 59  
ASP C    C  N N 60  
ASP O    O  N N 61  
ASP CB   C  N N 62  
ASP CG   C  N N 63  
ASP OD1  O  N N 64  
ASP OD2  O  N N 65  
ASP OXT  O  N N 66  
ASP H    H  N N 67  
ASP H2   H  N N 68  
ASP HA   H  N N 69  
ASP HB2  H  N N 70  
ASP HB3  H  N N 71  
ASP HD2  H  N N 72  
ASP HXT  H  N N 73  
BGC C2   C  N R 74  
BGC C3   C  N S 75  
BGC C4   C  N S 76  
BGC C5   C  N R 77  
BGC C6   C  N N 78  
BGC C1   C  N R 79  
BGC O1   O  N N 80  
BGC O2   O  N N 81  
BGC O3   O  N N 82  
BGC O4   O  N N 83  
BGC O5   O  N N 84  
BGC O6   O  N N 85  
BGC H2   H  N N 86  
BGC H3   H  N N 87  
BGC H4   H  N N 88  
BGC H5   H  N N 89  
BGC H61  H  N N 90  
BGC H62  H  N N 91  
BGC H1   H  N N 92  
BGC HO1  H  N N 93  
BGC HO2  H  N N 94  
BGC HO3  H  N N 95  
BGC HO4  H  N N 96  
BGC HO6  H  N N 97  
CA  CA   CA N N 98  
GLN N    N  N N 99  
GLN CA   C  N S 100 
GLN C    C  N N 101 
GLN O    O  N N 102 
GLN CB   C  N N 103 
GLN CG   C  N N 104 
GLN CD   C  N N 105 
GLN OE1  O  N N 106 
GLN NE2  N  N N 107 
GLN OXT  O  N N 108 
GLN H    H  N N 109 
GLN H2   H  N N 110 
GLN HA   H  N N 111 
GLN HB2  H  N N 112 
GLN HB3  H  N N 113 
GLN HG2  H  N N 114 
GLN HG3  H  N N 115 
GLN HE21 H  N N 116 
GLN HE22 H  N N 117 
GLN HXT  H  N N 118 
GLU N    N  N N 119 
GLU CA   C  N S 120 
GLU C    C  N N 121 
GLU O    O  N N 122 
GLU CB   C  N N 123 
GLU CG   C  N N 124 
GLU CD   C  N N 125 
GLU OE1  O  N N 126 
GLU OE2  O  N N 127 
GLU OXT  O  N N 128 
GLU H    H  N N 129 
GLU H2   H  N N 130 
GLU HA   H  N N 131 
GLU HB2  H  N N 132 
GLU HB3  H  N N 133 
GLU HG2  H  N N 134 
GLU HG3  H  N N 135 
GLU HE2  H  N N 136 
GLU HXT  H  N N 137 
GLY N    N  N N 138 
GLY CA   C  N N 139 
GLY C    C  N N 140 
GLY O    O  N N 141 
GLY OXT  O  N N 142 
GLY H    H  N N 143 
GLY H2   H  N N 144 
GLY HA2  H  N N 145 
GLY HA3  H  N N 146 
GLY HXT  H  N N 147 
HIS N    N  N N 148 
HIS CA   C  N S 149 
HIS C    C  N N 150 
HIS O    O  N N 151 
HIS CB   C  N N 152 
HIS CG   C  Y N 153 
HIS ND1  N  Y N 154 
HIS CD2  C  Y N 155 
HIS CE1  C  Y N 156 
HIS NE2  N  Y N 157 
HIS OXT  O  N N 158 
HIS H    H  N N 159 
HIS H2   H  N N 160 
HIS HA   H  N N 161 
HIS HB2  H  N N 162 
HIS HB3  H  N N 163 
HIS HD1  H  N N 164 
HIS HD2  H  N N 165 
HIS HE1  H  N N 166 
HIS HE2  H  N N 167 
HIS HXT  H  N N 168 
HOH O    O  N N 169 
HOH H1   H  N N 170 
HOH H2   H  N N 171 
ILE N    N  N N 172 
ILE CA   C  N S 173 
ILE C    C  N N 174 
ILE O    O  N N 175 
ILE CB   C  N S 176 
ILE CG1  C  N N 177 
ILE CG2  C  N N 178 
ILE CD1  C  N N 179 
ILE OXT  O  N N 180 
ILE H    H  N N 181 
ILE H2   H  N N 182 
ILE HA   H  N N 183 
ILE HB   H  N N 184 
ILE HG12 H  N N 185 
ILE HG13 H  N N 186 
ILE HG21 H  N N 187 
ILE HG22 H  N N 188 
ILE HG23 H  N N 189 
ILE HD11 H  N N 190 
ILE HD12 H  N N 191 
ILE HD13 H  N N 192 
ILE HXT  H  N N 193 
LEU N    N  N N 194 
LEU CA   C  N S 195 
LEU C    C  N N 196 
LEU O    O  N N 197 
LEU CB   C  N N 198 
LEU CG   C  N N 199 
LEU CD1  C  N N 200 
LEU CD2  C  N N 201 
LEU OXT  O  N N 202 
LEU H    H  N N 203 
LEU H2   H  N N 204 
LEU HA   H  N N 205 
LEU HB2  H  N N 206 
LEU HB3  H  N N 207 
LEU HG   H  N N 208 
LEU HD11 H  N N 209 
LEU HD12 H  N N 210 
LEU HD13 H  N N 211 
LEU HD21 H  N N 212 
LEU HD22 H  N N 213 
LEU HD23 H  N N 214 
LEU HXT  H  N N 215 
LYS N    N  N N 216 
LYS CA   C  N S 217 
LYS C    C  N N 218 
LYS O    O  N N 219 
LYS CB   C  N N 220 
LYS CG   C  N N 221 
LYS CD   C  N N 222 
LYS CE   C  N N 223 
LYS NZ   N  N N 224 
LYS OXT  O  N N 225 
LYS H    H  N N 226 
LYS H2   H  N N 227 
LYS HA   H  N N 228 
LYS HB2  H  N N 229 
LYS HB3  H  N N 230 
LYS HG2  H  N N 231 
LYS HG3  H  N N 232 
LYS HD2  H  N N 233 
LYS HD3  H  N N 234 
LYS HE2  H  N N 235 
LYS HE3  H  N N 236 
LYS HZ1  H  N N 237 
LYS HZ2  H  N N 238 
LYS HZ3  H  N N 239 
LYS HXT  H  N N 240 
MET N    N  N N 241 
MET CA   C  N S 242 
MET C    C  N N 243 
MET O    O  N N 244 
MET CB   C  N N 245 
MET CG   C  N N 246 
MET SD   S  N N 247 
MET CE   C  N N 248 
MET OXT  O  N N 249 
MET H    H  N N 250 
MET H2   H  N N 251 
MET HA   H  N N 252 
MET HB2  H  N N 253 
MET HB3  H  N N 254 
MET HG2  H  N N 255 
MET HG3  H  N N 256 
MET HE1  H  N N 257 
MET HE2  H  N N 258 
MET HE3  H  N N 259 
MET HXT  H  N N 260 
PHE N    N  N N 261 
PHE CA   C  N S 262 
PHE C    C  N N 263 
PHE O    O  N N 264 
PHE CB   C  N N 265 
PHE CG   C  Y N 266 
PHE CD1  C  Y N 267 
PHE CD2  C  Y N 268 
PHE CE1  C  Y N 269 
PHE CE2  C  Y N 270 
PHE CZ   C  Y N 271 
PHE OXT  O  N N 272 
PHE H    H  N N 273 
PHE H2   H  N N 274 
PHE HA   H  N N 275 
PHE HB2  H  N N 276 
PHE HB3  H  N N 277 
PHE HD1  H  N N 278 
PHE HD2  H  N N 279 
PHE HE1  H  N N 280 
PHE HE2  H  N N 281 
PHE HZ   H  N N 282 
PHE HXT  H  N N 283 
PO4 P    P  N N 284 
PO4 O1   O  N N 285 
PO4 O2   O  N N 286 
PO4 O3   O  N N 287 
PO4 O4   O  N N 288 
PRO N    N  N N 289 
PRO CA   C  N S 290 
PRO C    C  N N 291 
PRO O    O  N N 292 
PRO CB   C  N N 293 
PRO CG   C  N N 294 
PRO CD   C  N N 295 
PRO OXT  O  N N 296 
PRO H    H  N N 297 
PRO HA   H  N N 298 
PRO HB2  H  N N 299 
PRO HB3  H  N N 300 
PRO HG2  H  N N 301 
PRO HG3  H  N N 302 
PRO HD2  H  N N 303 
PRO HD3  H  N N 304 
PRO HXT  H  N N 305 
SER N    N  N N 306 
SER CA   C  N S 307 
SER C    C  N N 308 
SER O    O  N N 309 
SER CB   C  N N 310 
SER OG   O  N N 311 
SER OXT  O  N N 312 
SER H    H  N N 313 
SER H2   H  N N 314 
SER HA   H  N N 315 
SER HB2  H  N N 316 
SER HB3  H  N N 317 
SER HG   H  N N 318 
SER HXT  H  N N 319 
THR N    N  N N 320 
THR CA   C  N S 321 
THR C    C  N N 322 
THR O    O  N N 323 
THR CB   C  N R 324 
THR OG1  O  N N 325 
THR CG2  C  N N 326 
THR OXT  O  N N 327 
THR H    H  N N 328 
THR H2   H  N N 329 
THR HA   H  N N 330 
THR HB   H  N N 331 
THR HG1  H  N N 332 
THR HG21 H  N N 333 
THR HG22 H  N N 334 
THR HG23 H  N N 335 
THR HXT  H  N N 336 
TRP N    N  N N 337 
TRP CA   C  N S 338 
TRP C    C  N N 339 
TRP O    O  N N 340 
TRP CB   C  N N 341 
TRP CG   C  Y N 342 
TRP CD1  C  Y N 343 
TRP CD2  C  Y N 344 
TRP NE1  N  Y N 345 
TRP CE2  C  Y N 346 
TRP CE3  C  Y N 347 
TRP CZ2  C  Y N 348 
TRP CZ3  C  Y N 349 
TRP CH2  C  Y N 350 
TRP OXT  O  N N 351 
TRP H    H  N N 352 
TRP H2   H  N N 353 
TRP HA   H  N N 354 
TRP HB2  H  N N 355 
TRP HB3  H  N N 356 
TRP HD1  H  N N 357 
TRP HE1  H  N N 358 
TRP HE3  H  N N 359 
TRP HZ2  H  N N 360 
TRP HZ3  H  N N 361 
TRP HH2  H  N N 362 
TRP HXT  H  N N 363 
TYR N    N  N N 364 
TYR CA   C  N S 365 
TYR C    C  N N 366 
TYR O    O  N N 367 
TYR CB   C  N N 368 
TYR CG   C  Y N 369 
TYR CD1  C  Y N 370 
TYR CD2  C  Y N 371 
TYR CE1  C  Y N 372 
TYR CE2  C  Y N 373 
TYR CZ   C  Y N 374 
TYR OH   O  N N 375 
TYR OXT  O  N N 376 
TYR H    H  N N 377 
TYR H2   H  N N 378 
TYR HA   H  N N 379 
TYR HB2  H  N N 380 
TYR HB3  H  N N 381 
TYR HD1  H  N N 382 
TYR HD2  H  N N 383 
TYR HE1  H  N N 384 
TYR HE2  H  N N 385 
TYR HH   H  N N 386 
TYR HXT  H  N N 387 
VAL N    N  N N 388 
VAL CA   C  N S 389 
VAL C    C  N N 390 
VAL O    O  N N 391 
VAL CB   C  N N 392 
VAL CG1  C  N N 393 
VAL CG2  C  N N 394 
VAL OXT  O  N N 395 
VAL H    H  N N 396 
VAL H2   H  N N 397 
VAL HA   H  N N 398 
VAL HB   H  N N 399 
VAL HG11 H  N N 400 
VAL HG12 H  N N 401 
VAL HG13 H  N N 402 
VAL HG21 H  N N 403 
VAL HG22 H  N N 404 
VAL HG23 H  N N 405 
VAL HXT  H  N N 406 
# 
loop_
_chem_comp_bond.comp_id 
_chem_comp_bond.atom_id_1 
_chem_comp_bond.atom_id_2 
_chem_comp_bond.value_order 
_chem_comp_bond.pdbx_aromatic_flag 
_chem_comp_bond.pdbx_stereo_config 
_chem_comp_bond.pdbx_ordinal 
ALA N   CA   sing N N 1   
ALA N   H    sing N N 2   
ALA N   H2   sing N N 3   
ALA CA  C    sing N N 4   
ALA CA  CB   sing N N 5   
ALA CA  HA   sing N N 6   
ALA C   O    doub N N 7   
ALA C   OXT  sing N N 8   
ALA CB  HB1  sing N N 9   
ALA CB  HB2  sing N N 10  
ALA CB  HB3  sing N N 11  
ALA OXT HXT  sing N N 12  
ARG N   CA   sing N N 13  
ARG N   H    sing N N 14  
ARG N   H2   sing N N 15  
ARG CA  C    sing N N 16  
ARG CA  CB   sing N N 17  
ARG CA  HA   sing N N 18  
ARG C   O    doub N N 19  
ARG C   OXT  sing N N 20  
ARG CB  CG   sing N N 21  
ARG CB  HB2  sing N N 22  
ARG CB  HB3  sing N N 23  
ARG CG  CD   sing N N 24  
ARG CG  HG2  sing N N 25  
ARG CG  HG3  sing N N 26  
ARG CD  NE   sing N N 27  
ARG CD  HD2  sing N N 28  
ARG CD  HD3  sing N N 29  
ARG NE  CZ   sing N N 30  
ARG NE  HE   sing N N 31  
ARG CZ  NH1  sing N N 32  
ARG CZ  NH2  doub N N 33  
ARG NH1 HH11 sing N N 34  
ARG NH1 HH12 sing N N 35  
ARG NH2 HH21 sing N N 36  
ARG NH2 HH22 sing N N 37  
ARG OXT HXT  sing N N 38  
ASN N   CA   sing N N 39  
ASN N   H    sing N N 40  
ASN N   H2   sing N N 41  
ASN CA  C    sing N N 42  
ASN CA  CB   sing N N 43  
ASN CA  HA   sing N N 44  
ASN C   O    doub N N 45  
ASN C   OXT  sing N N 46  
ASN CB  CG   sing N N 47  
ASN CB  HB2  sing N N 48  
ASN CB  HB3  sing N N 49  
ASN CG  OD1  doub N N 50  
ASN CG  ND2  sing N N 51  
ASN ND2 HD21 sing N N 52  
ASN ND2 HD22 sing N N 53  
ASN OXT HXT  sing N N 54  
ASP N   CA   sing N N 55  
ASP N   H    sing N N 56  
ASP N   H2   sing N N 57  
ASP CA  C    sing N N 58  
ASP CA  CB   sing N N 59  
ASP CA  HA   sing N N 60  
ASP C   O    doub N N 61  
ASP C   OXT  sing N N 62  
ASP CB  CG   sing N N 63  
ASP CB  HB2  sing N N 64  
ASP CB  HB3  sing N N 65  
ASP CG  OD1  doub N N 66  
ASP CG  OD2  sing N N 67  
ASP OD2 HD2  sing N N 68  
ASP OXT HXT  sing N N 69  
BGC C2  C3   sing N N 70  
BGC C2  C1   sing N N 71  
BGC C2  O2   sing N N 72  
BGC C2  H2   sing N N 73  
BGC C3  C4   sing N N 74  
BGC C3  O3   sing N N 75  
BGC C3  H3   sing N N 76  
BGC C4  C5   sing N N 77  
BGC C4  O4   sing N N 78  
BGC C4  H4   sing N N 79  
BGC C5  C6   sing N N 80  
BGC C5  O5   sing N N 81  
BGC C5  H5   sing N N 82  
BGC C6  O6   sing N N 83  
BGC C6  H61  sing N N 84  
BGC C6  H62  sing N N 85  
BGC C1  O1   sing N N 86  
BGC C1  O5   sing N N 87  
BGC C1  H1   sing N N 88  
BGC O1  HO1  sing N N 89  
BGC O2  HO2  sing N N 90  
BGC O3  HO3  sing N N 91  
BGC O4  HO4  sing N N 92  
BGC O6  HO6  sing N N 93  
GLN N   CA   sing N N 94  
GLN N   H    sing N N 95  
GLN N   H2   sing N N 96  
GLN CA  C    sing N N 97  
GLN CA  CB   sing N N 98  
GLN CA  HA   sing N N 99  
GLN C   O    doub N N 100 
GLN C   OXT  sing N N 101 
GLN CB  CG   sing N N 102 
GLN CB  HB2  sing N N 103 
GLN CB  HB3  sing N N 104 
GLN CG  CD   sing N N 105 
GLN CG  HG2  sing N N 106 
GLN CG  HG3  sing N N 107 
GLN CD  OE1  doub N N 108 
GLN CD  NE2  sing N N 109 
GLN NE2 HE21 sing N N 110 
GLN NE2 HE22 sing N N 111 
GLN OXT HXT  sing N N 112 
GLU N   CA   sing N N 113 
GLU N   H    sing N N 114 
GLU N   H2   sing N N 115 
GLU CA  C    sing N N 116 
GLU CA  CB   sing N N 117 
GLU CA  HA   sing N N 118 
GLU C   O    doub N N 119 
GLU C   OXT  sing N N 120 
GLU CB  CG   sing N N 121 
GLU CB  HB2  sing N N 122 
GLU CB  HB3  sing N N 123 
GLU CG  CD   sing N N 124 
GLU CG  HG2  sing N N 125 
GLU CG  HG3  sing N N 126 
GLU CD  OE1  doub N N 127 
GLU CD  OE2  sing N N 128 
GLU OE2 HE2  sing N N 129 
GLU OXT HXT  sing N N 130 
GLY N   CA   sing N N 131 
GLY N   H    sing N N 132 
GLY N   H2   sing N N 133 
GLY CA  C    sing N N 134 
GLY CA  HA2  sing N N 135 
GLY CA  HA3  sing N N 136 
GLY C   O    doub N N 137 
GLY C   OXT  sing N N 138 
GLY OXT HXT  sing N N 139 
HIS N   CA   sing N N 140 
HIS N   H    sing N N 141 
HIS N   H2   sing N N 142 
HIS CA  C    sing N N 143 
HIS CA  CB   sing N N 144 
HIS CA  HA   sing N N 145 
HIS C   O    doub N N 146 
HIS C   OXT  sing N N 147 
HIS CB  CG   sing N N 148 
HIS CB  HB2  sing N N 149 
HIS CB  HB3  sing N N 150 
HIS CG  ND1  sing Y N 151 
HIS CG  CD2  doub Y N 152 
HIS ND1 CE1  doub Y N 153 
HIS ND1 HD1  sing N N 154 
HIS CD2 NE2  sing Y N 155 
HIS CD2 HD2  sing N N 156 
HIS CE1 NE2  sing Y N 157 
HIS CE1 HE1  sing N N 158 
HIS NE2 HE2  sing N N 159 
HIS OXT HXT  sing N N 160 
HOH O   H1   sing N N 161 
HOH O   H2   sing N N 162 
ILE N   CA   sing N N 163 
ILE N   H    sing N N 164 
ILE N   H2   sing N N 165 
ILE CA  C    sing N N 166 
ILE CA  CB   sing N N 167 
ILE CA  HA   sing N N 168 
ILE C   O    doub N N 169 
ILE C   OXT  sing N N 170 
ILE CB  CG1  sing N N 171 
ILE CB  CG2  sing N N 172 
ILE CB  HB   sing N N 173 
ILE CG1 CD1  sing N N 174 
ILE CG1 HG12 sing N N 175 
ILE CG1 HG13 sing N N 176 
ILE CG2 HG21 sing N N 177 
ILE CG2 HG22 sing N N 178 
ILE CG2 HG23 sing N N 179 
ILE CD1 HD11 sing N N 180 
ILE CD1 HD12 sing N N 181 
ILE CD1 HD13 sing N N 182 
ILE OXT HXT  sing N N 183 
LEU N   CA   sing N N 184 
LEU N   H    sing N N 185 
LEU N   H2   sing N N 186 
LEU CA  C    sing N N 187 
LEU CA  CB   sing N N 188 
LEU CA  HA   sing N N 189 
LEU C   O    doub N N 190 
LEU C   OXT  sing N N 191 
LEU CB  CG   sing N N 192 
LEU CB  HB2  sing N N 193 
LEU CB  HB3  sing N N 194 
LEU CG  CD1  sing N N 195 
LEU CG  CD2  sing N N 196 
LEU CG  HG   sing N N 197 
LEU CD1 HD11 sing N N 198 
LEU CD1 HD12 sing N N 199 
LEU CD1 HD13 sing N N 200 
LEU CD2 HD21 sing N N 201 
LEU CD2 HD22 sing N N 202 
LEU CD2 HD23 sing N N 203 
LEU OXT HXT  sing N N 204 
LYS N   CA   sing N N 205 
LYS N   H    sing N N 206 
LYS N   H2   sing N N 207 
LYS CA  C    sing N N 208 
LYS CA  CB   sing N N 209 
LYS CA  HA   sing N N 210 
LYS C   O    doub N N 211 
LYS C   OXT  sing N N 212 
LYS CB  CG   sing N N 213 
LYS CB  HB2  sing N N 214 
LYS CB  HB3  sing N N 215 
LYS CG  CD   sing N N 216 
LYS CG  HG2  sing N N 217 
LYS CG  HG3  sing N N 218 
LYS CD  CE   sing N N 219 
LYS CD  HD2  sing N N 220 
LYS CD  HD3  sing N N 221 
LYS CE  NZ   sing N N 222 
LYS CE  HE2  sing N N 223 
LYS CE  HE3  sing N N 224 
LYS NZ  HZ1  sing N N 225 
LYS NZ  HZ2  sing N N 226 
LYS NZ  HZ3  sing N N 227 
LYS OXT HXT  sing N N 228 
MET N   CA   sing N N 229 
MET N   H    sing N N 230 
MET N   H2   sing N N 231 
MET CA  C    sing N N 232 
MET CA  CB   sing N N 233 
MET CA  HA   sing N N 234 
MET C   O    doub N N 235 
MET C   OXT  sing N N 236 
MET CB  CG   sing N N 237 
MET CB  HB2  sing N N 238 
MET CB  HB3  sing N N 239 
MET CG  SD   sing N N 240 
MET CG  HG2  sing N N 241 
MET CG  HG3  sing N N 242 
MET SD  CE   sing N N 243 
MET CE  HE1  sing N N 244 
MET CE  HE2  sing N N 245 
MET CE  HE3  sing N N 246 
MET OXT HXT  sing N N 247 
PHE N   CA   sing N N 248 
PHE N   H    sing N N 249 
PHE N   H2   sing N N 250 
PHE CA  C    sing N N 251 
PHE CA  CB   sing N N 252 
PHE CA  HA   sing N N 253 
PHE C   O    doub N N 254 
PHE C   OXT  sing N N 255 
PHE CB  CG   sing N N 256 
PHE CB  HB2  sing N N 257 
PHE CB  HB3  sing N N 258 
PHE CG  CD1  doub Y N 259 
PHE CG  CD2  sing Y N 260 
PHE CD1 CE1  sing Y N 261 
PHE CD1 HD1  sing N N 262 
PHE CD2 CE2  doub Y N 263 
PHE CD2 HD2  sing N N 264 
PHE CE1 CZ   doub Y N 265 
PHE CE1 HE1  sing N N 266 
PHE CE2 CZ   sing Y N 267 
PHE CE2 HE2  sing N N 268 
PHE CZ  HZ   sing N N 269 
PHE OXT HXT  sing N N 270 
PO4 P   O1   doub N N 271 
PO4 P   O2   sing N N 272 
PO4 P   O3   sing N N 273 
PO4 P   O4   sing N N 274 
PRO N   CA   sing N N 275 
PRO N   CD   sing N N 276 
PRO N   H    sing N N 277 
PRO CA  C    sing N N 278 
PRO CA  CB   sing N N 279 
PRO CA  HA   sing N N 280 
PRO C   O    doub N N 281 
PRO C   OXT  sing N N 282 
PRO CB  CG   sing N N 283 
PRO CB  HB2  sing N N 284 
PRO CB  HB3  sing N N 285 
PRO CG  CD   sing N N 286 
PRO CG  HG2  sing N N 287 
PRO CG  HG3  sing N N 288 
PRO CD  HD2  sing N N 289 
PRO CD  HD3  sing N N 290 
PRO OXT HXT  sing N N 291 
SER N   CA   sing N N 292 
SER N   H    sing N N 293 
SER N   H2   sing N N 294 
SER CA  C    sing N N 295 
SER CA  CB   sing N N 296 
SER CA  HA   sing N N 297 
SER C   O    doub N N 298 
SER C   OXT  sing N N 299 
SER CB  OG   sing N N 300 
SER CB  HB2  sing N N 301 
SER CB  HB3  sing N N 302 
SER OG  HG   sing N N 303 
SER OXT HXT  sing N N 304 
THR N   CA   sing N N 305 
THR N   H    sing N N 306 
THR N   H2   sing N N 307 
THR CA  C    sing N N 308 
THR CA  CB   sing N N 309 
THR CA  HA   sing N N 310 
THR C   O    doub N N 311 
THR C   OXT  sing N N 312 
THR CB  OG1  sing N N 313 
THR CB  CG2  sing N N 314 
THR CB  HB   sing N N 315 
THR OG1 HG1  sing N N 316 
THR CG2 HG21 sing N N 317 
THR CG2 HG22 sing N N 318 
THR CG2 HG23 sing N N 319 
THR OXT HXT  sing N N 320 
TRP N   CA   sing N N 321 
TRP N   H    sing N N 322 
TRP N   H2   sing N N 323 
TRP CA  C    sing N N 324 
TRP CA  CB   sing N N 325 
TRP CA  HA   sing N N 326 
TRP C   O    doub N N 327 
TRP C   OXT  sing N N 328 
TRP CB  CG   sing N N 329 
TRP CB  HB2  sing N N 330 
TRP CB  HB3  sing N N 331 
TRP CG  CD1  doub Y N 332 
TRP CG  CD2  sing Y N 333 
TRP CD1 NE1  sing Y N 334 
TRP CD1 HD1  sing N N 335 
TRP CD2 CE2  doub Y N 336 
TRP CD2 CE3  sing Y N 337 
TRP NE1 CE2  sing Y N 338 
TRP NE1 HE1  sing N N 339 
TRP CE2 CZ2  sing Y N 340 
TRP CE3 CZ3  doub Y N 341 
TRP CE3 HE3  sing N N 342 
TRP CZ2 CH2  doub Y N 343 
TRP CZ2 HZ2  sing N N 344 
TRP CZ3 CH2  sing Y N 345 
TRP CZ3 HZ3  sing N N 346 
TRP CH2 HH2  sing N N 347 
TRP OXT HXT  sing N N 348 
TYR N   CA   sing N N 349 
TYR N   H    sing N N 350 
TYR N   H2   sing N N 351 
TYR CA  C    sing N N 352 
TYR CA  CB   sing N N 353 
TYR CA  HA   sing N N 354 
TYR C   O    doub N N 355 
TYR C   OXT  sing N N 356 
TYR CB  CG   sing N N 357 
TYR CB  HB2  sing N N 358 
TYR CB  HB3  sing N N 359 
TYR CG  CD1  doub Y N 360 
TYR CG  CD2  sing Y N 361 
TYR CD1 CE1  sing Y N 362 
TYR CD1 HD1  sing N N 363 
TYR CD2 CE2  doub Y N 364 
TYR CD2 HD2  sing N N 365 
TYR CE1 CZ   doub Y N 366 
TYR CE1 HE1  sing N N 367 
TYR CE2 CZ   sing Y N 368 
TYR CE2 HE2  sing N N 369 
TYR CZ  OH   sing N N 370 
TYR OH  HH   sing N N 371 
TYR OXT HXT  sing N N 372 
VAL N   CA   sing N N 373 
VAL N   H    sing N N 374 
VAL N   H2   sing N N 375 
VAL CA  C    sing N N 376 
VAL CA  CB   sing N N 377 
VAL CA  HA   sing N N 378 
VAL C   O    doub N N 379 
VAL C   OXT  sing N N 380 
VAL CB  CG1  sing N N 381 
VAL CB  CG2  sing N N 382 
VAL CB  HB   sing N N 383 
VAL CG1 HG11 sing N N 384 
VAL CG1 HG12 sing N N 385 
VAL CG1 HG13 sing N N 386 
VAL CG2 HG21 sing N N 387 
VAL CG2 HG22 sing N N 388 
VAL CG2 HG23 sing N N 389 
VAL OXT HXT  sing N N 390 
# 
loop_
_pdbx_audit_support.funding_organization 
_pdbx_audit_support.country 
_pdbx_audit_support.grant_number 
_pdbx_audit_support.ordinal 
'Foundation for Science and Technology' Portugal SFRH/BD/100569/2014    1 
'Foundation for Science and Technology' Portugal PTDC/BBB-BEP/0869/2014 2 
'Foundation for Science and Technology' Portugal EXPL/IF/01621/2013     3 
# 
loop_
_pdbx_entity_branch_list.entity_id 
_pdbx_entity_branch_list.comp_id 
_pdbx_entity_branch_list.num 
_pdbx_entity_branch_list.hetero 
2 BGC 1 n 
2 BGC 2 n 
2 BGC 3 n 
2 BGC 4 n 
2 BGC 5 n 
2 BGC 6 n 
# 
_pdbx_entity_instance_feature.ordinal        1 
_pdbx_entity_instance_feature.comp_id        BGC 
_pdbx_entity_instance_feature.asym_id        ? 
_pdbx_entity_instance_feature.seq_num        ? 
_pdbx_entity_instance_feature.auth_comp_id   BGC 
_pdbx_entity_instance_feature.auth_asym_id   ? 
_pdbx_entity_instance_feature.auth_seq_num   ? 
_pdbx_entity_instance_feature.feature_type   'SUBJECT OF INVESTIGATION' 
_pdbx_entity_instance_feature.details        ? 
# 
_atom_sites.entry_id                    6R31 
_atom_sites.fract_transf_matrix[1][1]   -0.01028004 
_atom_sites.fract_transf_matrix[1][2]   0.00215677 
_atom_sites.fract_transf_matrix[1][3]   0.00328805 
_atom_sites.fract_transf_matrix[2][1]   -0.00758827 
_atom_sites.fract_transf_matrix[2][2]   0.00310890 
_atom_sites.fract_transf_matrix[2][3]   -0.00734214 
_atom_sites.fract_transf_matrix[3][1]   -0.00628572 
_atom_sites.fract_transf_matrix[3][2]   -0.02422573 
_atom_sites.fract_transf_matrix[3][3]   -0.00376154 
_atom_sites.fract_transf_vector[1]      -0.098781 
_atom_sites.fract_transf_vector[2]      -0.218425 
_atom_sites.fract_transf_vector[3]      -0.059451 
# 
loop_
_atom_type.symbol 
C  
CA 
N  
O  
P  
S  
# 
loop_
_atom_site.group_PDB 
_atom_site.id 
_atom_site.type_symbol 
_atom_site.label_atom_id 
_atom_site.label_alt_id 
_atom_site.label_comp_id 
_atom_site.label_asym_id 
_atom_site.label_entity_id 
_atom_site.label_seq_id 
_atom_site.pdbx_PDB_ins_code 
_atom_site.Cartn_x 
_atom_site.Cartn_y 
_atom_site.Cartn_z 
_atom_site.occupancy 
_atom_site.B_iso_or_equiv 
_atom_site.pdbx_formal_charge 
_atom_site.auth_seq_id 
_atom_site.auth_comp_id 
_atom_site.auth_asym_id 
_atom_site.auth_atom_id 
_atom_site.pdbx_PDB_model_num 
ATOM   1    N  N   . SER A 1 3   ? 20.101  -5.073  -11.295 1.00 20.79 ? 3   SER A N   1 
ATOM   2    C  CA  . SER A 1 3   ? 19.195  -4.174  -10.528 1.00 20.75 ? 3   SER A CA  1 
ATOM   3    C  C   . SER A 1 3   ? 19.721  -2.743  -10.612 1.00 20.78 ? 3   SER A C   1 
ATOM   4    O  O   . SER A 1 3   ? 20.869  -2.541  -10.997 1.00 21.49 ? 3   SER A O   1 
ATOM   5    C  CB  . SER A 1 3   ? 19.067  -4.651  -9.087  1.00 21.06 ? 3   SER A CB  1 
ATOM   6    O  OG  . SER A 1 3   ? 17.911  -5.473  -8.907  1.00 20.94 ? 3   SER A OG  1 
ATOM   7    N  N   . ALA A 1 4   ? 18.872  -1.763  -10.273 1.00 20.35 ? 4   ALA A N   1 
ATOM   8    C  CA  . ALA A 1 4   ? 19.281  -0.388  -10.022 1.00 19.50 ? 4   ALA A CA  1 
ATOM   9    C  C   . ALA A 1 4   ? 19.906  -0.283  -8.634  1.00 19.49 ? 4   ALA A C   1 
ATOM   10   O  O   . ALA A 1 4   ? 19.633  -1.098  -7.762  1.00 20.45 ? 4   ALA A O   1 
ATOM   11   C  CB  . ALA A 1 4   ? 18.074  0.513   -10.113 1.00 19.98 ? 4   ALA A CB  1 
ATOM   12   N  N   . VAL A 1 5   ? 20.717  0.756   -8.430  1.00 19.53 ? 5   VAL A N   1 
ATOM   13   C  CA  . VAL A 1 5   ? 21.347  1.027   -7.149  1.00 19.61 ? 5   VAL A CA  1 
ATOM   14   C  C   . VAL A 1 5   ? 20.670  2.241   -6.518  1.00 19.90 ? 5   VAL A C   1 
ATOM   15   O  O   . VAL A 1 5   ? 20.624  3.304   -7.133  1.00 20.94 ? 5   VAL A O   1 
ATOM   16   C  CB  . VAL A 1 5   ? 22.859  1.266   -7.346  1.00 20.20 ? 5   VAL A CB  1 
ATOM   17   C  CG1 . VAL A 1 5   ? 23.514  1.957   -6.151  1.00 19.32 ? 5   VAL A CG1 1 
ATOM   18   C  CG2 . VAL A 1 5   ? 23.591  -0.024  -7.709  1.00 20.07 ? 5   VAL A CG2 1 
ATOM   19   N  N   . GLY A 1 6   ? 20.148  2.084   -5.297  1.00 18.95 ? 6   GLY A N   1 
ATOM   20   C  CA  . GLY A 1 6   ? 19.728  3.242   -4.525  1.00 19.30 ? 6   GLY A CA  1 
ATOM   21   C  C   . GLY A 1 6   ? 18.236  3.222   -4.211  1.00 20.23 ? 6   GLY A C   1 
ATOM   22   O  O   . GLY A 1 6   ? 17.733  2.236   -3.660  1.00 20.69 ? 6   GLY A O   1 
ATOM   23   N  N   . GLU A 1 7   ? 17.546  4.313   -4.587  1.00 20.04 ? 7   GLU A N   1 
ATOM   24   C  CA  . GLU A 1 7   ? 16.138  4.488   -4.270  1.00 20.45 ? 7   GLU A CA  1 
ATOM   25   C  C   . GLU A 1 7   ? 15.418  5.379   -5.285  1.00 21.08 ? 7   GLU A C   1 
ATOM   26   O  O   . GLU A 1 7   ? 16.033  6.194   -5.980  1.00 21.22 ? 7   GLU A O   1 
ATOM   27   C  CB  . GLU A 1 7   ? 15.969  5.032   -2.848  1.00 21.22 ? 7   GLU A CB  1 
ATOM   28   C  CG  . GLU A 1 7   ? 16.395  6.477   -2.663  1.00 22.33 ? 7   GLU A CG  1 
ATOM   29   C  CD  . GLU A 1 7   ? 16.269  6.958   -1.225  1.00 23.96 ? 7   GLU A CD  1 
ATOM   30   O  OE1 . GLU A 1 7   ? 16.989  6.402   -0.335  1.00 23.21 ? 7   GLU A OE1 1 
ATOM   31   O  OE2 . GLU A 1 7   ? 15.430  7.862   -0.988  1.00 24.17 ? 7   GLU A OE2 1 
ATOM   32   N  N   . LYS A 1 8   ? 14.084  5.218   -5.320  1.00 20.64 ? 8   LYS A N   1 
ATOM   33   C  CA  . LYS A 1 8   ? 13.187  6.025   -6.136  1.00 20.14 ? 8   LYS A CA  1 
ATOM   34   C  C   . LYS A 1 8   ? 11.904  6.320   -5.357  1.00 19.80 ? 8   LYS A C   1 
ATOM   35   O  O   . LYS A 1 8   ? 11.098  5.417   -5.135  1.00 19.81 ? 8   LYS A O   1 
ATOM   36   C  CB  . LYS A 1 8   ? 12.876  5.283   -7.439  1.00 20.35 ? 8   LYS A CB  1 
ATOM   37   C  CG  . LYS A 1 8   ? 12.508  6.182   -8.617  1.00 20.23 ? 8   LYS A CG  1 
ATOM   38   C  CD  . LYS A 1 8   ? 11.955  5.439   -9.825  1.00 20.24 ? 8   LYS A CD  1 
ATOM   39   C  CE  . LYS A 1 8   ? 10.465  5.179   -9.722  1.00 21.24 ? 8   LYS A CE  1 
ATOM   40   N  NZ  . LYS A 1 8   ? 9.734   5.523   -10.972 1.00 21.10 ? 8   LYS A NZ  1 
ATOM   41   N  N   . MET A 1 9   ? 11.729  7.586   -4.949  1.00 19.54 ? 9   MET A N   1 
ATOM   42   C  CA  . MET A 1 9   ? 10.631  8.011   -4.086  1.00 20.05 ? 9   MET A CA  1 
ATOM   43   C  C   . MET A 1 9   ? 9.322   8.023   -4.870  1.00 19.74 ? 9   MET A C   1 
ATOM   44   O  O   . MET A 1 9   ? 9.238   8.696   -5.893  1.00 20.12 ? 9   MET A O   1 
ATOM   45   C  CB  . MET A 1 9   ? 10.886  9.429   -3.554  1.00 21.09 ? 9   MET A CB  1 
ATOM   46   C  CG  . MET A 1 9   ? 9.782   9.979   -2.648  1.00 20.93 ? 9   MET A CG  1 
ATOM   47   S  SD  . MET A 1 9   ? 9.907   9.410   -0.921  1.00 22.07 ? 9   MET A SD  1 
ATOM   48   C  CE  . MET A 1 9   ? 11.335  10.334  -0.354  1.00 21.66 ? 9   MET A CE  1 
ATOM   49   N  N   . LEU A 1 10  ? 8.297   7.316   -4.367  1.00 19.70 ? 10  LEU A N   1 
ATOM   50   C  CA  . LEU A 1 10  ? 6.953   7.375   -4.941  1.00 19.49 ? 10  LEU A CA  1 
ATOM   51   C  C   . LEU A 1 10  ? 6.136   8.521   -4.332  1.00 19.57 ? 10  LEU A C   1 
ATOM   52   O  O   . LEU A 1 10  ? 5.552   9.317   -5.069  1.00 19.71 ? 10  LEU A O   1 
ATOM   53   C  CB  . LEU A 1 10  ? 6.245   6.025   -4.774  1.00 19.36 ? 10  LEU A CB  1 
ATOM   54   C  CG  . LEU A 1 10  ? 6.960   4.811   -5.377  1.00 19.56 ? 10  LEU A CG  1 
ATOM   55   C  CD1 . LEU A 1 10  ? 6.365   3.503   -4.869  1.00 19.32 ? 10  LEU A CD1 1 
ATOM   56   C  CD2 . LEU A 1 10  ? 6.952   4.853   -6.898  1.00 18.85 ? 10  LEU A CD2 1 
ATOM   57   N  N   . ASP A 1 11  ? 6.103   8.617   -2.993  1.00 18.85 ? 11  ASP A N   1 
ATOM   58   C  CA  . ASP A 1 11  ? 5.287   9.627   -2.329  1.00 18.86 ? 11  ASP A CA  1 
ATOM   59   C  C   . ASP A 1 11  ? 5.903   10.009  -0.982  1.00 18.64 ? 11  ASP A C   1 
ATOM   60   O  O   . ASP A 1 11  ? 5.994   9.192   -0.064  1.00 18.91 ? 11  ASP A O   1 
ATOM   61   C  CB  . ASP A 1 11  ? 3.826   9.176   -2.185  1.00 19.30 ? 11  ASP A CB  1 
ATOM   62   C  CG  . ASP A 1 11  ? 2.801   10.300  -2.291  1.00 19.40 ? 11  ASP A CG  1 
ATOM   63   O  OD1 . ASP A 1 11  ? 3.083   11.399  -1.777  1.00 20.10 ? 11  ASP A OD1 1 
ATOM   64   O  OD2 . ASP A 1 11  ? 1.729   10.072  -2.891  1.00 18.81 ? 11  ASP A OD2 1 
ATOM   65   N  N   . ASP A 1 12  ? 6.342   11.267  -0.895  1.00 17.97 ? 12  ASP A N   1 
ATOM   66   C  CA  . ASP A 1 12  ? 6.828   11.878  0.329   1.00 17.83 ? 12  ASP A CA  1 
ATOM   67   C  C   . ASP A 1 12  ? 5.726   12.748  0.937   1.00 17.52 ? 12  ASP A C   1 
ATOM   68   O  O   . ASP A 1 12  ? 5.877   13.258  2.046   1.00 17.22 ? 12  ASP A O   1 
ATOM   69   C  CB  . ASP A 1 12  ? 8.117   12.672  0.072   1.00 18.01 ? 12  ASP A CB  1 
ATOM   70   C  CG  . ASP A 1 12  ? 8.009   13.742  -1.009  1.00 17.70 ? 12  ASP A CG  1 
ATOM   71   O  OD1 . ASP A 1 12  ? 6.902   13.946  -1.549  1.00 17.41 ? 12  ASP A OD1 1 
ATOM   72   O  OD2 . ASP A 1 12  ? 9.040   14.366  -1.304  1.00 17.64 ? 12  ASP A OD2 1 
ATOM   73   N  N   . PHE A 1 13  ? 4.627   12.926  0.190   1.00 17.24 ? 13  PHE A N   1 
ATOM   74   C  CA  . PHE A 1 13  ? 3.429   13.605  0.666   1.00 17.67 ? 13  PHE A CA  1 
ATOM   75   C  C   . PHE A 1 13  ? 3.681   15.100  0.847   1.00 17.40 ? 13  PHE A C   1 
ATOM   76   O  O   . PHE A 1 13  ? 3.180   15.718  1.779   1.00 16.72 ? 13  PHE A O   1 
ATOM   77   C  CB  . PHE A 1 13  ? 2.893   12.945  1.942   1.00 17.79 ? 13  PHE A CB  1 
ATOM   78   C  CG  . PHE A 1 13  ? 2.344   11.572  1.678   1.00 17.37 ? 13  PHE A CG  1 
ATOM   79   C  CD1 . PHE A 1 13  ? 1.074   11.407  1.144   1.00 17.42 ? 13  PHE A CD1 1 
ATOM   80   C  CD2 . PHE A 1 13  ? 3.128   10.452  1.895   1.00 17.05 ? 13  PHE A CD2 1 
ATOM   81   C  CE1 . PHE A 1 13  ? 0.585   10.142  0.859   1.00 17.09 ? 13  PHE A CE1 1 
ATOM   82   C  CE2 . PHE A 1 13  ? 2.636   9.188   1.609   1.00 16.78 ? 13  PHE A CE2 1 
ATOM   83   C  CZ  . PHE A 1 13  ? 1.370   9.035   1.094   1.00 16.75 ? 13  PHE A CZ  1 
ATOM   84   N  N   . GLU A 1 14  ? 4.448   15.673  -0.077  1.00 17.26 ? 14  GLU A N   1 
ATOM   85   C  CA  . GLU A 1 14  ? 4.751   17.089  -0.050  1.00 17.77 ? 14  GLU A CA  1 
ATOM   86   C  C   . GLU A 1 14  ? 4.039   17.788  -1.207  1.00 17.92 ? 14  GLU A C   1 
ATOM   87   O  O   . GLU A 1 14  ? 4.139   19.004  -1.342  1.00 17.91 ? 14  GLU A O   1 
ATOM   88   C  CB  . GLU A 1 14  ? 6.270   17.308  -0.119  1.00 17.91 ? 14  GLU A CB  1 
ATOM   89   C  CG  . GLU A 1 14  ? 7.071   16.465  0.864   1.00 17.90 ? 14  GLU A CG  1 
ATOM   90   C  CD  . GLU A 1 14  ? 6.844   16.772  2.339   1.00 19.04 ? 14  GLU A CD  1 
ATOM   91   O  OE1 . GLU A 1 14  ? 6.501   17.939  2.655   1.00 19.26 ? 14  GLU A OE1 1 
ATOM   92   O  OE2 . GLU A 1 14  ? 7.013   15.849  3.179   1.00 18.73 ? 14  GLU A OE2 1 
ATOM   93   N  N   . GLY A 1 15  ? 3.325   17.014  -2.043  1.00 18.88 ? 15  GLY A N   1 
ATOM   94   C  CA  . GLY A 1 15  ? 2.868   17.504  -3.339  1.00 19.10 ? 15  GLY A CA  1 
ATOM   95   C  C   . GLY A 1 15  ? 1.418   17.135  -3.644  1.00 19.55 ? 15  GLY A C   1 
ATOM   96   O  O   . GLY A 1 15  ? 0.517   17.389  -2.846  1.00 18.94 ? 15  GLY A O   1 
ATOM   97   N  N   . VAL A 1 16  ? 1.209   16.521  -4.814  1.00 19.51 ? 16  VAL A N   1 
ATOM   98   C  CA  . VAL A 1 16  ? -0.129  16.193  -5.277  1.00 19.11 ? 16  VAL A CA  1 
ATOM   99   C  C   . VAL A 1 16  ? -0.726  15.145  -4.340  1.00 19.62 ? 16  VAL A C   1 
ATOM   100  O  O   . VAL A 1 16  ? -0.047  14.190  -3.949  1.00 19.65 ? 16  VAL A O   1 
ATOM   101  C  CB  . VAL A 1 16  ? -0.111  15.717  -6.747  1.00 19.21 ? 16  VAL A CB  1 
ATOM   102  C  CG1 . VAL A 1 16  ? -1.465  15.197  -7.212  1.00 18.67 ? 16  VAL A CG1 1 
ATOM   103  C  CG2 . VAL A 1 16  ? 0.397   16.797  -7.691  1.00 19.04 ? 16  VAL A CG2 1 
ATOM   104  N  N   . LEU A 1 17  ? -2.002  15.343  -3.984  1.00 19.30 ? 17  LEU A N   1 
ATOM   105  C  CA  . LEU A 1 17  ? -2.741  14.340  -3.234  1.00 19.40 ? 17  LEU A CA  1 
ATOM   106  C  C   . LEU A 1 17  ? -3.084  13.201  -4.192  1.00 19.70 ? 17  LEU A C   1 
ATOM   107  O  O   . LEU A 1 17  ? -3.971  13.330  -5.029  1.00 20.53 ? 17  LEU A O   1 
ATOM   108  C  CB  . LEU A 1 17  ? -3.992  14.974  -2.607  1.00 18.83 ? 17  LEU A CB  1 
ATOM   109  C  CG  . LEU A 1 17  ? -3.764  16.210  -1.728  1.00 18.04 ? 17  LEU A CG  1 
ATOM   110  C  CD1 . LEU A 1 17  ? -5.085  16.855  -1.346  1.00 17.37 ? 17  LEU A CD1 1 
ATOM   111  C  CD2 . LEU A 1 17  ? -2.969  15.872  -0.473  1.00 17.99 ? 17  LEU A CD2 1 
ATOM   112  N  N   . ASN A 1 18  ? -2.339  12.097  -4.085  1.00 19.70 ? 18  ASN A N   1 
ATOM   113  C  CA  . ASN A 1 18  ? -2.416  11.024  -5.067  1.00 19.39 ? 18  ASN A CA  1 
ATOM   114  C  C   . ASN A 1 18  ? -3.391  9.931   -4.626  1.00 19.11 ? 18  ASN A C   1 
ATOM   115  O  O   . ASN A 1 18  ? -3.591  8.963   -5.354  1.00 19.61 ? 18  ASN A O   1 
ATOM   116  C  CB  . ASN A 1 18  ? -1.037  10.412  -5.332  1.00 18.88 ? 18  ASN A CB  1 
ATOM   117  C  CG  . ASN A 1 18  ? -0.056  11.392  -5.941  1.00 19.09 ? 18  ASN A CG  1 
ATOM   118  O  OD1 . ASN A 1 18  ? -0.243  11.850  -7.071  1.00 19.42 ? 18  ASN A OD1 1 
ATOM   119  N  ND2 . ASN A 1 18  ? 1.000   11.711  -5.208  1.00 18.33 ? 18  ASN A ND2 1 
ATOM   120  N  N   . TRP A 1 19  ? -3.999  10.077  -3.444  1.00 18.34 ? 19  TRP A N   1 
ATOM   121  C  CA  . TRP A 1 19  ? -4.687  8.950   -2.833  1.00 18.49 ? 19  TRP A CA  1 
ATOM   122  C  C   . TRP A 1 19  ? -6.192  9.162   -2.838  1.00 18.58 ? 19  TRP A C   1 
ATOM   123  O  O   . TRP A 1 19  ? -6.667  10.199  -2.386  1.00 19.93 ? 19  TRP A O   1 
ATOM   124  C  CB  . TRP A 1 19  ? -4.164  8.721   -1.416  1.00 18.60 ? 19  TRP A CB  1 
ATOM   125  C  CG  . TRP A 1 19  ? -2.715  8.364   -1.466  1.00 18.74 ? 19  TRP A CG  1 
ATOM   126  C  CD1 . TRP A 1 19  ? -1.664  9.199   -1.729  1.00 18.69 ? 19  TRP A CD1 1 
ATOM   127  C  CD2 . TRP A 1 19  ? -2.165  7.050   -1.328  1.00 18.23 ? 19  TRP A CD2 1 
ATOM   128  N  NE1 . TRP A 1 19  ? -0.494  8.494   -1.741  1.00 18.35 ? 19  TRP A NE1 1 
ATOM   129  C  CE2 . TRP A 1 19  ? -0.769  7.176   -1.488  1.00 18.50 ? 19  TRP A CE2 1 
ATOM   130  C  CE3 . TRP A 1 19  ? -2.710  5.794   -1.054  1.00 18.23 ? 19  TRP A CE3 1 
ATOM   131  C  CZ2 . TRP A 1 19  ? 0.086   6.077   -1.399  1.00 18.66 ? 19  TRP A CZ2 1 
ATOM   132  C  CZ3 . TRP A 1 19  ? -1.862  4.710   -0.959  1.00 18.18 ? 19  TRP A CZ3 1 
ATOM   133  C  CH2 . TRP A 1 19  ? -0.485  4.851   -1.136  1.00 18.23 ? 19  TRP A CH2 1 
ATOM   134  N  N   . GLY A 1 20  ? -6.920  8.172   -3.357  1.00 18.07 ? 20  GLY A N   1 
ATOM   135  C  CA  . GLY A 1 20  ? -8.368  8.128   -3.245  1.00 17.43 ? 20  GLY A CA  1 
ATOM   136  C  C   . GLY A 1 20  ? -8.760  7.118   -2.173  1.00 18.15 ? 20  GLY A C   1 
ATOM   137  O  O   . GLY A 1 20  ? -7.888  6.422   -1.651  1.00 17.80 ? 20  GLY A O   1 
ATOM   138  N  N   . SER A 1 21  ? -10.062 7.068   -1.845  1.00 18.23 ? 21  SER A N   1 
ATOM   139  C  CA  . SER A 1 21  ? -10.591 6.198   -0.800  1.00 18.63 ? 21  SER A CA  1 
ATOM   140  C  C   . SER A 1 21  ? -11.701 5.334   -1.385  1.00 18.54 ? 21  SER A C   1 
ATOM   141  O  O   . SER A 1 21  ? -12.378 5.756   -2.311  1.00 19.01 ? 21  SER A O   1 
ATOM   142  C  CB  . SER A 1 21  ? -11.146 6.966   0.394   1.00 19.61 ? 21  SER A CB  1 
ATOM   143  O  OG  . SER A 1 21  ? -10.565 8.254   0.561   1.00 20.92 ? 21  SER A OG  1 
ATOM   144  N  N   . TYR A 1 22  ? -11.906 4.144   -0.817  1.00 18.22 ? 22  TYR A N   1 
ATOM   145  C  CA  . TYR A 1 22  ? -13.056 3.326   -1.168  1.00 17.88 ? 22  TYR A CA  1 
ATOM   146  C  C   . TYR A 1 22  ? -13.493 2.552   0.073   1.00 17.87 ? 22  TYR A C   1 
ATOM   147  O  O   . TYR A 1 22  ? -12.680 2.311   0.963   1.00 18.02 ? 22  TYR A O   1 
ATOM   148  C  CB  . TYR A 1 22  ? -12.761 2.431   -2.378  1.00 17.53 ? 22  TYR A CB  1 
ATOM   149  C  CG  . TYR A 1 22  ? -11.579 1.505   -2.224  1.00 17.92 ? 22  TYR A CG  1 
ATOM   150  C  CD1 . TYR A 1 22  ? -11.701 0.291   -1.556  1.00 17.88 ? 22  TYR A CD1 1 
ATOM   151  C  CD2 . TYR A 1 22  ? -10.330 1.843   -2.727  1.00 17.60 ? 22  TYR A CD2 1 
ATOM   152  C  CE1 . TYR A 1 22  ? -10.621 -0.562  -1.392  1.00 17.75 ? 22  TYR A CE1 1 
ATOM   153  C  CE2 . TYR A 1 22  ? -9.243  0.992   -2.583  1.00 17.96 ? 22  TYR A CE2 1 
ATOM   154  C  CZ  . TYR A 1 22  ? -9.388  -0.218  -1.917  1.00 18.00 ? 22  TYR A CZ  1 
ATOM   155  O  OH  . TYR A 1 22  ? -8.335  -1.074  -1.751  1.00 17.72 ? 22  TYR A OH  1 
ATOM   156  N  N   . SER A 1 23  ? -14.782 2.191   0.133   1.00 17.92 ? 23  SER A N   1 
ATOM   157  C  CA  . SER A 1 23  ? -15.303 1.337   1.190   1.00 18.12 ? 23  SER A CA  1 
ATOM   158  C  C   . SER A 1 23  ? -16.682 0.791   0.816   1.00 18.43 ? 23  SER A C   1 
ATOM   159  O  O   . SER A 1 23  ? -17.301 1.215   -0.157  1.00 17.37 ? 23  SER A O   1 
ATOM   160  C  CB  . SER A 1 23  ? -15.327 2.037   2.531   1.00 17.87 ? 23  SER A CB  1 
ATOM   161  O  OG  . SER A 1 23  ? -16.013 3.274   2.447   1.00 17.90 ? 23  SER A OG  1 
ATOM   162  N  N   . GLY A 1 24  ? -17.149 -0.173  1.615   1.00 19.08 ? 24  GLY A N   1 
ATOM   163  C  CA  . GLY A 1 24  ? -18.448 -0.781  1.406   1.00 19.00 ? 24  GLY A CA  1 
ATOM   164  C  C   . GLY A 1 24  ? -18.970 -1.455  2.668   1.00 19.51 ? 24  GLY A C   1 
ATOM   165  O  O   . GLY A 1 24  ? -18.199 -1.822  3.556   1.00 18.72 ? 24  GLY A O   1 
ATOM   166  N  N   . GLU A 1 25  ? -20.303 -1.580  2.720   1.00 20.15 ? 25  GLU A N   1 
ATOM   167  C  CA  . GLU A 1 25  ? -21.025 -2.383  3.695   1.00 19.96 ? 25  GLU A CA  1 
ATOM   168  C  C   . GLU A 1 25  ? -20.676 -1.969  5.117   1.00 19.93 ? 25  GLU A C   1 
ATOM   169  O  O   . GLU A 1 25  ? -20.210 -2.788  5.913   1.00 20.36 ? 25  GLU A O   1 
ATOM   170  C  CB  . GLU A 1 25  ? -20.747 -3.865  3.488   1.00 20.14 ? 25  GLU A CB  1 
ATOM   171  C  CG  . GLU A 1 25  ? -21.061 -4.322  2.084   1.00 21.08 ? 25  GLU A CG  1 
ATOM   172  C  CD  . GLU A 1 25  ? -20.679 -5.776  1.932   1.00 22.72 ? 25  GLU A CD  1 
ATOM   173  O  OE1 . GLU A 1 25  ? -21.518 -6.641  2.309   1.00 23.43 ? 25  GLU A OE1 1 
ATOM   174  O  OE2 . GLU A 1 25  ? -19.523 -6.043  1.496   1.00 23.11 ? 25  GLU A OE2 1 
ATOM   175  N  N   . GLY A 1 26  ? -20.945 -0.697  5.420   1.00 19.47 ? 26  GLY A N   1 
ATOM   176  C  CA  . GLY A 1 26  ? -20.822 -0.187  6.773   1.00 19.29 ? 26  GLY A CA  1 
ATOM   177  C  C   . GLY A 1 26  ? -19.507 0.558   6.986   1.00 19.74 ? 26  GLY A C   1 
ATOM   178  O  O   . GLY A 1 26  ? -19.493 1.606   7.637   1.00 19.53 ? 26  GLY A O   1 
ATOM   179  N  N   . ALA A 1 27  ? -18.415 0.020   6.425   1.00 18.97 ? 27  ALA A N   1 
ATOM   180  C  CA  . ALA A 1 27  ? -17.088 0.517   6.751   1.00 19.42 ? 27  ALA A CA  1 
ATOM   181  C  C   . ALA A 1 27  ? -16.824 1.867   6.084   1.00 20.18 ? 27  ALA A C   1 
ATOM   182  O  O   . ALA A 1 27  ? -17.454 2.228   5.090   1.00 20.97 ? 27  ALA A O   1 
ATOM   183  C  CB  . ALA A 1 27  ? -16.039 -0.503  6.386   1.00 18.86 ? 27  ALA A CB  1 
ATOM   184  N  N   . LYS A 1 28  ? -15.874 2.605   6.662   1.00 19.95 ? 28  LYS A N   1 
ATOM   185  C  CA  . LYS A 1 28  ? -15.479 3.912   6.172   1.00 20.09 ? 28  LYS A CA  1 
ATOM   186  C  C   . LYS A 1 28  ? -13.975 4.075   6.334   1.00 19.46 ? 28  LYS A C   1 
ATOM   187  O  O   . LYS A 1 28  ? -13.366 3.475   7.215   1.00 19.85 ? 28  LYS A O   1 
ATOM   188  C  CB  . LYS A 1 28  ? -16.104 5.022   7.021   1.00 20.54 ? 28  LYS A CB  1 
ATOM   189  C  CG  . LYS A 1 28  ? -17.622 5.055   7.028   1.00 21.37 ? 28  LYS A CG  1 
ATOM   190  C  CD  . LYS A 1 28  ? -18.205 6.195   7.834   1.00 21.79 ? 28  LYS A CD  1 
ATOM   191  C  CE  . LYS A 1 28  ? -19.671 6.421   7.513   1.00 21.48 ? 28  LYS A CE  1 
ATOM   192  N  NZ  . LYS A 1 28  ? -20.454 5.170   7.652   1.00 20.73 ? 28  LYS A NZ  1 
ATOM   193  N  N   . VAL A 1 29  ? -13.416 4.946   5.501   1.00 18.11 ? 29  VAL A N   1 
ATOM   194  C  CA  . VAL A 1 29  ? -12.051 5.399   5.649   1.00 17.85 ? 29  VAL A CA  1 
ATOM   195  C  C   . VAL A 1 29  ? -12.012 6.818   5.090   1.00 18.64 ? 29  VAL A C   1 
ATOM   196  O  O   . VAL A 1 29  ? -12.678 7.111   4.098   1.00 18.62 ? 29  VAL A O   1 
ATOM   197  C  CB  . VAL A 1 29  ? -11.070 4.457   4.922   1.00 17.52 ? 29  VAL A CB  1 
ATOM   198  C  CG1 . VAL A 1 29  ? -11.521 4.131   3.502   1.00 16.69 ? 29  VAL A CG1 1 
ATOM   199  C  CG2 . VAL A 1 29  ? -9.633  4.975   4.948   1.00 17.02 ? 29  VAL A CG2 1 
ATOM   200  N  N   . SER A 1 30  ? -11.276 7.702   5.772   1.00 18.66 ? 30  SER A N   1 
ATOM   201  C  CA  . SER A 1 30  ? -10.978 9.015   5.231   1.00 18.94 ? 30  SER A CA  1 
ATOM   202  C  C   . SER A 1 30  ? -9.496  9.310   5.436   1.00 18.40 ? 30  SER A C   1 
ATOM   203  O  O   . SER A 1 30  ? -8.866  8.749   6.332   1.00 18.38 ? 30  SER A O   1 
ATOM   204  C  CB  . SER A 1 30  ? -11.864 10.092  5.811   1.00 19.77 ? 30  SER A CB  1 
ATOM   205  O  OG  . SER A 1 30  ? -11.525 10.341  7.170   1.00 22.17 ? 30  SER A OG  1 
ATOM   206  N  N   . THR A 1 31  ? -8.960  10.183  4.575   1.00 18.01 ? 31  THR A N   1 
ATOM   207  C  CA  . THR A 1 31  ? -7.536  10.481  4.530   1.00 17.63 ? 31  THR A CA  1 
ATOM   208  C  C   . THR A 1 31  ? -7.328  11.991  4.536   1.00 17.21 ? 31  THR A C   1 
ATOM   209  O  O   . THR A 1 31  ? -8.148  12.742  4.027   1.00 16.89 ? 31  THR A O   1 
ATOM   210  C  CB  . THR A 1 31  ? -6.860  9.851   3.299   1.00 17.16 ? 31  THR A CB  1 
ATOM   211  O  OG1 . THR A 1 31  ? -7.490  10.335  2.115   1.00 17.04 ? 31  THR A OG1 1 
ATOM   212  C  CG2 . THR A 1 31  ? -6.893  8.340   3.284   1.00 16.27 ? 31  THR A CG2 1 
ATOM   213  N  N   . LYS A 1 32  ? -6.219  12.431  5.124   1.00 18.25 ? 32  LYS A N   1 
ATOM   214  C  CA  . LYS A 1 32  ? -5.866  13.839  5.101   1.00 18.95 ? 32  LYS A CA  1 
ATOM   215  C  C   . LYS A 1 32  ? -4.354  13.958  5.265   1.00 19.25 ? 32  LYS A C   1 
ATOM   216  O  O   . LYS A 1 32  ? -3.681  12.961  5.521   1.00 18.84 ? 32  LYS A O   1 
ATOM   217  C  CB  . LYS A 1 32  ? -6.643  14.644  6.153   1.00 19.01 ? 32  LYS A CB  1 
ATOM   218  C  CG  . LYS A 1 32  ? -6.491  14.192  7.599   1.00 18.85 ? 32  LYS A CG  1 
ATOM   219  C  CD  . LYS A 1 32  ? -7.207  15.117  8.559   1.00 19.01 ? 32  LYS A CD  1 
ATOM   220  C  CE  . LYS A 1 32  ? -6.741  14.989  9.994   1.00 19.81 ? 32  LYS A CE  1 
ATOM   221  N  NZ  . LYS A 1 32  ? -7.446  13.912  10.733  1.00 19.60 ? 32  LYS A NZ  1 
ATOM   222  N  N   . ILE A 1 33  ? -3.854  15.191  5.102   1.00 19.79 ? 33  ILE A N   1 
ATOM   223  C  CA  . ILE A 1 33  ? -2.456  15.556  5.302   1.00 19.75 ? 33  ILE A CA  1 
ATOM   224  C  C   . ILE A 1 33  ? -2.227  15.987  6.756   1.00 19.85 ? 33  ILE A C   1 
ATOM   225  O  O   . ILE A 1 33  ? -3.020  16.753  7.307   1.00 19.73 ? 33  ILE A O   1 
ATOM   226  C  CB  . ILE A 1 33  ? -2.066  16.686  4.322   1.00 18.99 ? 33  ILE A CB  1 
ATOM   227  C  CG1 . ILE A 1 33  ? -2.315  16.302  2.863   1.00 19.27 ? 33  ILE A CG1 1 
ATOM   228  C  CG2 . ILE A 1 33  ? -0.630  17.123  4.546   1.00 18.91 ? 33  ILE A CG2 1 
ATOM   229  C  CD1 . ILE A 1 33  ? -1.514  15.099  2.386   1.00 20.11 ? 33  ILE A CD1 1 
ATOM   230  N  N   . VAL A 1 34  ? -1.120  15.515  7.361   1.00 19.58 ? 34  VAL A N   1 
ATOM   231  C  CA  . VAL A 1 34  ? -0.690  15.918  8.698   1.00 19.12 ? 34  VAL A CA  1 
ATOM   232  C  C   . VAL A 1 34  ? 0.837   15.951  8.745   1.00 19.70 ? 34  VAL A C   1 
ATOM   233  O  O   . VAL A 1 34  ? 1.498   15.500  7.800   1.00 19.21 ? 34  VAL A O   1 
ATOM   234  C  CB  . VAL A 1 34  ? -1.239  14.989  9.807   1.00 18.77 ? 34  VAL A CB  1 
ATOM   235  C  CG1 . VAL A 1 34  ? -2.760  14.995  9.877   1.00 19.21 ? 34  VAL A CG1 1 
ATOM   236  C  CG2 . VAL A 1 34  ? -0.719  13.564  9.690   1.00 18.03 ? 34  VAL A CG2 1 
ATOM   237  N  N   . SER A 1 35  ? 1.379   16.456  9.868   1.00 19.07 ? 35  SER A N   1 
ATOM   238  C  CA  . SER A 1 35  ? 2.792   16.316  10.172  1.00 19.33 ? 35  SER A CA  1 
ATOM   239  C  C   . SER A 1 35  ? 3.171   14.846  10.041  1.00 19.09 ? 35  SER A C   1 
ATOM   240  O  O   . SER A 1 35  ? 2.635   14.014  10.762  1.00 19.32 ? 35  SER A O   1 
ATOM   241  C  CB  . SER A 1 35  ? 3.104   16.818  11.553  1.00 19.50 ? 35  SER A CB  1 
ATOM   242  O  OG  . SER A 1 35  ? 2.922   18.219  11.623  1.00 20.25 ? 35  SER A OG  1 
ATOM   243  N  N   . GLY A 1 36  ? 4.068   14.544  9.097   1.00 19.10 ? 36  GLY A N   1 
ATOM   244  C  CA  . GLY A 1 36  ? 4.514   13.183  8.847   1.00 19.42 ? 36  GLY A CA  1 
ATOM   245  C  C   . GLY A 1 36  ? 5.843   12.910  9.545   1.00 20.31 ? 36  GLY A C   1 
ATOM   246  O  O   . GLY A 1 36  ? 6.158   13.565  10.539  1.00 20.66 ? 36  GLY A O   1 
ATOM   247  N  N   . LYS A 1 37  ? 6.621   11.955  9.012   1.00 20.02 ? 37  LYS A N   1 
ATOM   248  C  CA  . LYS A 1 37  ? 7.907   11.619  9.610   1.00 20.64 ? 37  LYS A CA  1 
ATOM   249  C  C   . LYS A 1 37  ? 8.959   12.666  9.238   1.00 20.81 ? 37  LYS A C   1 
ATOM   250  O  O   . LYS A 1 37  ? 9.768   13.034  10.085  1.00 21.20 ? 37  LYS A O   1 
ATOM   251  C  CB  . LYS A 1 37  ? 8.356   10.191  9.282   1.00 20.92 ? 37  LYS A CB  1 
ATOM   252  C  CG  . LYS A 1 37  ? 9.567   9.723   10.080  1.00 21.39 ? 37  LYS A CG  1 
ATOM   253  C  CD  . LYS A 1 37  ? 10.025  8.329   9.734   1.00 21.59 ? 37  LYS A CD  1 
ATOM   254  C  CE  . LYS A 1 37  ? 11.369  7.974   10.339  1.00 22.80 ? 37  LYS A CE  1 
ATOM   255  N  NZ  . LYS A 1 37  ? 12.456  8.846   9.830   1.00 22.78 ? 37  LYS A NZ  1 
ATOM   256  N  N   . THR A 1 38  ? 8.962   13.113  7.974   1.00 20.14 ? 38  THR A N   1 
ATOM   257  C  CA  . THR A 1 38  ? 9.609   14.370  7.605   1.00 20.27 ? 38  THR A CA  1 
ATOM   258  C  C   . THR A 1 38  ? 8.652   15.217  6.760   1.00 19.18 ? 38  THR A C   1 
ATOM   259  O  O   . THR A 1 38  ? 8.033   14.729  5.814   1.00 18.49 ? 38  THR A O   1 
ATOM   260  C  CB  . THR A 1 38  ? 10.989  14.158  6.957   1.00 20.81 ? 38  THR A CB  1 
ATOM   261  O  OG1 . THR A 1 38  ? 10.920  13.056  6.053   1.00 21.98 ? 38  THR A OG1 1 
ATOM   262  C  CG2 . THR A 1 38  ? 12.098  13.896  7.953   1.00 20.37 ? 38  THR A CG2 1 
ATOM   263  N  N   . GLY A 1 39  ? 8.549   16.502  7.105   1.00 18.51 ? 39  GLY A N   1 
ATOM   264  C  CA  . GLY A 1 39  ? 7.486   17.332  6.578   1.00 18.55 ? 39  GLY A CA  1 
ATOM   265  C  C   . GLY A 1 39  ? 6.139   16.682  6.868   1.00 19.17 ? 39  GLY A C   1 
ATOM   266  O  O   . GLY A 1 39  ? 5.852   16.310  8.005   1.00 19.41 ? 39  GLY A O   1 
ATOM   267  N  N   . ASN A 1 40  ? 5.361   16.478  5.803   1.00 19.32 ? 40  ASN A N   1 
ATOM   268  C  CA  . ASN A 1 40  ? 3.978   16.060  5.909   1.00 18.71 ? 40  ASN A CA  1 
ATOM   269  C  C   . ASN A 1 40  ? 3.828   14.612  5.466   1.00 18.81 ? 40  ASN A C   1 
ATOM   270  O  O   . ASN A 1 40  ? 4.560   14.140  4.595   1.00 20.07 ? 40  ASN A O   1 
ATOM   271  C  CB  . ASN A 1 40  ? 3.083   16.935  5.036   1.00 18.40 ? 40  ASN A CB  1 
ATOM   272  C  CG  . ASN A 1 40  ? 2.797   18.275  5.669   1.00 18.82 ? 40  ASN A CG  1 
ATOM   273  O  OD1 . ASN A 1 40  ? 2.951   18.456  6.878   1.00 19.17 ? 40  ASN A OD1 1 
ATOM   274  N  ND2 . ASN A 1 40  ? 2.384   19.221  4.849   1.00 18.82 ? 40  ASN A ND2 1 
ATOM   275  N  N   . GLY A 1 41  ? 2.842   13.941  6.066   1.00 17.81 ? 41  GLY A N   1 
ATOM   276  C  CA  . GLY A 1 41  ? 2.460   12.596  5.685   1.00 17.31 ? 41  GLY A CA  1 
ATOM   277  C  C   . GLY A 1 41  ? 0.942   12.485  5.638   1.00 17.41 ? 41  GLY A C   1 
ATOM   278  O  O   . GLY A 1 41  ? 0.246   13.479  5.832   1.00 18.83 ? 41  GLY A O   1 
ATOM   279  N  N   . MET A 1 42  ? 0.438   11.273  5.408   1.00 16.56 ? 42  MET A N   1 
ATOM   280  C  CA  . MET A 1 42  ? -0.987  11.073  5.230   1.00 16.15 ? 42  MET A CA  1 
ATOM   281  C  C   . MET A 1 42  ? -1.574  10.272  6.391   1.00 16.47 ? 42  MET A C   1 
ATOM   282  O  O   . MET A 1 42  ? -1.210  9.116   6.624   1.00 16.20 ? 42  MET A O   1 
ATOM   283  C  CB  . MET A 1 42  ? -1.280  10.347  3.914   1.00 15.45 ? 42  MET A CB  1 
ATOM   284  C  CG  . MET A 1 42  ? -2.716  9.889   3.816   1.00 15.20 ? 42  MET A CG  1 
ATOM   285  S  SD  . MET A 1 42  ? -3.092  9.204   2.204   1.00 15.45 ? 42  MET A SD  1 
ATOM   286  C  CE  . MET A 1 42  ? -2.345  7.576   2.332   1.00 14.98 ? 42  MET A CE  1 
ATOM   287  N  N   . GLU A 1 43  ? -2.531  10.891  7.090   1.00 16.73 ? 43  GLU A N   1 
ATOM   288  C  CA  . GLU A 1 43  ? -3.255  10.217  8.155   1.00 17.52 ? 43  GLU A CA  1 
ATOM   289  C  C   . GLU A 1 43  ? -4.382  9.366   7.565   1.00 17.08 ? 43  GLU A C   1 
ATOM   290  O  O   . GLU A 1 43  ? -5.103  9.807   6.673   1.00 18.01 ? 43  GLU A O   1 
ATOM   291  C  CB  . GLU A 1 43  ? -3.770  11.248  9.158   1.00 18.11 ? 43  GLU A CB  1 
ATOM   292  C  CG  . GLU A 1 43  ? -4.215  10.646  10.473  1.00 19.31 ? 43  GLU A CG  1 
ATOM   293  C  CD  . GLU A 1 43  ? -4.883  11.652  11.388  1.00 20.80 ? 43  GLU A CD  1 
ATOM   294  O  OE1 . GLU A 1 43  ? -5.975  12.138  11.034  1.00 20.83 ? 43  GLU A OE1 1 
ATOM   295  O  OE2 . GLU A 1 43  ? -4.294  11.963  12.446  1.00 22.74 ? 43  GLU A OE2 1 
ATOM   296  N  N   . VAL A 1 44  ? -4.547  8.141   8.074   1.00 16.22 ? 44  VAL A N   1 
ATOM   297  C  CA  . VAL A 1 44  ? -5.614  7.274   7.592   1.00 16.80 ? 44  VAL A CA  1 
ATOM   298  C  C   . VAL A 1 44  ? -6.553  6.922   8.753   1.00 17.33 ? 44  VAL A C   1 
ATOM   299  O  O   . VAL A 1 44  ? -6.130  6.322   9.740   1.00 17.78 ? 44  VAL A O   1 
ATOM   300  C  CB  . VAL A 1 44  ? -5.055  6.017   6.885   1.00 16.35 ? 44  VAL A CB  1 
ATOM   301  C  CG1 . VAL A 1 44  ? -6.151  5.034   6.508   1.00 15.83 ? 44  VAL A CG1 1 
ATOM   302  C  CG2 . VAL A 1 44  ? -4.218  6.342   5.655   1.00 16.11 ? 44  VAL A CG2 1 
ATOM   303  N  N   . SER A 1 45  ? -7.843  7.274   8.632   1.00 17.74 ? 45  SER A N   1 
ATOM   304  C  CA  . SER A 1 45  ? -8.810  6.943   9.673   1.00 17.97 ? 45  SER A CA  1 
ATOM   305  C  C   . SER A 1 45  ? -9.834  5.940   9.165   1.00 17.72 ? 45  SER A C   1 
ATOM   306  O  O   . SER A 1 45  ? -10.456 6.153   8.125   1.00 17.80 ? 45  SER A O   1 
ATOM   307  C  CB  . SER A 1 45  ? -9.492  8.163   10.225  1.00 17.79 ? 45  SER A CB  1 
ATOM   308  O  OG  . SER A 1 45  ? -8.592  8.894   11.039  1.00 18.59 ? 45  SER A OG  1 
ATOM   309  N  N   . TYR A 1 46  ? -10.047 4.873   9.937   1.00 17.57 ? 46  TYR A N   1 
ATOM   310  C  CA  . TYR A 1 46  ? -10.993 3.869   9.490   1.00 17.80 ? 46  TYR A CA  1 
ATOM   311  C  C   . TYR A 1 46  ? -11.849 3.337   10.631  1.00 17.91 ? 46  TYR A C   1 
ATOM   312  O  O   . TYR A 1 46  ? -11.482 3.402   11.801  1.00 17.49 ? 46  TYR A O   1 
ATOM   313  C  CB  . TYR A 1 46  ? -10.276 2.719   8.782   1.00 17.39 ? 46  TYR A CB  1 
ATOM   314  C  CG  . TYR A 1 46  ? -9.349  1.920   9.664   1.00 17.28 ? 46  TYR A CG  1 
ATOM   315  C  CD1 . TYR A 1 46  ? -8.016  2.281   9.802   1.00 16.88 ? 46  TYR A CD1 1 
ATOM   316  C  CD2 . TYR A 1 46  ? -9.799  0.792   10.337  1.00 16.59 ? 46  TYR A CD2 1 
ATOM   317  C  CE1 . TYR A 1 46  ? -7.152  1.534   10.584  1.00 17.30 ? 46  TYR A CE1 1 
ATOM   318  C  CE2 . TYR A 1 46  ? -8.947  0.037   11.124  1.00 16.57 ? 46  TYR A CE2 1 
ATOM   319  C  CZ  . TYR A 1 46  ? -7.623  0.414   11.249  1.00 16.99 ? 46  TYR A CZ  1 
ATOM   320  O  OH  . TYR A 1 46  ? -6.770  -0.308  12.027  1.00 17.06 ? 46  TYR A OH  1 
ATOM   321  N  N   . THR A 1 47  ? -13.001 2.805   10.220  1.00 18.77 ? 47  THR A N   1 
ATOM   322  C  CA  . THR A 1 47  ? -13.930 2.088   11.068  1.00 19.53 ? 47  THR A CA  1 
ATOM   323  C  C   . THR A 1 47  ? -14.297 0.833   10.293  1.00 19.92 ? 47  THR A C   1 
ATOM   324  O  O   . THR A 1 47  ? -14.959 0.929   9.259   1.00 19.69 ? 47  THR A O   1 
ATOM   325  C  CB  . THR A 1 47  ? -15.214 2.889   11.336  1.00 19.93 ? 47  THR A CB  1 
ATOM   326  O  OG1 . THR A 1 47  ? -14.976 4.295   11.440  1.00 20.18 ? 47  THR A OG1 1 
ATOM   327  C  CG2 . THR A 1 47  ? -15.942 2.420   12.576  1.00 20.26 ? 47  THR A CG2 1 
ATOM   328  N  N   . GLY A 1 48  ? -13.817 -0.319  10.784  1.00 19.57 ? 48  GLY A N   1 
ATOM   329  C  CA  . GLY A 1 48  ? -14.051 -1.599  10.140  1.00 18.96 ? 48  GLY A CA  1 
ATOM   330  C  C   . GLY A 1 48  ? -15.428 -2.156  10.477  1.00 18.68 ? 48  GLY A C   1 
ATOM   331  O  O   . GLY A 1 48  ? -16.015 -1.804  11.494  1.00 18.89 ? 48  GLY A O   1 
ATOM   332  N  N   . THR A 1 49  ? -15.957 -2.986  9.577   1.00 19.22 ? 49  THR A N   1 
ATOM   333  C  CA  . THR A 1 49  ? -17.111 -3.807  9.897   1.00 20.43 ? 49  THR A CA  1 
ATOM   334  C  C   . THR A 1 49  ? -16.784 -5.258  9.562   1.00 20.94 ? 49  THR A C   1 
ATOM   335  O  O   . THR A 1 49  ? -15.808 -5.537  8.865   1.00 20.94 ? 49  THR A O   1 
ATOM   336  C  CB  . THR A 1 49  ? -18.364 -3.379  9.127   1.00 20.49 ? 49  THR A CB  1 
ATOM   337  O  OG1 . THR A 1 49  ? -18.075 -3.531  7.735   1.00 21.27 ? 49  THR A OG1 1 
ATOM   338  C  CG2 . THR A 1 49  ? -18.801 -1.967  9.447   1.00 19.87 ? 49  THR A CG2 1 
ATOM   339  N  N   . THR A 1 50  ? -17.635 -6.162  10.058  1.00 21.43 ? 50  THR A N   1 
ATOM   340  C  CA  . THR A 1 50  ? -17.397 -7.590  9.973   1.00 21.92 ? 50  THR A CA  1 
ATOM   341  C  C   . THR A 1 50  ? -17.476 -8.054  8.520   1.00 22.30 ? 50  THR A C   1 
ATOM   342  O  O   . THR A 1 50  ? -16.621 -8.809  8.051   1.00 23.28 ? 50  THR A O   1 
ATOM   343  C  CB  . THR A 1 50  ? -18.335 -8.339  10.920  1.00 22.05 ? 50  THR A CB  1 
ATOM   344  O  OG1 . THR A 1 50  ? -18.181 -7.684  12.178  1.00 23.08 ? 50  THR A OG1 1 
ATOM   345  C  CG2 . THR A 1 50  ? -17.995 -9.806  11.060  1.00 22.43 ? 50  THR A CG2 1 
ATOM   346  N  N   . ASP A 1 51  ? -18.486 -7.564  7.800   1.00 22.42 ? 51  ASP A N   1 
ATOM   347  C  CA  . ASP A 1 51  ? -18.687 -7.960  6.416   1.00 22.74 ? 51  ASP A CA  1 
ATOM   348  C  C   . ASP A 1 51  ? -18.045 -6.972  5.438   1.00 22.25 ? 51  ASP A C   1 
ATOM   349  O  O   . ASP A 1 51  ? -17.884 -7.312  4.268   1.00 24.18 ? 51  ASP A O   1 
ATOM   350  C  CB  . ASP A 1 51  ? -20.177 -8.157  6.125   1.00 24.12 ? 51  ASP A CB  1 
ATOM   351  C  CG  . ASP A 1 51  ? -20.770 -9.292  6.941   1.00 26.33 ? 51  ASP A CG  1 
ATOM   352  O  OD1 . ASP A 1 51  ? -20.079 -10.341 7.067   1.00 27.08 ? 51  ASP A OD1 1 
ATOM   353  O  OD2 . ASP A 1 51  ? -21.906 -9.121  7.461   1.00 27.54 ? 51  ASP A OD2 1 
ATOM   354  N  N   . GLY A 1 52  ? -17.672 -5.769  5.906   1.00 20.53 ? 52  GLY A N   1 
ATOM   355  C  CA  . GLY A 1 52  ? -17.290 -4.680  5.016   1.00 19.66 ? 52  GLY A CA  1 
ATOM   356  C  C   . GLY A 1 52  ? -15.791 -4.635  4.730   1.00 19.25 ? 52  GLY A C   1 
ATOM   357  O  O   . GLY A 1 52  ? -15.061 -5.551  5.097   1.00 19.80 ? 52  GLY A O   1 
ATOM   358  N  N   . TYR A 1 53  ? -15.349 -3.542  4.100   1.00 18.37 ? 53  TYR A N   1 
ATOM   359  C  CA  . TYR A 1 53  ? -13.979 -3.381  3.637   1.00 17.60 ? 53  TYR A CA  1 
ATOM   360  C  C   . TYR A 1 53  ? -13.688 -1.893  3.490   1.00 17.18 ? 53  TYR A C   1 
ATOM   361  O  O   . TYR A 1 53  ? -14.612 -1.093  3.341   1.00 16.94 ? 53  TYR A O   1 
ATOM   362  C  CB  . TYR A 1 53  ? -13.777 -4.083  2.285   1.00 17.49 ? 53  TYR A CB  1 
ATOM   363  C  CG  . TYR A 1 53  ? -14.674 -3.601  1.169   1.00 16.76 ? 53  TYR A CG  1 
ATOM   364  C  CD1 . TYR A 1 53  ? -15.932 -4.152  0.976   1.00 16.47 ? 53  TYR A CD1 1 
ATOM   365  C  CD2 . TYR A 1 53  ? -14.273 -2.586  0.314   1.00 16.38 ? 53  TYR A CD2 1 
ATOM   366  C  CE1 . TYR A 1 53  ? -16.764 -3.701  -0.035  1.00 16.14 ? 53  TYR A CE1 1 
ATOM   367  C  CE2 . TYR A 1 53  ? -15.088 -2.129  -0.708  1.00 15.81 ? 53  TYR A CE2 1 
ATOM   368  C  CZ  . TYR A 1 53  ? -16.338 -2.688  -0.881  1.00 16.03 ? 53  TYR A CZ  1 
ATOM   369  O  OH  . TYR A 1 53  ? -17.134 -2.228  -1.888  1.00 15.92 ? 53  TYR A OH  1 
ATOM   370  N  N   . TRP A 1 54  ? -12.398 -1.544  3.514   1.00 16.60 ? 54  TRP A N   1 
ATOM   371  C  CA  . TRP A 1 54  ? -11.973 -0.165  3.349   1.00 16.41 ? 54  TRP A CA  1 
ATOM   372  C  C   . TRP A 1 54  ? -10.560 -0.117  2.776   1.00 16.59 ? 54  TRP A C   1 
ATOM   373  O  O   . TRP A 1 54  ? -9.761  -1.021  3.018   1.00 16.48 ? 54  TRP A O   1 
ATOM   374  C  CB  . TRP A 1 54  ? -12.086 0.609   4.672   1.00 16.38 ? 54  TRP A CB  1 
ATOM   375  C  CG  . TRP A 1 54  ? -11.127 0.185   5.740   1.00 16.18 ? 54  TRP A CG  1 
ATOM   376  C  CD1 . TRP A 1 54  ? -11.396 -0.646  6.785   1.00 15.91 ? 54  TRP A CD1 1 
ATOM   377  C  CD2 . TRP A 1 54  ? -9.744  0.567   5.881   1.00 16.27 ? 54  TRP A CD2 1 
ATOM   378  N  NE1 . TRP A 1 54  ? -10.281 -0.818  7.556   1.00 15.85 ? 54  TRP A NE1 1 
ATOM   379  C  CE2 . TRP A 1 54  ? -9.253  -0.085  7.034   1.00 15.92 ? 54  TRP A CE2 1 
ATOM   380  C  CE3 . TRP A 1 54  ? -8.873  1.390   5.155   1.00 15.98 ? 54  TRP A CE3 1 
ATOM   381  C  CZ2 . TRP A 1 54  ? -7.940  0.062   7.475   1.00 15.75 ? 54  TRP A CZ2 1 
ATOM   382  C  CZ3 . TRP A 1 54  ? -7.574  1.536   5.590   1.00 16.09 ? 54  TRP A CZ3 1 
ATOM   383  C  CH2 . TRP A 1 54  ? -7.118  0.885   6.739   1.00 16.13 ? 54  TRP A CH2 1 
ATOM   384  N  N   . GLY A 1 55  ? -10.254 0.950   2.024   1.00 16.11 ? 55  GLY A N   1 
ATOM   385  C  CA  . GLY A 1 55  ? -8.910  1.103   1.502   1.00 16.41 ? 55  GLY A CA  1 
ATOM   386  C  C   . GLY A 1 55  ? -8.625  2.489   0.928   1.00 17.36 ? 55  GLY A C   1 
ATOM   387  O  O   . GLY A 1 55  ? -9.540  3.242   0.582   1.00 17.45 ? 55  GLY A O   1 
ATOM   388  N  N   . THR A 1 56  ? -7.324  2.794   0.831   1.00 17.35 ? 56  THR A N   1 
ATOM   389  C  CA  . THR A 1 56  ? -6.830  3.999   0.188   1.00 17.67 ? 56  THR A CA  1 
ATOM   390  C  C   . THR A 1 56  ? -5.844  3.587   -0.897  1.00 18.39 ? 56  THR A C   1 
ATOM   391  O  O   . THR A 1 56  ? -5.058  2.660   -0.690  1.00 18.90 ? 56  THR A O   1 
ATOM   392  C  CB  . THR A 1 56  ? -6.237  4.986   1.206   1.00 17.79 ? 56  THR A CB  1 
ATOM   393  O  OG1 . THR A 1 56  ? -5.836  6.169   0.517   1.00 17.36 ? 56  THR A OG1 1 
ATOM   394  C  CG2 . THR A 1 56  ? -5.066  4.432   1.990   1.00 17.86 ? 56  THR A CG2 1 
ATOM   395  N  N   . VAL A 1 57  ? -5.899  4.287   -2.043  1.00 18.54 ? 57  VAL A N   1 
ATOM   396  C  CA  . VAL A 1 57  ? -5.311  3.789   -3.280  1.00 18.53 ? 57  VAL A CA  1 
ATOM   397  C  C   . VAL A 1 57  ? -4.604  4.901   -4.051  1.00 18.63 ? 57  VAL A C   1 
ATOM   398  O  O   . VAL A 1 57  ? -5.143  5.994   -4.203  1.00 18.97 ? 57  VAL A O   1 
ATOM   399  C  CB  . VAL A 1 57  ? -6.350  3.064   -4.166  1.00 18.36 ? 57  VAL A CB  1 
ATOM   400  C  CG1 . VAL A 1 57  ? -7.572  3.919   -4.475  1.00 18.30 ? 57  VAL A CG1 1 
ATOM   401  C  CG2 . VAL A 1 57  ? -5.737  2.516   -5.450  1.00 17.96 ? 57  VAL A CG2 1 
ATOM   402  N  N   . TYR A 1 58  ? -3.399  4.576   -4.544  1.00 18.80 ? 58  TYR A N   1 
ATOM   403  C  CA  . TYR A 1 58  ? -2.679  5.367   -5.535  1.00 18.77 ? 58  TYR A CA  1 
ATOM   404  C  C   . TYR A 1 58  ? -2.533  4.507   -6.790  1.00 19.30 ? 58  TYR A C   1 
ATOM   405  O  O   . TYR A 1 58  ? -2.115  3.353   -6.698  1.00 19.68 ? 58  TYR A O   1 
ATOM   406  C  CB  . TYR A 1 58  ? -1.344  5.844   -4.951  1.00 18.19 ? 58  TYR A CB  1 
ATOM   407  C  CG  . TYR A 1 58  ? -0.425  6.656   -5.835  1.00 17.62 ? 58  TYR A CG  1 
ATOM   408  C  CD1 . TYR A 1 58  ? -0.828  7.169   -7.059  1.00 17.40 ? 58  TYR A CD1 1 
ATOM   409  C  CD2 . TYR A 1 58  ? 0.862   6.946   -5.412  1.00 17.74 ? 58  TYR A CD2 1 
ATOM   410  C  CE1 . TYR A 1 58  ? 0.032   7.926   -7.843  1.00 17.73 ? 58  TYR A CE1 1 
ATOM   411  C  CE2 . TYR A 1 58  ? 1.738   7.699   -6.181  1.00 17.85 ? 58  TYR A CE2 1 
ATOM   412  C  CZ  . TYR A 1 58  ? 1.319   8.195   -7.403  1.00 17.91 ? 58  TYR A CZ  1 
ATOM   413  O  OH  . TYR A 1 58  ? 2.170   8.945   -8.163  1.00 17.84 ? 58  TYR A OH  1 
ATOM   414  N  N   . SER A 1 59  ? -2.968  5.047   -7.936  1.00 19.12 ? 59  SER A N   1 
ATOM   415  C  CA  . SER A 1 59  ? -2.744  4.421   -9.230  1.00 19.36 ? 59  SER A CA  1 
ATOM   416  C  C   . SER A 1 59  ? -1.537  5.089   -9.877  1.00 19.35 ? 59  SER A C   1 
ATOM   417  O  O   . SER A 1 59  ? -1.558  6.289   -10.149 1.00 18.99 ? 59  SER A O   1 
ATOM   418  C  CB  . SER A 1 59  ? -3.967  4.535   -10.105 1.00 20.13 ? 59  SER A CB  1 
ATOM   419  O  OG  . SER A 1 59  ? -5.070  3.854   -9.519  1.00 21.61 ? 59  SER A OG  1 
ATOM   420  N  N   . LEU A 1 60  ? -0.478  4.309   -10.111 1.00 19.05 ? 60  LEU A N   1 
ATOM   421  C  CA  . LEU A 1 60  ? 0.823   4.893   -10.384 1.00 19.15 ? 60  LEU A CA  1 
ATOM   422  C  C   . LEU A 1 60  ? 0.928   5.303   -11.848 1.00 19.04 ? 60  LEU A C   1 
ATOM   423  O  O   . LEU A 1 60  ? 0.346   4.663   -12.721 1.00 19.24 ? 60  LEU A O   1 
ATOM   424  C  CB  . LEU A 1 60  ? 1.900   3.864   -10.030 1.00 19.64 ? 60  LEU A CB  1 
ATOM   425  C  CG  . LEU A 1 60  ? 1.869   3.334   -8.595  1.00 19.44 ? 60  LEU A CG  1 
ATOM   426  C  CD1 . LEU A 1 60  ? 2.659   2.042   -8.477  1.00 19.22 ? 60  LEU A CD1 1 
ATOM   427  C  CD2 . LEU A 1 60  ? 2.390   4.368   -7.604  1.00 19.27 ? 60  LEU A CD2 1 
ATOM   428  N  N   . PRO A 1 61  ? 1.735   6.337   -12.180 1.00 19.17 ? 61  PRO A N   1 
ATOM   429  C  CA  . PRO A 1 61  ? 1.931   6.716   -13.576 1.00 19.31 ? 61  PRO A CA  1 
ATOM   430  C  C   . PRO A 1 61  ? 2.997   5.860   -14.261 1.00 20.30 ? 61  PRO A C   1 
ATOM   431  O  O   . PRO A 1 61  ? 3.341   6.153   -15.408 1.00 20.57 ? 61  PRO A O   1 
ATOM   432  C  CB  . PRO A 1 61  ? 2.407   8.170   -13.452 1.00 18.31 ? 61  PRO A CB  1 
ATOM   433  C  CG  . PRO A 1 61  ? 3.182   8.204   -12.155 1.00 17.93 ? 61  PRO A CG  1 
ATOM   434  C  CD  . PRO A 1 61  ? 2.551   7.150   -11.260 1.00 18.71 ? 61  PRO A CD  1 
ATOM   435  N  N   . ASP A 1 62  ? 3.526   4.832   -13.556 1.00 20.23 ? 62  ASP A N   1 
ATOM   436  C  CA  . ASP A 1 62  ? 4.555   3.961   -14.113 1.00 20.71 ? 62  ASP A CA  1 
ATOM   437  C  C   . ASP A 1 62  ? 4.478   2.542   -13.542 1.00 20.21 ? 62  ASP A C   1 
ATOM   438  O  O   . ASP A 1 62  ? 4.773   2.321   -12.371 1.00 20.40 ? 62  ASP A O   1 
ATOM   439  C  CB  . ASP A 1 62  ? 5.956   4.548   -13.907 1.00 22.08 ? 62  ASP A CB  1 
ATOM   440  C  CG  . ASP A 1 62  ? 7.058   3.784   -14.632 1.00 24.01 ? 62  ASP A CG  1 
ATOM   441  O  OD1 . ASP A 1 62  ? 6.935   2.530   -14.794 1.00 23.31 ? 62  ASP A OD1 1 
ATOM   442  O  OD2 . ASP A 1 62  ? 8.051   4.447   -15.010 1.00 25.66 ? 62  ASP A OD2 1 
ATOM   443  N  N   . GLY A 1 63  ? 4.183   1.563   -14.407 1.00 19.88 ? 63  GLY A N   1 
ATOM   444  C  CA  . GLY A 1 63  ? 4.006   0.181   -13.988 1.00 19.66 ? 63  GLY A CA  1 
ATOM   445  C  C   . GLY A 1 63  ? 5.296   -0.646  -13.946 1.00 19.88 ? 63  GLY A C   1 
ATOM   446  O  O   . GLY A 1 63  ? 5.253   -1.814  -13.560 1.00 19.71 ? 63  GLY A O   1 
ATOM   447  N  N   . ASP A 1 64  ? 6.439   -0.046  -14.314 1.00 19.61 ? 64  ASP A N   1 
ATOM   448  C  CA  . ASP A 1 64  ? 7.658   -0.819  -14.496 1.00 18.95 ? 64  ASP A CA  1 
ATOM   449  C  C   . ASP A 1 64  ? 8.575   -0.716  -13.286 1.00 18.68 ? 64  ASP A C   1 
ATOM   450  O  O   . ASP A 1 64  ? 9.317   0.250   -13.142 1.00 18.12 ? 64  ASP A O   1 
ATOM   451  C  CB  . ASP A 1 64  ? 8.432   -0.424  -15.752 1.00 19.17 ? 64  ASP A CB  1 
ATOM   452  C  CG  . ASP A 1 64  ? 9.342   -1.549  -16.219 1.00 19.81 ? 64  ASP A CG  1 
ATOM   453  O  OD1 . ASP A 1 64  ? 9.209   -2.681  -15.696 1.00 19.36 ? 64  ASP A OD1 1 
ATOM   454  O  OD2 . ASP A 1 64  ? 10.165  -1.296  -17.112 1.00 20.97 ? 64  ASP A OD2 1 
ATOM   455  N  N   . TRP A 1 65  ? 8.579   -1.791  -12.490 1.00 19.18 ? 65  TRP A N   1 
ATOM   456  C  CA  . TRP A 1 65  ? 9.307   -1.870  -11.235 1.00 18.77 ? 65  TRP A CA  1 
ATOM   457  C  C   . TRP A 1 65  ? 10.413  -2.926  -11.262 1.00 19.23 ? 65  TRP A C   1 
ATOM   458  O  O   . TRP A 1 65  ? 11.006  -3.189  -10.216 1.00 19.68 ? 65  TRP A O   1 
ATOM   459  C  CB  . TRP A 1 65  ? 8.315   -2.202  -10.120 1.00 18.71 ? 65  TRP A CB  1 
ATOM   460  C  CG  . TRP A 1 65  ? 7.552   -1.021  -9.616  1.00 19.15 ? 65  TRP A CG  1 
ATOM   461  C  CD1 . TRP A 1 65  ? 7.373   0.182   -10.233 1.00 18.68 ? 65  TRP A CD1 1 
ATOM   462  C  CD2 . TRP A 1 65  ? 6.830   -0.954  -8.379  1.00 19.36 ? 65  TRP A CD2 1 
ATOM   463  N  NE1 . TRP A 1 65  ? 6.608   1.005   -9.453  1.00 19.59 ? 65  TRP A NE1 1 
ATOM   464  C  CE2 . TRP A 1 65  ? 6.253   0.333   -8.313  1.00 19.95 ? 65  TRP A CE2 1 
ATOM   465  C  CE3 . TRP A 1 65  ? 6.627   -1.850  -7.324  1.00 19.64 ? 65  TRP A CE3 1 
ATOM   466  C  CZ2 . TRP A 1 65  ? 5.492   0.747   -7.219  1.00 19.78 ? 65  TRP A CZ2 1 
ATOM   467  C  CZ3 . TRP A 1 65  ? 5.866   -1.445  -6.249  1.00 19.98 ? 65  TRP A CZ3 1 
ATOM   468  C  CH2 . TRP A 1 65  ? 5.310   -0.165  -6.204  1.00 19.99 ? 65  TRP A CH2 1 
ATOM   469  N  N   . SER A 1 66  ? 10.697  -3.546  -12.419 1.00 18.79 ? 66  SER A N   1 
ATOM   470  C  CA  . SER A 1 66  ? 11.540  -4.739  -12.396 1.00 19.43 ? 66  SER A CA  1 
ATOM   471  C  C   . SER A 1 66  ? 13.015  -4.468  -12.077 1.00 19.13 ? 66  SER A C   1 
ATOM   472  O  O   . SER A 1 66  ? 13.731  -5.401  -11.737 1.00 20.54 ? 66  SER A O   1 
ATOM   473  C  CB  . SER A 1 66  ? 11.350  -5.652  -13.593 1.00 19.78 ? 66  SER A CB  1 
ATOM   474  O  OG  . SER A 1 66  ? 11.130  -4.913  -14.784 1.00 20.45 ? 66  SER A OG  1 
ATOM   475  N  N   . LYS A 1 67  ? 13.472  -3.211  -12.137 1.00 19.28 ? 67  LYS A N   1 
ATOM   476  C  CA  . LYS A 1 67  ? 14.850  -2.870  -11.788 1.00 19.41 ? 67  LYS A CA  1 
ATOM   477  C  C   . LYS A 1 67  ? 15.092  -2.886  -10.275 1.00 19.01 ? 67  LYS A C   1 
ATOM   478  O  O   . LYS A 1 67  ? 16.243  -2.953  -9.858  1.00 18.89 ? 67  LYS A O   1 
ATOM   479  C  CB  . LYS A 1 67  ? 15.235  -1.466  -12.273 1.00 20.39 ? 67  LYS A CB  1 
ATOM   480  C  CG  . LYS A 1 67  ? 15.055  -1.187  -13.757 1.00 21.47 ? 67  LYS A CG  1 
ATOM   481  C  CD  . LYS A 1 67  ? 15.941  -2.032  -14.639 1.00 22.38 ? 67  LYS A CD  1 
ATOM   482  C  CE  . LYS A 1 67  ? 16.326  -1.319  -15.918 1.00 23.72 ? 67  LYS A CE  1 
ATOM   483  N  NZ  . LYS A 1 67  ? 17.499  -1.968  -16.551 1.00 24.10 ? 67  LYS A NZ  1 
ATOM   484  N  N   . TRP A 1 68  ? 14.028  -2.797  -9.457  1.00 18.35 ? 68  TRP A N   1 
ATOM   485  C  CA  . TRP A 1 68  ? 14.144  -2.589  -8.016  1.00 17.87 ? 68  TRP A CA  1 
ATOM   486  C  C   . TRP A 1 68  ? 13.960  -3.888  -7.232  1.00 17.44 ? 68  TRP A C   1 
ATOM   487  O  O   . TRP A 1 68  ? 13.521  -4.890  -7.791  1.00 17.23 ? 68  TRP A O   1 
ATOM   488  C  CB  . TRP A 1 68  ? 13.151  -1.523  -7.549  1.00 17.99 ? 68  TRP A CB  1 
ATOM   489  C  CG  . TRP A 1 68  ? 13.315  -0.267  -8.339  1.00 18.56 ? 68  TRP A CG  1 
ATOM   490  C  CD1 . TRP A 1 68  ? 12.629  0.081   -9.464  1.00 18.46 ? 68  TRP A CD1 1 
ATOM   491  C  CD2 . TRP A 1 68  ? 14.279  0.777   -8.108  1.00 18.38 ? 68  TRP A CD2 1 
ATOM   492  N  NE1 . TRP A 1 68  ? 13.079  1.279   -9.937  1.00 18.34 ? 68  TRP A NE1 1 
ATOM   493  C  CE2 . TRP A 1 68  ? 14.088  1.733   -9.128  1.00 18.34 ? 68  TRP A CE2 1 
ATOM   494  C  CE3 . TRP A 1 68  ? 15.259  1.012   -7.136  1.00 18.57 ? 68  TRP A CE3 1 
ATOM   495  C  CZ2 . TRP A 1 68  ? 14.851  2.896   -9.207  1.00 18.81 ? 68  TRP A CZ2 1 
ATOM   496  C  CZ3 . TRP A 1 68  ? 16.016  2.162   -7.214  1.00 18.74 ? 68  TRP A CZ3 1 
ATOM   497  C  CH2 . TRP A 1 68  ? 15.811  3.091   -8.237  1.00 18.98 ? 68  TRP A CH2 1 
ATOM   498  N  N   . LEU A 1 69  ? 14.275  -3.839  -5.927  1.00 17.06 ? 69  LEU A N   1 
ATOM   499  C  CA  . LEU A 1 69  ? 14.266  -5.025  -5.077  1.00 17.56 ? 69  LEU A CA  1 
ATOM   500  C  C   . LEU A 1 69  ? 13.257  -4.920  -3.928  1.00 17.41 ? 69  LEU A C   1 
ATOM   501  O  O   . LEU A 1 69  ? 12.764  -5.945  -3.469  1.00 17.78 ? 69  LEU A O   1 
ATOM   502  C  CB  . LEU A 1 69  ? 15.674  -5.292  -4.531  1.00 17.11 ? 69  LEU A CB  1 
ATOM   503  C  CG  . LEU A 1 69  ? 16.741  -5.551  -5.588  1.00 16.98 ? 69  LEU A CG  1 
ATOM   504  C  CD1 . LEU A 1 69  ? 18.134  -5.466  -4.983  1.00 16.90 ? 69  LEU A CD1 1 
ATOM   505  C  CD2 . LEU A 1 69  ? 16.509  -6.884  -6.283  1.00 16.37 ? 69  LEU A CD2 1 
ATOM   506  N  N   . LYS A 1 70  ? 12.975  -3.710  -3.430  1.00 16.95 ? 70  LYS A N   1 
ATOM   507  C  CA  . LYS A 1 70  ? 12.067  -3.590  -2.297  1.00 17.28 ? 70  LYS A CA  1 
ATOM   508  C  C   . LYS A 1 70  ? 11.186  -2.346  -2.421  1.00 17.28 ? 70  LYS A C   1 
ATOM   509  O  O   . LYS A 1 70  ? 11.555  -1.360  -3.063  1.00 17.33 ? 70  LYS A O   1 
ATOM   510  C  CB  . LYS A 1 70  ? 12.807  -3.398  -0.967  1.00 17.86 ? 70  LYS A CB  1 
ATOM   511  C  CG  . LYS A 1 70  ? 14.015  -4.271  -0.653  1.00 18.29 ? 70  LYS A CG  1 
ATOM   512  C  CD  . LYS A 1 70  ? 14.752  -3.722  0.546   1.00 17.85 ? 70  LYS A CD  1 
ATOM   513  C  CE  . LYS A 1 70  ? 14.834  -4.714  1.687   1.00 18.80 ? 70  LYS A CE  1 
ATOM   514  N  NZ  . LYS A 1 70  ? 15.917  -5.706  1.487   1.00 18.88 ? 70  LYS A NZ  1 
ATOM   515  N  N   . ILE A 1 71  ? 10.047  -2.393  -1.721  1.00 16.84 ? 71  ILE A N   1 
ATOM   516  C  CA  . ILE A 1 71  ? 9.288   -1.199  -1.376  1.00 16.97 ? 71  ILE A CA  1 
ATOM   517  C  C   . ILE A 1 71  ? 9.405   -0.918  0.121   1.00 16.86 ? 71  ILE A C   1 
ATOM   518  O  O   . ILE A 1 71  ? 9.394   -1.826  0.948   1.00 17.53 ? 71  ILE A O   1 
ATOM   519  C  CB  . ILE A 1 71  ? 7.825   -1.293  -1.855  1.00 16.65 ? 71  ILE A CB  1 
ATOM   520  C  CG1 . ILE A 1 71  ? 7.097   0.046   -1.723  1.00 16.46 ? 71  ILE A CG1 1 
ATOM   521  C  CG2 . ILE A 1 71  ? 7.072   -2.433  -1.184  1.00 16.47 ? 71  ILE A CG2 1 
ATOM   522  C  CD1 . ILE A 1 71  ? 6.098   0.296   -2.827  1.00 16.23 ? 71  ILE A CD1 1 
ATOM   523  N  N   . SER A 1 72  ? 9.502   0.368   0.448   1.00 17.17 ? 72  SER A N   1 
ATOM   524  C  CA  . SER A 1 72  ? 9.760   0.859   1.791   1.00 17.49 ? 72  SER A CA  1 
ATOM   525  C  C   . SER A 1 72  ? 8.750   1.960   2.116   1.00 17.84 ? 72  SER A C   1 
ATOM   526  O  O   . SER A 1 72  ? 8.281   2.645   1.205   1.00 18.96 ? 72  SER A O   1 
ATOM   527  C  CB  . SER A 1 72  ? 11.196  1.359   1.854   1.00 17.30 ? 72  SER A CB  1 
ATOM   528  O  OG  . SER A 1 72  ? 11.448  2.187   2.977   1.00 16.52 ? 72  SER A OG  1 
ATOM   529  N  N   . PHE A 1 73  ? 8.409   2.129   3.403   1.00 17.68 ? 73  PHE A N   1 
ATOM   530  C  CA  . PHE A 1 73  ? 7.619   3.272   3.850   1.00 17.37 ? 73  PHE A CA  1 
ATOM   531  C  C   . PHE A 1 73  ? 7.714   3.446   5.364   1.00 17.53 ? 73  PHE A C   1 
ATOM   532  O  O   . PHE A 1 73  ? 7.960   2.482   6.085   1.00 18.12 ? 73  PHE A O   1 
ATOM   533  C  CB  . PHE A 1 73  ? 6.149   3.121   3.446   1.00 17.20 ? 73  PHE A CB  1 
ATOM   534  C  CG  . PHE A 1 73  ? 5.472   1.868   3.931   1.00 16.87 ? 73  PHE A CG  1 
ATOM   535  C  CD1 . PHE A 1 73  ? 5.006   1.754   5.235   1.00 16.99 ? 73  PHE A CD1 1 
ATOM   536  C  CD2 . PHE A 1 73  ? 5.283   0.800   3.068   1.00 17.10 ? 73  PHE A CD2 1 
ATOM   537  C  CE1 . PHE A 1 73  ? 4.377   0.595   5.666   1.00 16.76 ? 73  PHE A CE1 1 
ATOM   538  C  CE2 . PHE A 1 73  ? 4.654   -0.358  3.497   1.00 16.81 ? 73  PHE A CE2 1 
ATOM   539  C  CZ  . PHE A 1 73  ? 4.208   -0.459  4.797   1.00 16.86 ? 73  PHE A CZ  1 
ATOM   540  N  N   . ASP A 1 74  ? 7.469   4.675   5.841   1.00 17.63 ? 74  ASP A N   1 
ATOM   541  C  CA  . ASP A 1 74  ? 7.428   4.964   7.271   1.00 17.88 ? 74  ASP A CA  1 
ATOM   542  C  C   . ASP A 1 74  ? 5.979   4.995   7.763   1.00 17.65 ? 74  ASP A C   1 
ATOM   543  O  O   . ASP A 1 74  ? 5.162   5.704   7.181   1.00 16.65 ? 74  ASP A O   1 
ATOM   544  C  CB  . ASP A 1 74  ? 8.119   6.292   7.578   1.00 18.54 ? 74  ASP A CB  1 
ATOM   545  C  CG  . ASP A 1 74  ? 9.563   6.336   7.110   1.00 20.04 ? 74  ASP A CG  1 
ATOM   546  O  OD1 . ASP A 1 74  ? 10.230  5.286   7.184   1.00 21.03 ? 74  ASP A OD1 1 
ATOM   547  O  OD2 . ASP A 1 74  ? 10.012  7.421   6.677   1.00 20.83 ? 74  ASP A OD2 1 
ATOM   548  N  N   . ILE A 1 75  ? 5.674   4.241   8.837   1.00 17.79 ? 75  ILE A N   1 
ATOM   549  C  CA  . ILE A 1 75  ? 4.335   4.166   9.413   1.00 18.37 ? 75  ILE A CA  1 
ATOM   550  C  C   . ILE A 1 75  ? 4.338   4.382   10.932  1.00 19.01 ? 75  ILE A C   1 
ATOM   551  O  O   . ILE A 1 75  ? 5.306   4.049   11.613  1.00 19.09 ? 75  ILE A O   1 
ATOM   552  C  CB  . ILE A 1 75  ? 3.647   2.834   9.062   1.00 18.40 ? 75  ILE A CB  1 
ATOM   553  C  CG1 . ILE A 1 75  ? 2.128   2.925   9.240   1.00 18.41 ? 75  ILE A CG1 1 
ATOM   554  C  CG2 . ILE A 1 75  ? 4.231   1.694   9.878   1.00 17.98 ? 75  ILE A CG2 1 
ATOM   555  C  CD1 . ILE A 1 75  ? 1.365   1.889   8.442   1.00 18.53 ? 75  ILE A CD1 1 
ATOM   556  N  N   . LYS A 1 76  ? 3.207   4.898   11.453  1.00 20.07 ? 76  LYS A N   1 
ATOM   557  C  CA  . LYS A 1 76  ? 2.964   5.080   12.885  1.00 20.13 ? 76  LYS A CA  1 
ATOM   558  C  C   . LYS A 1 76  ? 1.459   5.075   13.175  1.00 20.31 ? 76  LYS A C   1 
ATOM   559  O  O   . LYS A 1 76  ? 0.679   5.552   12.356  1.00 20.66 ? 76  LYS A O   1 
ATOM   560  C  CB  . LYS A 1 76  ? 3.610   6.376   13.391  1.00 19.85 ? 76  LYS A CB  1 
ATOM   561  C  CG  . LYS A 1 76  ? 3.680   6.499   14.908  1.00 20.74 ? 76  LYS A CG  1 
ATOM   562  C  CD  . LYS A 1 76  ? 4.375   7.753   15.429  1.00 20.96 ? 76  LYS A CD  1 
ATOM   563  C  CE  . LYS A 1 76  ? 3.556   9.016   15.271  1.00 21.13 ? 76  LYS A CE  1 
ATOM   564  N  NZ  . LYS A 1 76  ? 2.215   8.861   15.880  1.00 22.64 ? 76  LYS A NZ  1 
ATOM   565  N  N   . SER A 1 77  ? 1.062   4.543   14.345  1.00 20.65 ? 77  SER A N   1 
ATOM   566  C  CA  . SER A 1 77  ? -0.320  4.614   14.816  1.00 20.84 ? 77  SER A CA  1 
ATOM   567  C  C   . SER A 1 77  ? -0.530  5.881   15.649  1.00 20.64 ? 77  SER A C   1 
ATOM   568  O  O   . SER A 1 77  ? 0.415   6.384   16.256  1.00 20.91 ? 77  SER A O   1 
ATOM   569  C  CB  . SER A 1 77  ? -0.720  3.368   15.572  1.00 21.46 ? 77  SER A CB  1 
ATOM   570  O  OG  . SER A 1 77  ? -0.397  3.482   16.949  1.00 22.66 ? 77  SER A OG  1 
ATOM   571  N  N   . VAL A 1 78  ? -1.775  6.391   15.662  1.00 20.90 ? 78  VAL A N   1 
ATOM   572  C  CA  . VAL A 1 78  ? -2.109  7.650   16.331  1.00 20.71 ? 78  VAL A CA  1 
ATOM   573  C  C   . VAL A 1 78  ? -2.619  7.361   17.752  1.00 21.11 ? 78  VAL A C   1 
ATOM   574  O  O   . VAL A 1 78  ? -3.826  7.038   17.878  1.00 21.31 ? 78  VAL A O   1 
ATOM   575  C  CB  . VAL A 1 78  ? -3.129  8.494   15.534  1.00 20.18 ? 78  VAL A CB  1 
ATOM   576  C  CG1 . VAL A 1 78  ? -3.552  9.738   16.306  1.00 19.43 ? 78  VAL A CG1 1 
ATOM   577  C  CG2 . VAL A 1 78  ? -2.638  8.867   14.141  1.00 18.75 ? 78  VAL A CG2 1 
ATOM   578  N  N   . GLY A 1 80  ? -4.472  6.028   20.146  1.00 20.04 ? 80  GLY A N   1 
ATOM   579  C  CA  . GLY A 1 80  ? -3.138  5.408   20.230  1.00 20.19 ? 80  GLY A CA  1 
ATOM   580  C  C   . GLY A 1 80  ? -3.234  3.920   20.560  1.00 21.90 ? 80  GLY A C   1 
ATOM   581  O  O   . GLY A 1 80  ? -2.664  3.470   21.556  1.00 22.04 ? 80  GLY A O   1 
ATOM   582  N  N   . SER A 1 81  ? -3.950  3.168   19.708  1.00 22.11 ? 81  SER A N   1 
ATOM   583  C  CA  . SER A 1 81  ? -4.118  1.728   19.873  1.00 22.11 ? 81  SER A CA  1 
ATOM   584  C  C   . SER A 1 81  ? -3.655  0.951   18.630  1.00 22.98 ? 81  SER A C   1 
ATOM   585  O  O   . SER A 1 81  ? -3.690  1.473   17.509  1.00 23.14 ? 81  SER A O   1 
ATOM   586  C  CB  . SER A 1 81  ? -5.536  1.394   20.272  1.00 22.52 ? 81  SER A CB  1 
ATOM   587  O  OG  . SER A 1 81  ? -6.442  2.402   19.843  1.00 23.89 ? 81  SER A OG  1 
ATOM   588  N  N   . ALA A 1 82  ? -3.226  -0.310  18.844  1.00 22.25 ? 82  ALA A N   1 
ATOM   589  C  CA  . ALA A 1 82  ? -2.503  -1.103  17.853  1.00 20.93 ? 82  ALA A CA  1 
ATOM   590  C  C   . ALA A 1 82  ? -3.429  -2.103  17.162  1.00 20.13 ? 82  ALA A C   1 
ATOM   591  O  O   . ALA A 1 82  ? -4.081  -2.917  17.814  1.00 20.04 ? 82  ALA A O   1 
ATOM   592  C  CB  . ALA A 1 82  ? -1.324  -1.801  18.493  1.00 20.28 ? 82  ALA A CB  1 
ATOM   593  N  N   . ASN A 1 83  ? -3.458  -2.048  15.827  1.00 19.26 ? 83  ASN A N   1 
ATOM   594  C  CA  . ASN A 1 83  ? -4.362  -2.892  15.065  1.00 18.90 ? 83  ASN A CA  1 
ATOM   595  C  C   . ASN A 1 83  ? -3.806  -3.175  13.674  1.00 18.31 ? 83  ASN A C   1 
ATOM   596  O  O   . ASN A 1 83  ? -3.263  -2.290  13.020  1.00 17.84 ? 83  ASN A O   1 
ATOM   597  C  CB  . ASN A 1 83  ? -5.749  -2.266  14.948  1.00 19.36 ? 83  ASN A CB  1 
ATOM   598  C  CG  . ASN A 1 83  ? -6.746  -3.214  14.318  1.00 20.10 ? 83  ASN A CG  1 
ATOM   599  O  OD1 . ASN A 1 83  ? -6.997  -4.298  14.856  1.00 20.16 ? 83  ASN A OD1 1 
ATOM   600  N  ND2 . ASN A 1 83  ? -7.309  -2.824  13.181  1.00 18.76 ? 83  ASN A ND2 1 
ATOM   601  N  N   . GLU A 1 84  ? -4.002  -4.416  13.218  1.00 18.77 ? 84  GLU A N   1 
ATOM   602  C  CA  . GLU A 1 84  ? -3.411  -4.912  11.984  1.00 18.79 ? 84  GLU A CA  1 
ATOM   603  C  C   . GLU A 1 84  ? -4.068  -4.294  10.750  1.00 18.16 ? 84  GLU A C   1 
ATOM   604  O  O   . GLU A 1 84  ? -5.288  -4.167  10.692  1.00 18.90 ? 84  GLU A O   1 
ATOM   605  C  CB  . GLU A 1 84  ? -3.594  -6.422  11.937  1.00 19.46 ? 84  GLU A CB  1 
ATOM   606  C  CG  . GLU A 1 84  ? -2.976  -7.063  10.717  1.00 20.39 ? 84  GLU A CG  1 
ATOM   607  C  CD  . GLU A 1 84  ? -3.091  -8.573  10.748  1.00 21.75 ? 84  GLU A CD  1 
ATOM   608  O  OE1 . GLU A 1 84  ? -4.159  -9.086  11.177  1.00 21.49 ? 84  GLU A OE1 1 
ATOM   609  O  OE2 . GLU A 1 84  ? -2.104  -9.241  10.356  1.00 24.17 ? 84  GLU A OE2 1 
ATOM   610  N  N   . ILE A 1 85  ? -3.231  -3.945  9.761   1.00 17.60 ? 85  ILE A N   1 
ATOM   611  C  CA  . ILE A 1 85  ? -3.651  -3.598  8.407   1.00 17.43 ? 85  ILE A CA  1 
ATOM   612  C  C   . ILE A 1 85  ? -2.837  -4.400  7.380   1.00 16.93 ? 85  ILE A C   1 
ATOM   613  O  O   . ILE A 1 85  ? -2.099  -5.320  7.741   1.00 16.22 ? 85  ILE A O   1 
ATOM   614  C  CB  . ILE A 1 85  ? -3.599  -2.071  8.154   1.00 17.61 ? 85  ILE A CB  1 
ATOM   615  C  CG1 . ILE A 1 85  ? -2.197  -1.486  8.360   1.00 17.61 ? 85  ILE A CG1 1 
ATOM   616  C  CG2 . ILE A 1 85  ? -4.647  -1.342  8.983   1.00 17.78 ? 85  ILE A CG2 1 
ATOM   617  C  CD1 . ILE A 1 85  ? -1.980  -0.170  7.679   1.00 16.69 ? 85  ILE A CD1 1 
ATOM   618  N  N   . ARG A 1 86  ? -3.008  -4.054  6.096   1.00 16.64 ? 86  ARG A N   1 
ATOM   619  C  CA  . ARG A 1 86  ? -2.364  -4.723  4.973   1.00 17.08 ? 86  ARG A CA  1 
ATOM   620  C  C   . ARG A 1 86  ? -1.897  -3.696  3.940   1.00 16.81 ? 86  ARG A C   1 
ATOM   621  O  O   . ARG A 1 86  ? -2.636  -2.778  3.594   1.00 17.46 ? 86  ARG A O   1 
ATOM   622  C  CB  . ARG A 1 86  ? -3.344  -5.692  4.298   1.00 17.02 ? 86  ARG A CB  1 
ATOM   623  C  CG  . ARG A 1 86  ? -3.492  -7.035  5.000   1.00 16.89 ? 86  ARG A CG  1 
ATOM   624  C  CD  . ARG A 1 86  ? -4.245  -8.034  4.146   1.00 17.04 ? 86  ARG A CD  1 
ATOM   625  N  NE  . ARG A 1 86  ? -5.684  -7.796  4.136   1.00 16.83 ? 86  ARG A NE  1 
ATOM   626  C  CZ  . ARG A 1 86  ? -6.581  -8.586  3.566   1.00 16.42 ? 86  ARG A CZ  1 
ATOM   627  N  NH1 . ARG A 1 86  ? -6.204  -9.676  2.921   1.00 16.49 ? 86  ARG A NH1 1 
ATOM   628  N  NH2 . ARG A 1 86  ? -7.860  -8.278  3.634   1.00 16.83 ? 86  ARG A NH2 1 
ATOM   629  N  N   . PHE A 1 87  ? -0.673  -3.862  3.436   1.00 16.59 ? 87  PHE A N   1 
ATOM   630  C  CA  . PHE A 1 87  ? -0.196  -3.056  2.321   1.00 16.72 ? 87  PHE A CA  1 
ATOM   631  C  C   . PHE A 1 87  ? -0.267  -3.896  1.050   1.00 16.27 ? 87  PHE A C   1 
ATOM   632  O  O   . PHE A 1 87  ? 0.152   -5.048  1.078   1.00 16.25 ? 87  PHE A O   1 
ATOM   633  C  CB  . PHE A 1 87  ? 1.244   -2.594  2.568   1.00 16.96 ? 87  PHE A CB  1 
ATOM   634  C  CG  . PHE A 1 87  ? 1.822   -1.787  1.438   1.00 17.23 ? 87  PHE A CG  1 
ATOM   635  C  CD1 . PHE A 1 87  ? 1.488   -0.451  1.292   1.00 17.50 ? 87  PHE A CD1 1 
ATOM   636  C  CD2 . PHE A 1 87  ? 2.668   -2.369  0.505   1.00 17.68 ? 87  PHE A CD2 1 
ATOM   637  C  CE1 . PHE A 1 87  ? 1.998   0.296   0.243   1.00 18.27 ? 87  PHE A CE1 1 
ATOM   638  C  CE2 . PHE A 1 87  ? 3.180   -1.623  -0.547  1.00 18.09 ? 87  PHE A CE2 1 
ATOM   639  C  CZ  . PHE A 1 87  ? 2.844   -0.291  -0.675  1.00 18.69 ? 87  PHE A CZ  1 
ATOM   640  N  N   . MET A 1 88  ? -0.801  -3.330  -0.046  1.00 16.19 ? 88  MET A N   1 
ATOM   641  C  CA  . MET A 1 88  ? -1.043  -4.136  -1.236  1.00 16.84 ? 88  MET A CA  1 
ATOM   642  C  C   . MET A 1 88  ? -0.504  -3.523  -2.529  1.00 17.04 ? 88  MET A C   1 
ATOM   643  O  O   . MET A 1 88  ? -0.720  -2.342  -2.818  1.00 16.51 ? 88  MET A O   1 
ATOM   644  C  CB  . MET A 1 88  ? -2.531  -4.422  -1.435  1.00 17.16 ? 88  MET A CB  1 
ATOM   645  C  CG  . MET A 1 88  ? -2.842  -4.779  -2.872  1.00 17.18 ? 88  MET A CG  1 
ATOM   646  S  SD  . MET A 1 88  ? -4.496  -5.403  -3.030  1.00 18.46 ? 88  MET A SD  1 
ATOM   647  C  CE  . MET A 1 88  ? -5.415  -3.878  -3.212  1.00 17.86 ? 88  MET A CE  1 
ATOM   648  N  N   . ILE A 1 89  ? 0.126   -4.406  -3.322  1.00 17.28 ? 89  ILE A N   1 
ATOM   649  C  CA  . ILE A 1 89  ? 0.476   -4.214  -4.722  1.00 17.20 ? 89  ILE A CA  1 
ATOM   650  C  C   . ILE A 1 89  ? -0.531  -4.971  -5.586  1.00 17.21 ? 89  ILE A C   1 
ATOM   651  O  O   . ILE A 1 89  ? -0.817  -6.143  -5.325  1.00 16.26 ? 89  ILE A O   1 
ATOM   652  C  CB  . ILE A 1 89  ? 1.902   -4.732  -4.992  1.00 17.28 ? 89  ILE A CB  1 
ATOM   653  C  CG1 . ILE A 1 89  ? 2.940   -3.930  -4.203  1.00 17.73 ? 89  ILE A CG1 1 
ATOM   654  C  CG2 . ILE A 1 89  ? 2.202   -4.766  -6.487  1.00 17.37 ? 89  ILE A CG2 1 
ATOM   655  C  CD1 . ILE A 1 89  ? 4.281   -4.605  -4.085  1.00 17.99 ? 89  ILE A CD1 1 
ATOM   656  N  N   . ALA A 1 90  ? -1.014  -4.283  -6.636  1.00 17.29 ? 90  ALA A N   1 
ATOM   657  C  CA  . ALA A 1 90  ? -1.944  -4.811  -7.623  1.00 17.58 ? 90  ALA A CA  1 
ATOM   658  C  C   . ALA A 1 90  ? -1.397  -4.630  -9.043  1.00 17.74 ? 90  ALA A C   1 
ATOM   659  O  O   . ALA A 1 90  ? -1.026  -3.523  -9.434  1.00 17.56 ? 90  ALA A O   1 
ATOM   660  C  CB  . ALA A 1 90  ? -3.273  -4.117  -7.463  1.00 17.27 ? 90  ALA A CB  1 
ATOM   661  N  N   . GLU A 1 91  ? -1.406  -5.716  -9.831  1.00 17.72 ? 91  GLU A N   1 
ATOM   662  C  CA  . GLU A 1 91  ? -0.936  -5.694  -11.212 1.00 17.97 ? 91  GLU A CA  1 
ATOM   663  C  C   . GLU A 1 91  ? -1.992  -5.056  -12.118 1.00 17.91 ? 91  GLU A C   1 
ATOM   664  O  O   . GLU A 1 91  ? -3.086  -4.732  -11.665 1.00 17.20 ? 91  GLU A O   1 
ATOM   665  C  CB  . GLU A 1 91  ? -0.615  -7.109  -11.698 1.00 17.78 ? 91  GLU A CB  1 
ATOM   666  C  CG  . GLU A 1 91  ? 0.318   -7.860  -10.770 1.00 18.21 ? 91  GLU A CG  1 
ATOM   667  C  CD  . GLU A 1 91  ? 0.665   -9.264  -11.222 1.00 18.72 ? 91  GLU A CD  1 
ATOM   668  O  OE1 . GLU A 1 91  ? -0.026  -9.802  -12.098 1.00 19.15 ? 91  GLU A OE1 1 
ATOM   669  O  OE2 . GLU A 1 91  ? 1.635   -9.819  -10.702 1.00 20.41 ? 91  GLU A OE2 1 
ATOM   670  N  N   . LYS A 1 92  ? -1.673  -4.879  -13.405 1.00 18.10 ? 92  LYS A N   1 
ATOM   671  C  CA  . LYS A 1 92  ? -2.636  -4.264  -14.310 1.00 18.26 ? 92  LYS A CA  1 
ATOM   672  C  C   . LYS A 1 92  ? -3.640  -5.314  -14.771 1.00 18.68 ? 92  LYS A C   1 
ATOM   673  O  O   . LYS A 1 92  ? -3.354  -6.511  -14.758 1.00 18.89 ? 92  LYS A O   1 
ATOM   674  C  CB  . LYS A 1 92  ? -1.940  -3.544  -15.468 1.00 17.93 ? 92  LYS A CB  1 
ATOM   675  C  CG  . LYS A 1 92  ? -1.208  -2.289  -15.028 1.00 17.92 ? 92  LYS A CG  1 
ATOM   676  C  CD  . LYS A 1 92  ? -0.187  -1.751  -15.984 1.00 17.74 ? 92  LYS A CD  1 
ATOM   677  C  CE  . LYS A 1 92  ? 0.055   -0.294  -15.647 1.00 17.98 ? 92  LYS A CE  1 
ATOM   678  N  NZ  . LYS A 1 92  ? 1.022   0.378   -16.548 1.00 17.77 ? 92  LYS A NZ  1 
ATOM   679  N  N   . SER A 1 93  ? -4.830  -4.858  -15.170 1.00 18.81 ? 93  SER A N   1 
ATOM   680  C  CA  . SER A 1 93  ? -5.858  -5.784  -15.609 1.00 18.88 ? 93  SER A CA  1 
ATOM   681  C  C   . SER A 1 93  ? -5.422  -6.471  -16.899 1.00 19.04 ? 93  SER A C   1 
ATOM   682  O  O   . SER A 1 93  ? -4.584  -5.948  -17.634 1.00 19.43 ? 93  SER A O   1 
ATOM   683  C  CB  . SER A 1 93  ? -7.171  -5.083  -15.794 1.00 18.85 ? 93  SER A CB  1 
ATOM   684  O  OG  . SER A 1 93  ? -8.214  -6.033  -15.945 1.00 19.08 ? 93  SER A OG  1 
ATOM   685  N  N   . ILE A 1 94  ? -6.014  -7.640  -17.161 1.00 19.13 ? 94  ILE A N   1 
ATOM   686  C  CA  . ILE A 1 94  ? -5.807  -8.345  -18.416 1.00 19.09 ? 94  ILE A CA  1 
ATOM   687  C  C   . ILE A 1 94  ? -6.987  -8.088  -19.359 1.00 19.23 ? 94  ILE A C   1 
ATOM   688  O  O   . ILE A 1 94  ? -6.963  -8.546  -20.496 1.00 19.72 ? 94  ILE A O   1 
ATOM   689  C  CB  . ILE A 1 94  ? -5.545  -9.851  -18.186 1.00 19.03 ? 94  ILE A CB  1 
ATOM   690  C  CG1 . ILE A 1 94  ? -6.740  -10.547 -17.535 1.00 19.25 ? 94  ILE A CG1 1 
ATOM   691  C  CG2 . ILE A 1 94  ? -4.267  -10.086 -17.392 1.00 18.70 ? 94  ILE A CG2 1 
ATOM   692  C  CD1 . ILE A 1 94  ? -7.603  -11.298 -18.516 1.00 20.23 ? 94  ILE A CD1 1 
ATOM   693  N  N   . ASN A 1 95  ? -8.002  -7.327  -18.914 1.00 18.86 ? 95  ASN A N   1 
ATOM   694  C  CA  . ASN A 1 95  ? -9.228  -7.187  -19.690 1.00 18.66 ? 95  ASN A CA  1 
ATOM   695  C  C   . ASN A 1 95  ? -9.635  -5.723  -19.858 1.00 18.27 ? 95  ASN A C   1 
ATOM   696  O  O   . ASN A 1 95  ? -10.814 -5.423  -20.028 1.00 18.50 ? 95  ASN A O   1 
ATOM   697  C  CB  . ASN A 1 95  ? -10.373 -8.015  -19.098 1.00 18.35 ? 95  ASN A CB  1 
ATOM   698  C  CG  . ASN A 1 95  ? -10.782 -7.559  -17.714 1.00 18.37 ? 95  ASN A CG  1 
ATOM   699  O  OD1 . ASN A 1 95  ? -10.638 -6.391  -17.355 1.00 18.63 ? 95  ASN A OD1 1 
ATOM   700  N  ND2 . ASN A 1 95  ? -11.304 -8.481  -16.927 1.00 19.03 ? 95  ASN A ND2 1 
ATOM   701  N  N   . GLY A 1 96  ? -8.662  -4.815  -19.782 1.00 18.02 ? 96  GLY A N   1 
ATOM   702  C  CA  . GLY A 1 96  ? -8.893  -3.413  -20.096 1.00 17.88 ? 96  GLY A CA  1 
ATOM   703  C  C   . GLY A 1 96  ? -9.677  -2.627  -19.039 1.00 18.19 ? 96  GLY A C   1 
ATOM   704  O  O   . GLY A 1 96  ? -9.790  -1.410  -19.159 1.00 17.47 ? 96  GLY A O   1 
ATOM   705  N  N   . VAL A 1 97  ? -10.216 -3.300  -18.010 1.00 18.72 ? 97  VAL A N   1 
ATOM   706  C  CA  . VAL A 1 97  ? -10.983 -2.610  -16.979 1.00 19.57 ? 97  VAL A CA  1 
ATOM   707  C  C   . VAL A 1 97  ? -10.562 -3.099  -15.584 1.00 20.21 ? 97  VAL A C   1 
ATOM   708  O  O   . VAL A 1 97  ? -10.109 -4.234  -15.443 1.00 21.14 ? 97  VAL A O   1 
ATOM   709  C  CB  . VAL A 1 97  ? -12.499 -2.744  -17.253 1.00 19.91 ? 97  VAL A CB  1 
ATOM   710  C  CG1 . VAL A 1 97  ? -13.075 -4.099  -16.858 1.00 19.66 ? 97  VAL A CG1 1 
ATOM   711  C  CG2 . VAL A 1 97  ? -13.306 -1.616  -16.632 1.00 20.24 ? 97  VAL A CG2 1 
ATOM   712  N  N   . GLY A 1 98  ? -10.702 -2.243  -14.557 1.00 19.80 ? 98  GLY A N   1 
ATOM   713  C  CA  . GLY A 1 98  ? -10.395 -2.618  -13.181 1.00 19.89 ? 98  GLY A CA  1 
ATOM   714  C  C   . GLY A 1 98  ? -8.897  -2.837  -12.968 1.00 20.00 ? 98  GLY A C   1 
ATOM   715  O  O   . GLY A 1 98  ? -8.093  -2.341  -13.752 1.00 20.77 ? 98  GLY A O   1 
ATOM   716  N  N   . ASP A 1 99  ? -8.520  -3.567  -11.906 1.00 19.66 ? 99  ASP A N   1 
ATOM   717  C  CA  . ASP A 1 99  ? -7.114  -3.864  -11.647 1.00 19.00 ? 99  ASP A CA  1 
ATOM   718  C  C   . ASP A 1 99  ? -6.856  -5.364  -11.813 1.00 17.99 ? 99  ASP A C   1 
ATOM   719  O  O   . ASP A 1 99  ? -7.709  -6.099  -12.305 1.00 18.19 ? 99  ASP A O   1 
ATOM   720  C  CB  . ASP A 1 99  ? -6.632  -3.253  -10.323 1.00 19.26 ? 99  ASP A CB  1 
ATOM   721  C  CG  . ASP A 1 99  ? -7.432  -3.670  -9.095  1.00 20.41 ? 99  ASP A CG  1 
ATOM   722  O  OD1 . ASP A 1 99  ? -8.201  -4.660  -9.201  1.00 20.18 ? 99  ASP A OD1 1 
ATOM   723  O  OD2 . ASP A 1 99  ? -7.287  -2.996  -8.023  1.00 21.45 ? 99  ASP A OD2 1 
ATOM   724  N  N   . GLY A 1 100 ? -5.672  -5.823  -11.397 1.00 17.14 ? 100 GLY A N   1 
ATOM   725  C  CA  . GLY A 1 100 ? -5.301  -7.219  -11.544 1.00 16.25 ? 100 GLY A CA  1 
ATOM   726  C  C   . GLY A 1 100 ? -4.900  -7.851  -10.216 1.00 15.87 ? 100 GLY A C   1 
ATOM   727  O  O   . GLY A 1 100 ? -5.382  -7.443  -9.163  1.00 15.00 ? 100 GLY A O   1 
ATOM   728  N  N   . GLU A 1 101 ? -3.999  -8.837  -10.305 1.00 16.05 ? 101 GLU A N   1 
ATOM   729  C  CA  . GLU A 1 101 ? -3.676  -9.773  -9.240  1.00 16.33 ? 101 GLU A CA  1 
ATOM   730  C  C   . GLU A 1 101 ? -3.139  -9.022  -8.023  1.00 16.32 ? 101 GLU A C   1 
ATOM   731  O  O   . GLU A 1 101 ? -2.227  -8.205  -8.147  1.00 15.78 ? 101 GLU A O   1 
ATOM   732  C  CB  . GLU A 1 101 ? -2.686  -10.815 -9.774  1.00 16.52 ? 101 GLU A CB  1 
ATOM   733  C  CG  . GLU A 1 101 ? -2.617  -12.096 -8.959  1.00 16.82 ? 101 GLU A CG  1 
ATOM   734  C  CD  . GLU A 1 101 ? -1.558  -13.091 -9.417  1.00 17.39 ? 101 GLU A CD  1 
ATOM   735  O  OE1 . GLU A 1 101 ? -0.537  -12.661 -10.013 1.00 17.42 ? 101 GLU A OE1 1 
ATOM   736  O  OE2 . GLU A 1 101 ? -1.750  -14.296 -9.179  1.00 17.57 ? 101 GLU A OE2 1 
ATOM   737  N  N   . HIS A 1 102 ? -3.718  -9.323  -6.849  1.00 16.68 ? 102 HIS A N   1 
ATOM   738  C  CA  . HIS A 1 102 ? -3.451  -8.590  -5.615  1.00 17.11 ? 102 HIS A CA  1 
ATOM   739  C  C   . HIS A 1 102 ? -2.395  -9.296  -4.770  1.00 17.12 ? 102 HIS A C   1 
ATOM   740  O  O   . HIS A 1 102 ? -2.506  -10.494 -4.514  1.00 17.27 ? 102 HIS A O   1 
ATOM   741  C  CB  . HIS A 1 102 ? -4.719  -8.473  -4.763  1.00 17.31 ? 102 HIS A CB  1 
ATOM   742  C  CG  . HIS A 1 102 ? -5.725  -7.494  -5.265  1.00 17.37 ? 102 HIS A CG  1 
ATOM   743  N  ND1 . HIS A 1 102 ? -7.057  -7.568  -4.912  1.00 17.23 ? 102 HIS A ND1 1 
ATOM   744  C  CD2 . HIS A 1 102 ? -5.607  -6.424  -6.078  1.00 17.65 ? 102 HIS A CD2 1 
ATOM   745  C  CE1 . HIS A 1 102 ? -7.720  -6.588  -5.489  1.00 17.33 ? 102 HIS A CE1 1 
ATOM   746  N  NE2 . HIS A 1 102 ? -6.855  -5.870  -6.204  1.00 17.86 ? 102 HIS A NE2 1 
ATOM   747  N  N   . TRP A 1 103 ? -1.410  -8.521  -4.293  1.00 17.14 ? 103 TRP A N   1 
ATOM   748  C  CA  . TRP A 1 103 ? -0.279  -9.052  -3.552  1.00 16.90 ? 103 TRP A CA  1 
ATOM   749  C  C   . TRP A 1 103 ? -0.126  -8.306  -2.225  1.00 17.16 ? 103 TRP A C   1 
ATOM   750  O  O   . TRP A 1 103 ? -0.041  -7.079  -2.194  1.00 16.76 ? 103 TRP A O   1 
ATOM   751  C  CB  . TRP A 1 103 ? 0.988   -9.011  -4.414  1.00 16.55 ? 103 TRP A CB  1 
ATOM   752  C  CG  . TRP A 1 103 ? 0.950   -10.029 -5.508  1.00 16.19 ? 103 TRP A CG  1 
ATOM   753  C  CD1 . TRP A 1 103 ? 0.352   -9.907  -6.728  1.00 16.08 ? 103 TRP A CD1 1 
ATOM   754  C  CD2 . TRP A 1 103 ? 1.506   -11.353 -5.462  1.00 16.33 ? 103 TRP A CD2 1 
ATOM   755  N  NE1 . TRP A 1 103 ? 0.510   -11.060 -7.450  1.00 16.23 ? 103 TRP A NE1 1 
ATOM   756  C  CE2 . TRP A 1 103 ? 1.215   -11.965 -6.700  1.00 16.25 ? 103 TRP A CE2 1 
ATOM   757  C  CE3 . TRP A 1 103 ? 2.225   -12.080 -4.502  1.00 16.14 ? 103 TRP A CE3 1 
ATOM   758  C  CZ2 . TRP A 1 103 ? 1.612   -13.270 -6.992  1.00 16.27 ? 103 TRP A CZ2 1 
ATOM   759  C  CZ3 . TRP A 1 103 ? 2.616   -13.369 -4.794  1.00 16.05 ? 103 TRP A CZ3 1 
ATOM   760  C  CH2 . TRP A 1 103 ? 2.318   -13.953 -6.027  1.00 15.71 ? 103 TRP A CH2 1 
ATOM   761  N  N   . VAL A 1 104 ? -0.104  -9.068  -1.124  1.00 17.26 ? 104 VAL A N   1 
ATOM   762  C  CA  . VAL A 1 104 ? -0.288  -8.471  0.188   1.00 17.36 ? 104 VAL A CA  1 
ATOM   763  C  C   . VAL A 1 104 ? 0.843   -8.823  1.149   1.00 17.40 ? 104 VAL A C   1 
ATOM   764  O  O   . VAL A 1 104 ? 1.496   -9.863  1.036   1.00 16.96 ? 104 VAL A O   1 
ATOM   765  C  CB  . VAL A 1 104 ? -1.660  -8.802  0.808   1.00 17.50 ? 104 VAL A CB  1 
ATOM   766  C  CG1 . VAL A 1 104 ? -2.761  -7.906  0.253   1.00 17.21 ? 104 VAL A CG1 1 
ATOM   767  C  CG2 . VAL A 1 104 ? -2.021  -10.275 0.694   1.00 17.10 ? 104 VAL A CG2 1 
ATOM   768  N  N   . TYR A 1 105 ? 1.020   -7.902  2.100   1.00 17.29 ? 105 TYR A N   1 
ATOM   769  C  CA  . TYR A 1 105 ? 1.900   -8.013  3.244   1.00 17.34 ? 105 TYR A CA  1 
ATOM   770  C  C   . TYR A 1 105 ? 1.206   -7.341  4.425   1.00 17.51 ? 105 TYR A C   1 
ATOM   771  O  O   . TYR A 1 105 ? 0.778   -6.182  4.317   1.00 17.10 ? 105 TYR A O   1 
ATOM   772  C  CB  . TYR A 1 105 ? 3.225   -7.319  2.936   1.00 18.27 ? 105 TYR A CB  1 
ATOM   773  C  CG  . TYR A 1 105 ? 4.309   -7.577  3.950   1.00 19.48 ? 105 TYR A CG  1 
ATOM   774  C  CD1 . TYR A 1 105 ? 5.028   -8.763  3.938   1.00 19.84 ? 105 TYR A CD1 1 
ATOM   775  C  CD2 . TYR A 1 105 ? 4.605   -6.650  4.937   1.00 20.19 ? 105 TYR A CD2 1 
ATOM   776  C  CE1 . TYR A 1 105 ? 6.027   -9.014  4.863   1.00 20.41 ? 105 TYR A CE1 1 
ATOM   777  C  CE2 . TYR A 1 105 ? 5.603   -6.886  5.870   1.00 20.60 ? 105 TYR A CE2 1 
ATOM   778  C  CZ  . TYR A 1 105 ? 6.314   -8.072  5.836   1.00 20.96 ? 105 TYR A CZ  1 
ATOM   779  O  OH  . TYR A 1 105 ? 7.300   -8.310  6.756   1.00 22.41 ? 105 TYR A OH  1 
ATOM   780  N  N   . SER A 1 106 ? 1.058   -8.101  5.526   1.00 16.98 ? 106 SER A N   1 
ATOM   781  C  CA  . SER A 1 106 ? 0.431   -7.607  6.746   1.00 17.48 ? 106 SER A CA  1 
ATOM   782  C  C   . SER A 1 106 ? 1.445   -6.802  7.543   1.00 17.90 ? 106 SER A C   1 
ATOM   783  O  O   . SER A 1 106 ? 2.610   -7.177  7.610   1.00 18.26 ? 106 SER A O   1 
ATOM   784  C  CB  . SER A 1 106 ? -0.094  -8.724  7.623   1.00 17.44 ? 106 SER A CB  1 
ATOM   785  O  OG  . SER A 1 106 ? -1.278  -9.301  7.103   1.00 17.40 ? 106 SER A OG  1 
ATOM   786  N  N   . ILE A 1 107 ? 0.971   -5.732  8.187   1.00 18.31 ? 107 ILE A N   1 
ATOM   787  C  CA  . ILE A 1 107 ? 1.789   -4.958  9.105   1.00 19.01 ? 107 ILE A CA  1 
ATOM   788  C  C   . ILE A 1 107 ? 0.890   -4.449  10.234  1.00 18.48 ? 107 ILE A C   1 
ATOM   789  O  O   . ILE A 1 107 ? -0.327  -4.523  10.122  1.00 18.53 ? 107 ILE A O   1 
ATOM   790  C  CB  . ILE A 1 107 ? 2.507   -3.820  8.346   1.00 20.36 ? 107 ILE A CB  1 
ATOM   791  C  CG1 . ILE A 1 107 ? 1.523   -2.909  7.606   1.00 20.17 ? 107 ILE A CG1 1 
ATOM   792  C  CG2 . ILE A 1 107 ? 3.586   -4.365  7.411   1.00 20.08 ? 107 ILE A CG2 1 
ATOM   793  C  CD1 . ILE A 1 107 ? 1.432   -1.547  8.221   1.00 21.08 ? 107 ILE A CD1 1 
ATOM   794  N  N   . THR A 1 108 ? 1.497   -3.942  11.318  1.00 18.35 ? 108 THR A N   1 
ATOM   795  C  CA  . THR A 1 108 ? 0.761   -3.458  12.481  1.00 18.17 ? 108 THR A CA  1 
ATOM   796  C  C   . THR A 1 108 ? 1.395   -2.166  12.998  1.00 17.93 ? 108 THR A C   1 
ATOM   797  O  O   . THR A 1 108 ? 2.381   -2.221  13.719  1.00 18.15 ? 108 THR A O   1 
ATOM   798  C  CB  . THR A 1 108 ? 0.736   -4.506  13.605  1.00 17.99 ? 108 THR A CB  1 
ATOM   799  O  OG1 . THR A 1 108 ? 0.175   -5.738  13.149  1.00 19.11 ? 108 THR A OG1 1 
ATOM   800  C  CG2 . THR A 1 108 ? -0.037  -4.043  14.821  1.00 17.55 ? 108 THR A CG2 1 
ATOM   801  N  N   . PRO A 1 109 ? 0.871   -0.960  12.668  1.00 17.67 ? 109 PRO A N   1 
ATOM   802  C  CA  . PRO A 1 109 ? 1.426   0.287   13.201  1.00 18.28 ? 109 PRO A CA  1 
ATOM   803  C  C   . PRO A 1 109 ? 1.442   0.309   14.729  1.00 19.07 ? 109 PRO A C   1 
ATOM   804  O  O   . PRO A 1 109 ? 0.551   -0.268  15.353  1.00 18.85 ? 109 PRO A O   1 
ATOM   805  C  CB  . PRO A 1 109 ? 0.440   1.354   12.690  1.00 18.08 ? 109 PRO A CB  1 
ATOM   806  C  CG  . PRO A 1 109 ? -0.162  0.751   11.443  1.00 17.36 ? 109 PRO A CG  1 
ATOM   807  C  CD  . PRO A 1 109 ? -0.254  -0.728  11.749  1.00 17.92 ? 109 PRO A CD  1 
ATOM   808  N  N   . ASP A 1 110 ? 2.450   0.972   15.325  1.00 20.31 ? 110 ASP A N   1 
ATOM   809  C  CA  . ASP A 1 110 ? 2.532   1.129   16.777  1.00 21.58 ? 110 ASP A CA  1 
ATOM   810  C  C   . ASP A 1 110 ? 2.894   2.570   17.138  1.00 21.70 ? 110 ASP A C   1 
ATOM   811  O  O   . ASP A 1 110 ? 3.032   3.406   16.248  1.00 23.54 ? 110 ASP A O   1 
ATOM   812  C  CB  . ASP A 1 110 ? 3.413   0.064   17.451  1.00 22.28 ? 110 ASP A CB  1 
ATOM   813  C  CG  . ASP A 1 110 ? 4.877   0.105   17.050  1.00 23.55 ? 110 ASP A CG  1 
ATOM   814  O  OD1 . ASP A 1 110 ? 5.301   1.121   16.462  1.00 25.34 ? 110 ASP A OD1 1 
ATOM   815  O  OD2 . ASP A 1 110 ? 5.589   -0.879  17.342  1.00 24.39 ? 110 ASP A OD2 1 
ATOM   816  N  N   . SER A 1 111 ? 3.047   2.839   18.444  1.00 21.25 ? 111 SER A N   1 
ATOM   817  C  CA  . SER A 1 111 ? 3.214   4.173   19.013  1.00 21.41 ? 111 SER A CA  1 
ATOM   818  C  C   . SER A 1 111 ? 4.457   4.920   18.507  1.00 22.38 ? 111 SER A C   1 
ATOM   819  O  O   . SER A 1 111 ? 4.519   6.139   18.661  1.00 23.75 ? 111 SER A O   1 
ATOM   820  C  CB  . SER A 1 111 ? 3.191   4.112   20.515  1.00 20.76 ? 111 SER A CB  1 
ATOM   821  O  OG  . SER A 1 111 ? 4.196   3.224   20.997  1.00 21.04 ? 111 SER A OG  1 
ATOM   822  N  N   . SER A 1 112 ? 5.429   4.210   17.904  1.00 22.19 ? 112 SER A N   1 
ATOM   823  C  CA  . SER A 1 112 ? 6.657   4.790   17.363  1.00 22.23 ? 112 SER A CA  1 
ATOM   824  C  C   . SER A 1 112 ? 6.700   4.674   15.837  1.00 21.39 ? 112 SER A C   1 
ATOM   825  O  O   . SER A 1 112 ? 6.163   3.709   15.299  1.00 21.05 ? 112 SER A O   1 
ATOM   826  C  CB  . SER A 1 112 ? 7.853   4.063   17.923  1.00 22.91 ? 112 SER A CB  1 
ATOM   827  O  OG  . SER A 1 112 ? 8.277   4.633   19.146  1.00 24.42 ? 112 SER A OG  1 
ATOM   828  N  N   . TRP A 1 113 ? 7.410   5.601   15.163  1.00 20.23 ? 113 TRP A N   1 
ATOM   829  C  CA  . TRP A 1 113 ? 7.701   5.501   13.735  1.00 20.05 ? 113 TRP A CA  1 
ATOM   830  C  C   . TRP A 1 113 ? 8.601   4.299   13.432  1.00 20.57 ? 113 TRP A C   1 
ATOM   831  O  O   . TRP A 1 113 ? 9.628   4.099   14.082  1.00 20.55 ? 113 TRP A O   1 
ATOM   832  C  CB  . TRP A 1 113 ? 8.379   6.769   13.206  1.00 19.78 ? 113 TRP A CB  1 
ATOM   833  C  CG  . TRP A 1 113 ? 7.468   7.934   12.991  1.00 19.88 ? 113 TRP A CG  1 
ATOM   834  C  CD1 . TRP A 1 113 ? 7.323   9.011   13.815  1.00 20.22 ? 113 TRP A CD1 1 
ATOM   835  C  CD2 . TRP A 1 113 ? 6.581   8.156   11.879  1.00 19.66 ? 113 TRP A CD2 1 
ATOM   836  N  NE1 . TRP A 1 113 ? 6.405   9.885   13.299  1.00 19.86 ? 113 TRP A NE1 1 
ATOM   837  C  CE2 . TRP A 1 113 ? 5.929   9.389   12.114  1.00 19.72 ? 113 TRP A CE2 1 
ATOM   838  C  CE3 . TRP A 1 113 ? 6.256   7.434   10.723  1.00 19.56 ? 113 TRP A CE3 1 
ATOM   839  C  CZ2 . TRP A 1 113 ? 4.983   9.918   11.231  1.00 19.61 ? 113 TRP A CZ2 1 
ATOM   840  C  CZ3 . TRP A 1 113 ? 5.325   7.957   9.848   1.00 19.39 ? 113 TRP A CZ3 1 
ATOM   841  C  CH2 . TRP A 1 113 ? 4.701   9.185   10.098  1.00 19.59 ? 113 TRP A CH2 1 
ATOM   842  N  N   . LYS A 1 114 ? 8.231   3.535   12.394  1.00 20.30 ? 114 LYS A N   1 
ATOM   843  C  CA  . LYS A 1 114 ? 8.978   2.379   11.923  1.00 20.42 ? 114 LYS A CA  1 
ATOM   844  C  C   . LYS A 1 114 ? 9.128   2.501   10.412  1.00 20.74 ? 114 LYS A C   1 
ATOM   845  O  O   . LYS A 1 114 ? 8.167   2.848   9.727   1.00 21.28 ? 114 LYS A O   1 
ATOM   846  C  CB  . LYS A 1 114 ? 8.167   1.096   12.149  1.00 21.17 ? 114 LYS A CB  1 
ATOM   847  C  CG  . LYS A 1 114 ? 8.592   0.206   13.310  1.00 21.78 ? 114 LYS A CG  1 
ATOM   848  C  CD  . LYS A 1 114 ? 8.414   0.863   14.659  1.00 22.34 ? 114 LYS A CD  1 
ATOM   849  C  CE  . LYS A 1 114 ? 8.546   -0.090  15.826  1.00 22.39 ? 114 LYS A CE  1 
ATOM   850  N  NZ  . LYS A 1 114 ? 8.531   0.643   17.116  1.00 22.29 ? 114 LYS A NZ  1 
ATOM   851  N  N   . THR A 1 115 ? 10.329  2.205   9.902   1.00 20.34 ? 115 THR A N   1 
ATOM   852  C  CA  . THR A 1 115 ? 10.553  2.047   8.473   1.00 20.51 ? 115 THR A CA  1 
ATOM   853  C  C   . THR A 1 115 ? 10.493  0.560   8.149   1.00 20.41 ? 115 THR A C   1 
ATOM   854  O  O   . THR A 1 115 ? 11.388  -0.184  8.544   1.00 21.36 ? 115 THR A O   1 
ATOM   855  C  CB  . THR A 1 115 ? 11.933  2.571   8.037   1.00 20.85 ? 115 THR A CB  1 
ATOM   856  O  OG1 . THR A 1 115 ? 12.019  3.946   8.408   1.00 22.24 ? 115 THR A OG1 1 
ATOM   857  C  CG2 . THR A 1 115 ? 12.202  2.439   6.554   1.00 19.56 ? 115 THR A CG2 1 
ATOM   858  N  N   . ILE A 1 116 ? 9.438   0.161   7.433   1.00 19.57 ? 116 ILE A N   1 
ATOM   859  C  CA  . ILE A 1 116 ? 9.241   -1.200  6.976   1.00 19.93 ? 116 ILE A CA  1 
ATOM   860  C  C   . ILE A 1 116 ? 9.709   -1.249  5.524   1.00 20.59 ? 116 ILE A C   1 
ATOM   861  O  O   . ILE A 1 116 ? 9.191   -0.498  4.696   1.00 22.06 ? 116 ILE A O   1 
ATOM   862  C  CB  . ILE A 1 116 ? 7.750   -1.590  7.100   1.00 19.95 ? 116 ILE A CB  1 
ATOM   863  C  CG1 . ILE A 1 116 ? 7.233   -1.437  8.533   1.00 20.12 ? 116 ILE A CG1 1 
ATOM   864  C  CG2 . ILE A 1 116 ? 7.499   -2.996  6.576   1.00 19.57 ? 116 ILE A CG2 1 
ATOM   865  C  CD1 . ILE A 1 116 ? 6.565   -0.119  8.811   1.00 19.71 ? 116 ILE A CD1 1 
ATOM   866  N  N   . GLU A 1 117 ? 10.703  -2.102  5.235   1.00 20.44 ? 117 GLU A N   1 
ATOM   867  C  CA  . GLU A 1 117 ? 11.187  -2.306  3.879   1.00 20.05 ? 117 GLU A CA  1 
ATOM   868  C  C   . GLU A 1 117 ? 10.866  -3.735  3.477   1.00 19.82 ? 117 GLU A C   1 
ATOM   869  O  O   . GLU A 1 117 ? 11.499  -4.655  3.988   1.00 20.99 ? 117 GLU A O   1 
ATOM   870  C  CB  . GLU A 1 117 ? 12.707  -2.206  3.807   1.00 20.31 ? 117 GLU A CB  1 
ATOM   871  C  CG  . GLU A 1 117 ? 13.270  -0.854  4.188   1.00 21.19 ? 117 GLU A CG  1 
ATOM   872  C  CD  . GLU A 1 117 ? 14.724  -0.670  3.771   1.00 22.05 ? 117 GLU A CD  1 
ATOM   873  O  OE1 . GLU A 1 117 ? 15.463  -1.690  3.670   1.00 21.26 ? 117 GLU A OE1 1 
ATOM   874  O  OE2 . GLU A 1 117 ? 15.116  0.494   3.524   1.00 23.34 ? 117 GLU A OE2 1 
ATOM   875  N  N   . ILE A 1 118 ? 9.892   -3.907  2.575   1.00 18.76 ? 118 ILE A N   1 
ATOM   876  C  CA  . ILE A 1 118 ? 9.447   -5.236  2.187   1.00 17.94 ? 118 ILE A CA  1 
ATOM   877  C  C   . ILE A 1 118 ? 10.106  -5.607  0.865   1.00 17.43 ? 118 ILE A C   1 
ATOM   878  O  O   . ILE A 1 118 ? 9.940   -4.899  -0.126  1.00 16.71 ? 118 ILE A O   1 
ATOM   879  C  CB  . ILE A 1 118 ? 7.909   -5.332  2.098   1.00 17.92 ? 118 ILE A CB  1 
ATOM   880  C  CG1 . ILE A 1 118 ? 7.236   -4.725  3.333   1.00 18.13 ? 118 ILE A CG1 1 
ATOM   881  C  CG2 . ILE A 1 118 ? 7.485   -6.780  1.908   1.00 17.12 ? 118 ILE A CG2 1 
ATOM   882  C  CD1 . ILE A 1 118 ? 5.877   -4.108  3.080   1.00 18.30 ? 118 ILE A CD1 1 
ATOM   883  N  N   . PRO A 1 119 ? 10.890  -6.709  0.820   1.00 17.29 ? 119 PRO A N   1 
ATOM   884  C  CA  . PRO A 1 119 ? 11.272  -7.320  -0.450  1.00 17.63 ? 119 PRO A CA  1 
ATOM   885  C  C   . PRO A 1 119 ? 10.013  -7.706  -1.222  1.00 17.45 ? 119 PRO A C   1 
ATOM   886  O  O   . PRO A 1 119 ? 9.033   -8.164  -0.635  1.00 17.13 ? 119 PRO A O   1 
ATOM   887  C  CB  . PRO A 1 119 ? 12.014  -8.601  -0.021  1.00 17.46 ? 119 PRO A CB  1 
ATOM   888  C  CG  . PRO A 1 119 ? 12.553  -8.293  1.354   1.00 16.63 ? 119 PRO A CG  1 
ATOM   889  C  CD  . PRO A 1 119 ? 11.506  -7.389  1.974   1.00 17.53 ? 119 PRO A CD  1 
ATOM   890  N  N   . PHE A 1 120 ? 10.063  -7.538  -2.545  1.00 17.03 ? 120 PHE A N   1 
ATOM   891  C  CA  . PHE A 1 120 ? 8.954   -7.923  -3.400  1.00 17.24 ? 120 PHE A CA  1 
ATOM   892  C  C   . PHE A 1 120 ? 8.654   -9.415  -3.246  1.00 17.11 ? 120 PHE A C   1 
ATOM   893  O  O   . PHE A 1 120 ? 7.497   -9.820  -3.352  1.00 16.67 ? 120 PHE A O   1 
ATOM   894  C  CB  . PHE A 1 120 ? 9.210   -7.508  -4.851  1.00 16.96 ? 120 PHE A CB  1 
ATOM   895  C  CG  . PHE A 1 120 ? 9.335   -6.023  -5.094  1.00 16.79 ? 120 PHE A CG  1 
ATOM   896  C  CD1 . PHE A 1 120 ? 8.350   -5.143  -4.661  1.00 16.47 ? 120 PHE A CD1 1 
ATOM   897  C  CD2 . PHE A 1 120 ? 10.428  -5.507  -5.784  1.00 16.23 ? 120 PHE A CD2 1 
ATOM   898  C  CE1 . PHE A 1 120 ? 8.469   -3.778  -4.892  1.00 16.62 ? 120 PHE A CE1 1 
ATOM   899  C  CE2 . PHE A 1 120 ? 10.543  -4.144  -6.019  1.00 15.88 ? 120 PHE A CE2 1 
ATOM   900  C  CZ  . PHE A 1 120 ? 9.567   -3.280  -5.570  1.00 16.16 ? 120 PHE A CZ  1 
ATOM   901  N  N   . SER A 1 121 ? 9.692   -10.217 -2.969  1.00 17.35 ? 121 SER A N   1 
ATOM   902  C  CA  . SER A 1 121 ? 9.536   -11.660 -2.812  1.00 17.76 ? 121 SER A CA  1 
ATOM   903  C  C   . SER A 1 121 ? 8.958   -12.062 -1.447  1.00 18.08 ? 121 SER A C   1 
ATOM   904  O  O   . SER A 1 121 ? 8.782   -13.250 -1.187  1.00 18.38 ? 121 SER A O   1 
ATOM   905  C  CB  . SER A 1 121 ? 10.812  -12.403 -3.117  1.00 16.79 ? 121 SER A CB  1 
ATOM   906  O  OG  . SER A 1 121 ? 11.842  -11.995 -2.236  1.00 16.78 ? 121 SER A OG  1 
ATOM   907  N  N   . SER A 1 122 ? 8.661   -11.089 -0.568  1.00 18.67 ? 122 SER A N   1 
ATOM   908  C  CA  . SER A 1 122 ? 8.011   -11.376 0.711   1.00 18.55 ? 122 SER A CA  1 
ATOM   909  C  C   . SER A 1 122 ? 6.513   -11.071 0.665   1.00 18.68 ? 122 SER A C   1 
ATOM   910  O  O   . SER A 1 122 ? 5.817   -11.303 1.651   1.00 18.93 ? 122 SER A O   1 
ATOM   911  C  CB  . SER A 1 122 ? 8.632   -10.636 1.869   1.00 17.85 ? 122 SER A CB  1 
ATOM   912  O  OG  . SER A 1 122 ? 10.015  -10.446 1.667   1.00 18.54 ? 122 SER A OG  1 
ATOM   913  N  N   . PHE A 1 123 ? 6.031   -10.504 -0.448  1.00 18.69 ? 123 PHE A N   1 
ATOM   914  C  CA  . PHE A 1 123 ? 4.595   -10.349 -0.632  1.00 19.69 ? 123 PHE A CA  1 
ATOM   915  C  C   . PHE A 1 123 ? 3.987   -11.723 -0.874  1.00 19.84 ? 123 PHE A C   1 
ATOM   916  O  O   . PHE A 1 123 ? 4.648   -12.603 -1.415  1.00 21.19 ? 123 PHE A O   1 
ATOM   917  C  CB  . PHE A 1 123 ? 4.269   -9.387  -1.776  1.00 19.02 ? 123 PHE A CB  1 
ATOM   918  C  CG  . PHE A 1 123 ? 4.498   -7.943  -1.416  1.00 19.34 ? 123 PHE A CG  1 
ATOM   919  C  CD1 . PHE A 1 123 ? 5.776   -7.405  -1.459  1.00 18.83 ? 123 PHE A CD1 1 
ATOM   920  C  CD2 . PHE A 1 123 ? 3.447   -7.131  -1.007  1.00 19.30 ? 123 PHE A CD2 1 
ATOM   921  C  CE1 . PHE A 1 123 ? 5.998   -6.083  -1.106  1.00 18.63 ? 123 PHE A CE1 1 
ATOM   922  C  CE2 . PHE A 1 123 ? 3.669   -5.807  -0.653  1.00 19.23 ? 123 PHE A CE2 1 
ATOM   923  C  CZ  . PHE A 1 123 ? 4.947   -5.289  -0.698  1.00 19.15 ? 123 PHE A CZ  1 
ATOM   924  N  N   . ARG A 1 124 ? 2.738   -11.905 -0.446  1.00 19.58 ? 124 ARG A N   1 
ATOM   925  C  CA  . ARG A 1 124 ? 2.041   -13.147 -0.722  1.00 19.47 ? 124 ARG A CA  1 
ATOM   926  C  C   . ARG A 1 124 ? 0.810   -12.793 -1.534  1.00 19.67 ? 124 ARG A C   1 
ATOM   927  O  O   . ARG A 1 124 ? 0.319   -11.669 -1.445  1.00 20.71 ? 124 ARG A O   1 
ATOM   928  C  CB  . ARG A 1 124 ? 1.644   -13.864 0.575   1.00 19.78 ? 124 ARG A CB  1 
ATOM   929  C  CG  . ARG A 1 124 ? 2.823   -14.329 1.420   1.00 20.43 ? 124 ARG A CG  1 
ATOM   930  C  CD  . ARG A 1 124 ? 3.664   -15.402 0.734   1.00 20.67 ? 124 ARG A CD  1 
ATOM   931  N  NE  . ARG A 1 124 ? 4.952   -15.664 1.377   1.00 21.29 ? 124 ARG A NE  1 
ATOM   932  C  CZ  . ARG A 1 124 ? 6.129   -15.152 0.995   1.00 22.03 ? 124 ARG A CZ  1 
ATOM   933  N  NH1 . ARG A 1 124 ? 6.209   -14.344 -0.052  1.00 22.27 ? 124 ARG A NH1 1 
ATOM   934  N  NH2 . ARG A 1 124 ? 7.233   -15.460 1.655   1.00 21.88 ? 124 ARG A NH2 1 
ATOM   935  N  N   . ARG A 1 125 ? 0.354   -13.748 -2.344  1.00 19.44 ? 125 ARG A N   1 
ATOM   936  C  CA  . ARG A 1 125 ? -0.853  -13.555 -3.126  1.00 18.79 ? 125 ARG A CA  1 
ATOM   937  C  C   . ARG A 1 125 ? -2.039  -13.465 -2.166  1.00 17.79 ? 125 ARG A C   1 
ATOM   938  O  O   . ARG A 1 125 ? -2.115  -14.239 -1.224  1.00 17.19 ? 125 ARG A O   1 
ATOM   939  C  CB  . ARG A 1 125 ? -1.004  -14.721 -4.104  1.00 19.25 ? 125 ARG A CB  1 
ATOM   940  C  CG  . ARG A 1 125 ? -2.102  -14.515 -5.136  1.00 19.57 ? 125 ARG A CG  1 
ATOM   941  C  CD  . ARG A 1 125 ? -2.380  -15.800 -5.885  1.00 20.03 ? 125 ARG A CD  1 
ATOM   942  N  NE  . ARG A 1 125 ? -2.979  -16.806 -5.018  1.00 20.72 ? 125 ARG A NE  1 
ATOM   943  C  CZ  . ARG A 1 125 ? -4.282  -16.942 -4.801  1.00 20.39 ? 125 ARG A CZ  1 
ATOM   944  N  NH1 . ARG A 1 125 ? -5.143  -16.118 -5.375  1.00 19.78 ? 125 ARG A NH1 1 
ATOM   945  N  NH2 . ARG A 1 125 ? -4.716  -17.901 -3.997  1.00 20.74 ? 125 ARG A NH2 1 
ATOM   946  N  N   . ARG A 1 126 ? -2.949  -12.513 -2.417  1.00 17.56 ? 126 ARG A N   1 
ATOM   947  C  CA  . ARG A 1 126 ? -4.127  -12.293 -1.588  1.00 17.45 ? 126 ARG A CA  1 
ATOM   948  C  C   . ARG A 1 126 ? -5.065  -13.499 -1.626  1.00 16.85 ? 126 ARG A C   1 
ATOM   949  O  O   . ARG A 1 126 ? -5.428  -13.991 -2.688  1.00 17.12 ? 126 ARG A O   1 
ATOM   950  C  CB  . ARG A 1 126 ? -4.874  -11.025 -2.014  1.00 17.62 ? 126 ARG A CB  1 
ATOM   951  C  CG  . ARG A 1 126 ? -5.977  -10.631 -1.044  1.00 17.77 ? 126 ARG A CG  1 
ATOM   952  C  CD  . ARG A 1 126 ? -6.683  -9.328  -1.362  1.00 18.37 ? 126 ARG A CD  1 
ATOM   953  N  NE  . ARG A 1 126 ? -7.770  -9.093  -0.420  1.00 18.19 ? 126 ARG A NE  1 
ATOM   954  C  CZ  . ARG A 1 126 ? -8.732  -8.191  -0.562  1.00 18.20 ? 126 ARG A CZ  1 
ATOM   955  N  NH1 . ARG A 1 126 ? -8.772  -7.401  -1.625  1.00 18.04 ? 126 ARG A NH1 1 
ATOM   956  N  NH2 . ARG A 1 126 ? -9.667  -8.096  0.364   1.00 18.58 ? 126 ARG A NH2 1 
ATOM   957  N  N   . LEU A 1 127 ? -5.511  -13.931 -0.445  1.00 16.57 ? 127 LEU A N   1 
ATOM   958  C  CA  . LEU A 1 127 ? -6.243  -15.180 -0.318  1.00 16.15 ? 127 LEU A CA  1 
ATOM   959  C  C   . LEU A 1 127 ? -7.741  -14.953 -0.146  1.00 15.49 ? 127 LEU A C   1 
ATOM   960  O  O   . LEU A 1 127 ? -8.515  -15.848 -0.465  1.00 15.03 ? 127 LEU A O   1 
ATOM   961  C  CB  . LEU A 1 127 ? -5.675  -16.004 0.845   1.00 16.45 ? 127 LEU A CB  1 
ATOM   962  C  CG  . LEU A 1 127 ? -4.181  -16.321 0.785   1.00 16.02 ? 127 LEU A CG  1 
ATOM   963  C  CD1 . LEU A 1 127 ? -3.763  -17.126 2.004   1.00 15.81 ? 127 LEU A CD1 1 
ATOM   964  C  CD2 . LEU A 1 127 ? -3.840  -17.080 -0.494  1.00 16.08 ? 127 LEU A CD2 1 
ATOM   965  N  N   . ASP A 1 128 ? -8.141  -13.782 0.368   1.00 15.83 ? 128 ASP A N   1 
ATOM   966  C  CA  . ASP A 1 128 ? -9.551  -13.521 0.627   1.00 16.38 ? 128 ASP A CA  1 
ATOM   967  C  C   . ASP A 1 128 ? -10.287 -13.016 -0.616  1.00 16.80 ? 128 ASP A C   1 
ATOM   968  O  O   . ASP A 1 128 ? -11.500 -13.202 -0.697  1.00 17.30 ? 128 ASP A O   1 
ATOM   969  C  CB  . ASP A 1 128 ? -9.786  -12.629 1.849   1.00 16.39 ? 128 ASP A CB  1 
ATOM   970  C  CG  . ASP A 1 128 ? -9.123  -11.269 1.760   1.00 17.03 ? 128 ASP A CG  1 
ATOM   971  O  OD1 . ASP A 1 128 ? -8.065  -11.175 1.115   1.00 17.58 ? 128 ASP A OD1 1 
ATOM   972  O  OD2 . ASP A 1 128 ? -9.658  -10.310 2.346   1.00 17.10 ? 128 ASP A OD2 1 
ATOM   973  N  N   . TYR A 1 129 ? -9.572  -12.394 -1.574  1.00 16.77 ? 129 TYR A N   1 
ATOM   974  C  CA  . TYR A 1 129 ? -10.207 -11.769 -2.733  1.00 16.97 ? 129 TYR A CA  1 
ATOM   975  C  C   . TYR A 1 129 ? -9.237  -11.638 -3.911  1.00 16.86 ? 129 TYR A C   1 
ATOM   976  O  O   . TYR A 1 129 ? -8.067  -11.304 -3.735  1.00 16.79 ? 129 TYR A O   1 
ATOM   977  C  CB  . TYR A 1 129 ? -10.828 -10.413 -2.350  1.00 17.18 ? 129 TYR A CB  1 
ATOM   978  C  CG  . TYR A 1 129 ? -11.441 -9.620  -3.484  1.00 17.76 ? 129 TYR A CG  1 
ATOM   979  C  CD1 . TYR A 1 129 ? -12.769 -9.789  -3.861  1.00 17.82 ? 129 TYR A CD1 1 
ATOM   980  C  CD2 . TYR A 1 129 ? -10.685 -8.705  -4.204  1.00 17.82 ? 129 TYR A CD2 1 
ATOM   981  C  CE1 . TYR A 1 129 ? -13.322 -9.077  -4.917  1.00 17.49 ? 129 TYR A CE1 1 
ATOM   982  C  CE2 . TYR A 1 129 ? -11.222 -7.985  -5.259  1.00 17.92 ? 129 TYR A CE2 1 
ATOM   983  C  CZ  . TYR A 1 129 ? -12.547 -8.166  -5.618  1.00 17.98 ? 129 TYR A CZ  1 
ATOM   984  O  OH  . TYR A 1 129 ? -13.049 -7.439  -6.665  1.00 17.90 ? 129 TYR A OH  1 
ATOM   985  N  N   . GLN A 1 130 ? -9.747  -11.886 -5.124  1.00 16.68 ? 130 GLN A N   1 
ATOM   986  C  CA  . GLN A 1 130 ? -9.078  -11.477 -6.349  1.00 17.12 ? 130 GLN A CA  1 
ATOM   987  C  C   . GLN A 1 130 ? -10.071 -10.730 -7.232  1.00 17.57 ? 130 GLN A C   1 
ATOM   988  O  O   . GLN A 1 130 ? -11.258 -11.047 -7.252  1.00 17.96 ? 130 GLN A O   1 
ATOM   989  C  CB  . GLN A 1 130 ? -8.510  -12.668 -7.125  1.00 16.63 ? 130 GLN A CB  1 
ATOM   990  C  CG  . GLN A 1 130 ? -7.274  -13.287 -6.486  1.00 16.53 ? 130 GLN A CG  1 
ATOM   991  C  CD  . GLN A 1 130 ? -6.049  -12.403 -6.391  1.00 16.21 ? 130 GLN A CD  1 
ATOM   992  O  OE1 . GLN A 1 130 ? -5.909  -11.376 -7.063  1.00 15.95 ? 130 GLN A OE1 1 
ATOM   993  N  NE2 . GLN A 1 130 ? -5.127  -12.821 -5.545  1.00 15.62 ? 130 GLN A NE2 1 
ATOM   994  N  N   . PRO A 1 131 ? -9.640  -9.720  -8.014  1.00 18.18 ? 131 PRO A N   1 
ATOM   995  C  CA  . PRO A 1 131 ? -10.586 -8.994  -8.848  1.00 18.67 ? 131 PRO A CA  1 
ATOM   996  C  C   . PRO A 1 131 ? -10.787 -9.774  -10.141 1.00 19.74 ? 131 PRO A C   1 
ATOM   997  O  O   . PRO A 1 131 ? -9.997  -10.659 -10.478 1.00 21.52 ? 131 PRO A O   1 
ATOM   998  C  CB  . PRO A 1 131 ? -9.854  -7.670  -9.087  1.00 18.74 ? 131 PRO A CB  1 
ATOM   999  C  CG  . PRO A 1 131 ? -8.395  -8.073  -9.139  1.00 18.26 ? 131 PRO A CG  1 
ATOM   1000 C  CD  . PRO A 1 131 ? -8.258  -9.237  -8.176  1.00 18.19 ? 131 PRO A CD  1 
ATOM   1001 N  N   . PRO A 1 132 ? -11.855 -9.478  -10.907 1.00 19.60 ? 132 PRO A N   1 
ATOM   1002 C  CA  . PRO A 1 132 ? -12.080 -10.180 -12.165 1.00 19.71 ? 132 PRO A CA  1 
ATOM   1003 C  C   . PRO A 1 132 ? -10.941 -9.994  -13.173 1.00 20.75 ? 132 PRO A C   1 
ATOM   1004 O  O   . PRO A 1 132 ? -10.806 -10.807 -14.080 1.00 22.38 ? 132 PRO A O   1 
ATOM   1005 C  CB  . PRO A 1 132 ? -13.415 -9.617  -12.678 1.00 19.73 ? 132 PRO A CB  1 
ATOM   1006 C  CG  . PRO A 1 132 ? -13.612 -8.310  -11.929 1.00 19.86 ? 132 PRO A CG  1 
ATOM   1007 C  CD  . PRO A 1 132 ? -12.882 -8.466  -10.612 1.00 19.33 ? 132 PRO A CD  1 
ATOM   1008 N  N   . GLY A 1 133 ? -10.089 -8.969  -12.999 1.00 20.54 ? 133 GLY A N   1 
ATOM   1009 C  CA  . GLY A 1 133 ? -9.111  -8.617  -14.026 1.00 19.87 ? 133 GLY A CA  1 
ATOM   1010 C  C   . GLY A 1 133 ? -7.743  -9.301  -13.913 1.00 19.40 ? 133 GLY A C   1 
ATOM   1011 O  O   . GLY A 1 133 ? -6.823  -8.933  -14.643 1.00 18.87 ? 133 GLY A O   1 
ATOM   1012 N  N   . GLN A 1 134 ? -7.609  -10.321 -13.048 1.00 18.84 ? 134 GLN A N   1 
ATOM   1013 C  CA  . GLN A 1 134 ? -6.298  -10.825 -12.643 1.00 18.49 ? 134 GLN A CA  1 
ATOM   1014 C  C   . GLN A 1 134 ? -5.708  -11.813 -13.657 1.00 18.42 ? 134 GLN A C   1 
ATOM   1015 O  O   . GLN A 1 134 ? -6.442  -12.518 -14.341 1.00 18.00 ? 134 GLN A O   1 
ATOM   1016 C  CB  . GLN A 1 134 ? -6.368  -11.442 -11.241 1.00 18.23 ? 134 GLN A CB  1 
ATOM   1017 C  CG  . GLN A 1 134 ? -7.260  -12.672 -11.127 1.00 17.82 ? 134 GLN A CG  1 
ATOM   1018 C  CD  . GLN A 1 134 ? -6.621  -13.763 -10.304 1.00 18.21 ? 134 GLN A CD  1 
ATOM   1019 O  OE1 . GLN A 1 134 ? -5.399  -13.809 -10.135 1.00 18.66 ? 134 GLN A OE1 1 
ATOM   1020 N  NE2 . GLN A 1 134 ? -7.451  -14.658 -9.790  1.00 17.39 ? 134 GLN A NE2 1 
ATOM   1021 N  N   . ASP A 1 135 ? -4.371  -11.897 -13.717 1.00 18.86 ? 135 ASP A N   1 
ATOM   1022 C  CA  . ASP A 1 135 ? -3.708  -12.779 -14.666 1.00 19.05 ? 135 ASP A CA  1 
ATOM   1023 C  C   . ASP A 1 135 ? -3.726  -14.211 -14.142 1.00 19.09 ? 135 ASP A C   1 
ATOM   1024 O  O   . ASP A 1 135 ? -3.625  -15.149 -14.926 1.00 18.28 ? 135 ASP A O   1 
ATOM   1025 C  CB  . ASP A 1 135 ? -2.282  -12.324 -15.003 1.00 19.96 ? 135 ASP A CB  1 
ATOM   1026 C  CG  . ASP A 1 135 ? -1.254  -12.495 -13.891 1.00 19.99 ? 135 ASP A CG  1 
ATOM   1027 O  OD1 . ASP A 1 135 ? -1.541  -13.199 -12.909 1.00 19.43 ? 135 ASP A OD1 1 
ATOM   1028 O  OD2 . ASP A 1 135 ? -0.161  -11.911 -14.015 1.00 21.28 ? 135 ASP A OD2 1 
ATOM   1029 N  N   . MET A 1 136 ? -3.812  -14.361 -12.811 1.00 19.81 ? 136 MET A N   1 
ATOM   1030 C  CA  . MET A 1 136 ? -3.862  -15.674 -12.182 1.00 19.93 ? 136 MET A CA  1 
ATOM   1031 C  C   . MET A 1 136 ? -2.549  -16.433 -12.441 1.00 19.62 ? 136 MET A C   1 
ATOM   1032 O  O   . MET A 1 136 ? -2.548  -17.646 -12.618 1.00 20.39 ? 136 MET A O   1 
ATOM   1033 C  CB  . MET A 1 136 ? -5.077  -16.453 -12.712 1.00 20.70 ? 136 MET A CB  1 
ATOM   1034 C  CG  . MET A 1 136 ? -5.956  -17.077 -11.630 1.00 22.04 ? 136 MET A CG  1 
ATOM   1035 S  SD  . MET A 1 136 ? -7.563  -17.766 -12.193 1.00 23.79 ? 136 MET A SD  1 
ATOM   1036 C  CE  . MET A 1 136 ? -8.369  -16.310 -12.863 1.00 23.30 ? 136 MET A CE  1 
ATOM   1037 N  N   . SER A 1 137 ? -1.412  -15.721 -12.428 1.00 19.19 ? 137 SER A N   1 
ATOM   1038 C  CA  . SER A 1 137 ? -0.121  -16.300 -12.774 1.00 18.93 ? 137 SER A CA  1 
ATOM   1039 C  C   . SER A 1 137 ? 0.540   -16.966 -11.568 1.00 18.70 ? 137 SER A C   1 
ATOM   1040 O  O   . SER A 1 137 ? 1.428   -17.800 -11.730 1.00 18.57 ? 137 SER A O   1 
ATOM   1041 C  CB  . SER A 1 137 ? 0.805   -15.279 -13.411 1.00 18.81 ? 137 SER A CB  1 
ATOM   1042 O  OG  . SER A 1 137 ? 1.242   -14.302 -12.473 1.00 18.35 ? 137 SER A OG  1 
ATOM   1043 N  N   . GLY A 1 138 ? 0.127   -16.562 -10.364 1.00 18.45 ? 138 GLY A N   1 
ATOM   1044 C  CA  . GLY A 1 138 ? 0.774   -17.018 -9.142  1.00 18.83 ? 138 GLY A CA  1 
ATOM   1045 C  C   . GLY A 1 138 ? 2.140   -16.362 -8.926  1.00 18.45 ? 138 GLY A C   1 
ATOM   1046 O  O   . GLY A 1 138 ? 2.874   -16.728 -8.004  1.00 17.58 ? 138 GLY A O   1 
ATOM   1047 N  N   . THR A 1 139 ? 2.455   -15.385 -9.784  1.00 18.09 ? 139 THR A N   1 
ATOM   1048 C  CA  . THR A 1 139 ? 3.713   -14.658 -9.749  1.00 18.35 ? 139 THR A CA  1 
ATOM   1049 C  C   . THR A 1 139 ? 3.400   -13.168 -9.640  1.00 18.35 ? 139 THR A C   1 
ATOM   1050 O  O   . THR A 1 139 ? 2.350   -12.715 -10.088 1.00 18.17 ? 139 THR A O   1 
ATOM   1051 C  CB  . THR A 1 139 ? 4.574   -14.961 -10.988 1.00 18.18 ? 139 THR A CB  1 
ATOM   1052 O  OG1 . THR A 1 139 ? 3.913   -14.482 -12.166 1.00 18.05 ? 139 THR A OG1 1 
ATOM   1053 C  CG2 . THR A 1 139 ? 4.907   -16.432 -11.128 1.00 17.83 ? 139 THR A CG2 1 
ATOM   1054 N  N   . LEU A 1 140 ? 4.305   -12.421 -9.006  1.00 19.25 ? 140 LEU A N   1 
ATOM   1055 C  CA  . LEU A 1 140 ? 4.212   -10.972 -8.987  1.00 19.39 ? 140 LEU A CA  1 
ATOM   1056 C  C   . LEU A 1 140 ? 5.041   -10.417 -10.149 1.00 19.53 ? 140 LEU A C   1 
ATOM   1057 O  O   . LEU A 1 140 ? 6.262   -10.578 -10.162 1.00 19.91 ? 140 LEU A O   1 
ATOM   1058 C  CB  . LEU A 1 140 ? 4.690   -10.456 -7.624  1.00 18.49 ? 140 LEU A CB  1 
ATOM   1059 C  CG  . LEU A 1 140 ? 4.703   -8.935  -7.473  1.00 18.50 ? 140 LEU A CG  1 
ATOM   1060 C  CD1 . LEU A 1 140 ? 3.427   -8.323  -8.053  1.00 17.78 ? 140 LEU A CD1 1 
ATOM   1061 C  CD2 . LEU A 1 140 ? 4.898   -8.539  -6.021  1.00 17.36 ? 140 LEU A CD2 1 
ATOM   1062 N  N   . ASP A 1 141 ? 4.352   -9.790  -11.117 1.00 18.59 ? 141 ASP A N   1 
ATOM   1063 C  CA  . ASP A 1 141 ? 4.946   -9.331  -12.367 1.00 18.41 ? 141 ASP A CA  1 
ATOM   1064 C  C   . ASP A 1 141 ? 5.293   -7.843  -12.285 1.00 17.18 ? 141 ASP A C   1 
ATOM   1065 O  O   . ASP A 1 141 ? 4.454   -6.990  -12.546 1.00 16.58 ? 141 ASP A O   1 
ATOM   1066 C  CB  . ASP A 1 141 ? 4.015   -9.622  -13.546 1.00 18.61 ? 141 ASP A CB  1 
ATOM   1067 C  CG  . ASP A 1 141 ? 3.527   -11.056 -13.570 1.00 18.94 ? 141 ASP A CG  1 
ATOM   1068 O  OD1 . ASP A 1 141 ? 4.349   -11.938 -13.889 1.00 19.50 ? 141 ASP A OD1 1 
ATOM   1069 O  OD2 . ASP A 1 141 ? 2.331   -11.282 -13.260 1.00 18.86 ? 141 ASP A OD2 1 
ATOM   1070 N  N   . LEU A 1 142 ? 6.561   -7.556  -11.978 1.00 17.13 ? 142 LEU A N   1 
ATOM   1071 C  CA  . LEU A 1 142 ? 7.027   -6.220  -11.624 1.00 17.25 ? 142 LEU A CA  1 
ATOM   1072 C  C   . LEU A 1 142 ? 7.200   -5.307  -12.843 1.00 17.29 ? 142 LEU A C   1 
ATOM   1073 O  O   . LEU A 1 142 ? 7.579   -4.152  -12.680 1.00 17.09 ? 142 LEU A O   1 
ATOM   1074 C  CB  . LEU A 1 142 ? 8.349   -6.336  -10.853 1.00 16.97 ? 142 LEU A CB  1 
ATOM   1075 C  CG  . LEU A 1 142 ? 8.269   -6.962  -9.460  1.00 16.73 ? 142 LEU A CG  1 
ATOM   1076 C  CD1 . LEU A 1 142 ? 9.530   -7.742  -9.123  1.00 16.76 ? 142 LEU A CD1 1 
ATOM   1077 C  CD2 . LEU A 1 142 ? 7.991   -5.908  -8.401  1.00 16.22 ? 142 LEU A CD2 1 
ATOM   1078 N  N   . ASP A 1 143 ? 6.943   -5.815  -14.056 1.00 17.36 ? 143 ASP A N   1 
ATOM   1079 C  CA  . ASP A 1 143 ? 6.871   -4.961  -15.234 1.00 17.76 ? 143 ASP A CA  1 
ATOM   1080 C  C   . ASP A 1 143 ? 5.430   -4.506  -15.501 1.00 17.19 ? 143 ASP A C   1 
ATOM   1081 O  O   . ASP A 1 143 ? 5.158   -3.887  -16.530 1.00 16.67 ? 143 ASP A O   1 
ATOM   1082 C  CB  . ASP A 1 143 ? 7.508   -5.626  -16.460 1.00 18.06 ? 143 ASP A CB  1 
ATOM   1083 C  CG  . ASP A 1 143 ? 6.733   -6.811  -17.021 1.00 18.69 ? 143 ASP A CG  1 
ATOM   1084 O  OD1 . ASP A 1 143 ? 5.667   -7.165  -16.458 1.00 19.29 ? 143 ASP A OD1 1 
ATOM   1085 O  OD2 . ASP A 1 143 ? 7.207   -7.383  -18.018 1.00 18.78 ? 143 ASP A OD2 1 
ATOM   1086 N  N   . ASN A 1 144 ? 4.508   -4.789  -14.570 1.00 16.99 ? 144 ASN A N   1 
ATOM   1087 C  CA  . ASN A 1 144 ? 3.089   -4.627  -14.856 1.00 16.94 ? 144 ASN A CA  1 
ATOM   1088 C  C   . ASN A 1 144 ? 2.288   -4.271  -13.605 1.00 17.09 ? 144 ASN A C   1 
ATOM   1089 O  O   . ASN A 1 144 ? 1.245   -4.870  -13.357 1.00 18.03 ? 144 ASN A O   1 
ATOM   1090 C  CB  . ASN A 1 144 ? 2.506   -5.888  -15.499 1.00 16.70 ? 144 ASN A CB  1 
ATOM   1091 C  CG  . ASN A 1 144 ? 1.291   -5.599  -16.355 1.00 16.77 ? 144 ASN A CG  1 
ATOM   1092 O  OD1 . ASN A 1 144 ? 1.315   -4.681  -17.176 1.00 17.06 ? 144 ASN A OD1 1 
ATOM   1093 N  ND2 . ASN A 1 144 ? 0.236   -6.379  -16.179 1.00 15.75 ? 144 ASN A ND2 1 
ATOM   1094 N  N   . ILE A 1 145 ? 2.753   -3.263  -12.854 1.00 17.13 ? 145 ILE A N   1 
ATOM   1095 C  CA  . ILE A 1 145 ? 2.114   -2.827  -11.617 1.00 17.03 ? 145 ILE A CA  1 
ATOM   1096 C  C   . ILE A 1 145 ? 1.140   -1.686  -11.914 1.00 17.51 ? 145 ILE A C   1 
ATOM   1097 O  O   . ILE A 1 145 ? 1.478   -0.718  -12.593 1.00 16.94 ? 145 ILE A O   1 
ATOM   1098 C  CB  . ILE A 1 145 ? 3.162   -2.407  -10.560 1.00 16.62 ? 145 ILE A CB  1 
ATOM   1099 C  CG1 . ILE A 1 145 ? 4.269   -3.444  -10.343 1.00 16.17 ? 145 ILE A CG1 1 
ATOM   1100 C  CG2 . ILE A 1 145 ? 2.505   -2.005  -9.249  1.00 16.17 ? 145 ILE A CG2 1 
ATOM   1101 C  CD1 . ILE A 1 145 ? 3.779   -4.831  -9.984  1.00 16.17 ? 145 ILE A CD1 1 
ATOM   1102 N  N   . ASP A 1 146 ? -0.070  -1.795  -11.349 1.00 18.54 ? 146 ASP A N   1 
ATOM   1103 C  CA  . ASP A 1 146 ? -1.092  -0.769  -11.492 1.00 18.82 ? 146 ASP A CA  1 
ATOM   1104 C  C   . ASP A 1 146 ? -1.090  0.187   -10.297 1.00 18.33 ? 146 ASP A C   1 
ATOM   1105 O  O   . ASP A 1 146 ? -1.042  1.401   -10.479 1.00 18.66 ? 146 ASP A O   1 
ATOM   1106 C  CB  . ASP A 1 146 ? -2.472  -1.396  -11.708 1.00 19.28 ? 146 ASP A CB  1 
ATOM   1107 C  CG  . ASP A 1 146 ? -3.602  -0.383  -11.614 1.00 19.86 ? 146 ASP A CG  1 
ATOM   1108 O  OD1 . ASP A 1 146 ? -3.696  0.492   -12.512 1.00 20.69 ? 146 ASP A OD1 1 
ATOM   1109 O  OD2 . ASP A 1 146 ? -4.362  -0.452  -10.631 1.00 20.14 ? 146 ASP A OD2 1 
ATOM   1110 N  N   . SER A 1 147 ? -1.148  -0.358  -9.073  1.00 18.02 ? 147 SER A N   1 
ATOM   1111 C  CA  . SER A 1 147 ? -1.556  0.451   -7.932  1.00 17.54 ? 147 SER A CA  1 
ATOM   1112 C  C   . SER A 1 147 ? -1.051  -0.104  -6.602  1.00 17.58 ? 147 SER A C   1 
ATOM   1113 O  O   . SER A 1 147 ? -0.991  -1.315  -6.410  1.00 17.41 ? 147 SER A O   1 
ATOM   1114 C  CB  . SER A 1 147 ? -3.060  0.588   -7.905  1.00 17.10 ? 147 SER A CB  1 
ATOM   1115 O  OG  . SER A 1 147 ? -3.701  -0.680  -7.957  1.00 16.29 ? 147 SER A OG  1 
ATOM   1116 N  N   . ILE A 1 148 ? -0.747  0.810   -5.672  1.00 17.86 ? 148 ILE A N   1 
ATOM   1117 C  CA  . ILE A 1 148 ? -0.450  0.466   -4.289  1.00 18.11 ? 148 ILE A CA  1 
ATOM   1118 C  C   . ILE A 1 148 ? -1.600  0.920   -3.387  1.00 18.62 ? 148 ILE A C   1 
ATOM   1119 O  O   . ILE A 1 148 ? -2.292  1.899   -3.693  1.00 18.12 ? 148 ILE A O   1 
ATOM   1120 C  CB  . ILE A 1 148 ? 0.903   1.053   -3.829  1.00 18.48 ? 148 ILE A CB  1 
ATOM   1121 C  CG1 . ILE A 1 148 ? 0.994   2.564   -4.070  1.00 18.79 ? 148 ILE A CG1 1 
ATOM   1122 C  CG2 . ILE A 1 148 ? 2.057   0.302   -4.482  1.00 18.36 ? 148 ILE A CG2 1 
ATOM   1123 C  CD1 . ILE A 1 148 ? 2.069   3.248   -3.265  1.00 20.00 ? 148 ILE A CD1 1 
ATOM   1124 N  N   . HIS A 1 149 ? -1.783  0.194   -2.268  1.00 18.88 ? 149 HIS A N   1 
ATOM   1125 C  CA  . HIS A 1 149 ? -2.851  0.490   -1.320  1.00 19.34 ? 149 HIS A CA  1 
ATOM   1126 C  C   . HIS A 1 149 ? -2.425  0.279   0.130   1.00 18.96 ? 149 HIS A C   1 
ATOM   1127 O  O   . HIS A 1 149 ? -1.597  -0.579  0.436   1.00 18.55 ? 149 HIS A O   1 
ATOM   1128 C  CB  . HIS A 1 149 ? -4.053  -0.443  -1.495  1.00 19.67 ? 149 HIS A CB  1 
ATOM   1129 C  CG  . HIS A 1 149 ? -4.505  -0.661  -2.894  1.00 20.31 ? 149 HIS A CG  1 
ATOM   1130 N  ND1 . HIS A 1 149 ? -5.797  -0.396  -3.289  1.00 20.91 ? 149 HIS A ND1 1 
ATOM   1131 C  CD2 . HIS A 1 149 ? -3.872  -1.179  -3.968  1.00 20.26 ? 149 HIS A CD2 1 
ATOM   1132 C  CE1 . HIS A 1 149 ? -5.936  -0.721  -4.556  1.00 21.25 ? 149 HIS A CE1 1 
ATOM   1133 N  NE2 . HIS A 1 149 ? -4.763  -1.195  -4.998  1.00 20.69 ? 149 HIS A NE2 1 
ATOM   1134 N  N   . PHE A 1 150 ? -3.070  1.044   1.020   1.00 18.41 ? 150 PHE A N   1 
ATOM   1135 C  CA  . PHE A 1 150 ? -3.238  0.661   2.410   1.00 17.91 ? 150 PHE A CA  1 
ATOM   1136 C  C   . PHE A 1 150 ? -4.702  0.274   2.602   1.00 18.17 ? 150 PHE A C   1 
ATOM   1137 O  O   . PHE A 1 150 ? -5.586  0.992   2.131   1.00 18.34 ? 150 PHE A O   1 
ATOM   1138 C  CB  . PHE A 1 150 ? -2.807  1.805   3.331   1.00 17.47 ? 150 PHE A CB  1 
ATOM   1139 C  CG  . PHE A 1 150 ? -1.323  2.077   3.337   1.00 17.32 ? 150 PHE A CG  1 
ATOM   1140 C  CD1 . PHE A 1 150 ? -0.466  1.325   4.127   1.00 16.75 ? 150 PHE A CD1 1 
ATOM   1141 C  CD2 . PHE A 1 150 ? -0.778  3.079   2.542   1.00 17.62 ? 150 PHE A CD2 1 
ATOM   1142 C  CE1 . PHE A 1 150 ? 0.901   1.573   4.129   1.00 16.55 ? 150 PHE A CE1 1 
ATOM   1143 C  CE2 . PHE A 1 150 ? 0.590   3.328   2.543   1.00 17.05 ? 150 PHE A CE2 1 
ATOM   1144 C  CZ  . PHE A 1 150 ? 1.426   2.571   3.336   1.00 16.66 ? 150 PHE A CZ  1 
ATOM   1145 N  N   . MET A 1 151 ? -4.951  -0.863  3.279   1.00 18.19 ? 151 MET A N   1 
ATOM   1146 C  CA  . MET A 1 151 ? -6.293  -1.432  3.331   1.00 17.88 ? 151 MET A CA  1 
ATOM   1147 C  C   . MET A 1 151 ? -6.500  -2.306  4.574   1.00 18.38 ? 151 MET A C   1 
ATOM   1148 O  O   . MET A 1 151 ? -5.548  -2.611  5.289   1.00 19.02 ? 151 MET A O   1 
ATOM   1149 C  CB  . MET A 1 151 ? -6.565  -2.267  2.074   1.00 16.80 ? 151 MET A CB  1 
ATOM   1150 C  CG  . MET A 1 151 ? -5.712  -3.516  2.000   1.00 16.34 ? 151 MET A CG  1 
ATOM   1151 S  SD  . MET A 1 151 ? -5.993  -4.501  0.507   1.00 15.49 ? 151 MET A SD  1 
ATOM   1152 C  CE  . MET A 1 151 ? -6.915  -5.875  1.190   1.00 15.60 ? 151 MET A CE  1 
ATOM   1153 N  N   . TYR A 1 152 ? -7.762  -2.735  4.772   1.00 18.29 ? 152 TYR A N   1 
ATOM   1154 C  CA  . TYR A 1 152 ? -8.268  -3.476  5.923   1.00 18.35 ? 152 TYR A CA  1 
ATOM   1155 C  C   . TYR A 1 152 ? -7.632  -4.862  6.047   1.00 18.53 ? 152 TYR A C   1 
ATOM   1156 O  O   . TYR A 1 152 ? -7.278  -5.493  5.051   1.00 18.76 ? 152 TYR A O   1 
ATOM   1157 C  CB  . TYR A 1 152 ? -9.798  -3.615  5.842   1.00 17.76 ? 152 TYR A CB  1 
ATOM   1158 C  CG  . TYR A 1 152 ? -10.300 -4.765  5.001   1.00 17.04 ? 152 TYR A CG  1 
ATOM   1159 C  CD1 . TYR A 1 152 ? -10.183 -4.739  3.623   1.00 17.05 ? 152 TYR A CD1 1 
ATOM   1160 C  CD2 . TYR A 1 152 ? -10.864 -5.890  5.582   1.00 17.02 ? 152 TYR A CD2 1 
ATOM   1161 C  CE1 . TYR A 1 152 ? -10.615 -5.799  2.841   1.00 17.49 ? 152 TYR A CE1 1 
ATOM   1162 C  CE2 . TYR A 1 152 ? -11.301 -6.959  4.818   1.00 17.30 ? 152 TYR A CE2 1 
ATOM   1163 C  CZ  . TYR A 1 152 ? -11.181 -6.913  3.440   1.00 17.42 ? 152 TYR A CZ  1 
ATOM   1164 O  OH  . TYR A 1 152 ? -11.622 -7.956  2.677   1.00 16.68 ? 152 TYR A OH  1 
ATOM   1165 N  N   . ALA A 1 153 ? -7.555  -5.340  7.297   1.00 18.63 ? 153 ALA A N   1 
ATOM   1166 C  CA  . ALA A 1 153 ? -7.138  -6.695  7.625   1.00 18.83 ? 153 ALA A CA  1 
ATOM   1167 C  C   . ALA A 1 153 ? -8.189  -7.388  8.493   1.00 19.14 ? 153 ALA A C   1 
ATOM   1168 O  O   . ALA A 1 153 ? -8.185  -8.608  8.604   1.00 19.69 ? 153 ALA A O   1 
ATOM   1169 C  CB  . ALA A 1 153 ? -5.809  -6.659  8.338   1.00 18.70 ? 153 ALA A CB  1 
ATOM   1170 N  N   . ASN A 1 154 ? -9.076  -6.609  9.126   1.00 19.31 ? 154 ASN A N   1 
ATOM   1171 C  CA  . ASN A 1 154 ? -10.022 -7.127  10.106  1.00 19.04 ? 154 ASN A CA  1 
ATOM   1172 C  C   . ASN A 1 154 ? -11.212 -6.167  10.217  1.00 19.54 ? 154 ASN A C   1 
ATOM   1173 O  O   . ASN A 1 154 ? -11.348 -5.262  9.395   1.00 20.77 ? 154 ASN A O   1 
ATOM   1174 C  CB  . ASN A 1 154 ? -9.329  -7.363  11.448  1.00 18.28 ? 154 ASN A CB  1 
ATOM   1175 C  CG  . ASN A 1 154 ? -8.710  -6.096  12.000  1.00 17.87 ? 154 ASN A CG  1 
ATOM   1176 O  OD1 . ASN A 1 154 ? -9.354  -5.059  12.048  1.00 17.55 ? 154 ASN A OD1 1 
ATOM   1177 N  ND2 . ASN A 1 154 ? -7.458  -6.159  12.414  1.00 18.13 ? 154 ASN A ND2 1 
ATOM   1178 N  N   . ASN A 1 155 ? -12.044 -6.336  11.261  1.00 19.27 ? 155 ASN A N   1 
ATOM   1179 C  CA  . ASN A 1 155 ? -13.253 -5.539  11.445  1.00 19.04 ? 155 ASN A CA  1 
ATOM   1180 C  C   . ASN A 1 155 ? -13.114 -4.511  12.574  1.00 19.15 ? 155 ASN A C   1 
ATOM   1181 O  O   . ASN A 1 155 ? -14.117 -3.947  13.010  1.00 19.60 ? 155 ASN A O   1 
ATOM   1182 C  CB  . ASN A 1 155 ? -14.482 -6.418  11.708  1.00 19.08 ? 155 ASN A CB  1 
ATOM   1183 C  CG  . ASN A 1 155 ? -14.348 -7.311  12.926  1.00 19.60 ? 155 ASN A CG  1 
ATOM   1184 O  OD1 . ASN A 1 155 ? -13.286 -7.403  13.542  1.00 19.80 ? 155 ASN A OD1 1 
ATOM   1185 N  ND2 . ASN A 1 155 ? -15.427 -7.985  13.279  1.00 20.04 ? 155 ASN A ND2 1 
ATOM   1186 N  N   . LYS A 1 156 ? -11.886 -4.263  13.058  1.00 18.49 ? 156 LYS A N   1 
ATOM   1187 C  CA  . LYS A 1 156 ? -11.648 -3.275  14.104  1.00 17.70 ? 156 LYS A CA  1 
ATOM   1188 C  C   . LYS A 1 156 ? -11.446 -1.898  13.472  1.00 17.73 ? 156 LYS A C   1 
ATOM   1189 O  O   . LYS A 1 156 ? -11.447 -1.771  12.251  1.00 18.89 ? 156 LYS A O   1 
ATOM   1190 C  CB  . LYS A 1 156 ? -10.414 -3.643  14.929  1.00 17.52 ? 156 LYS A CB  1 
ATOM   1191 C  CG  . LYS A 1 156 ? -10.355 -5.070  15.452  1.00 17.97 ? 156 LYS A CG  1 
ATOM   1192 C  CD  . LYS A 1 156 ? -10.839 -5.239  16.871  1.00 18.07 ? 156 LYS A CD  1 
ATOM   1193 C  CE  . LYS A 1 156 ? -11.757 -6.431  17.037  1.00 18.47 ? 156 LYS A CE  1 
ATOM   1194 N  NZ  . LYS A 1 156 ? -13.057 -6.197  16.363  1.00 19.09 ? 156 LYS A NZ  1 
ATOM   1195 N  N   . SER A 1 157 ? -11.247 -0.875  14.312  1.00 17.09 ? 157 SER A N   1 
ATOM   1196 C  CA  . SER A 1 157 ? -11.087 0.500   13.870  1.00 16.88 ? 157 SER A CA  1 
ATOM   1197 C  C   . SER A 1 157 ? -9.694  0.985   14.257  1.00 16.78 ? 157 SER A C   1 
ATOM   1198 O  O   . SER A 1 157 ? -9.080  0.414   15.155  1.00 16.68 ? 157 SER A O   1 
ATOM   1199 C  CB  . SER A 1 157 ? -12.149 1.384   14.485  1.00 17.18 ? 157 SER A CB  1 
ATOM   1200 O  OG  . SER A 1 157 ? -13.446 0.946   14.116  1.00 17.62 ? 157 SER A OG  1 
ATOM   1201 N  N   . GLY A 1 158 ? -9.212  2.059   13.617  1.00 16.55 ? 158 GLY A N   1 
ATOM   1202 C  CA  . GLY A 1 158 ? -7.881  2.554   13.928  1.00 16.90 ? 158 GLY A CA  1 
ATOM   1203 C  C   . GLY A 1 158 ? -7.499  3.823   13.174  1.00 17.41 ? 158 GLY A C   1 
ATOM   1204 O  O   . GLY A 1 158 ? -8.248  4.303   12.324  1.00 18.39 ? 158 GLY A O   1 
ATOM   1205 N  N   . LYS A 1 159 ? -6.322  4.360   13.528  1.00 17.62 ? 159 LYS A N   1 
ATOM   1206 C  CA  . LYS A 1 159 ? -5.751  5.553   12.921  1.00 18.20 ? 159 LYS A CA  1 
ATOM   1207 C  C   . LYS A 1 159 ? -4.244  5.355   12.763  1.00 18.05 ? 159 LYS A C   1 
ATOM   1208 O  O   . LYS A 1 159 ? -3.601  4.845   13.673  1.00 18.73 ? 159 LYS A O   1 
ATOM   1209 C  CB  . LYS A 1 159 ? -6.034  6.779   13.798  1.00 18.35 ? 159 LYS A CB  1 
ATOM   1210 C  CG  . LYS A 1 159 ? -7.427  7.370   13.632  1.00 18.29 ? 159 LYS A CG  1 
ATOM   1211 C  CD  . LYS A 1 159 ? -8.028  7.935   14.897  1.00 18.29 ? 159 LYS A CD  1 
ATOM   1212 C  CE  . LYS A 1 159 ? -9.442  8.447   14.693  1.00 18.34 ? 159 LYS A CE  1 
ATOM   1213 N  NZ  . LYS A 1 159 ? -9.485  9.622   13.785  1.00 17.56 ? 159 LYS A NZ  1 
ATOM   1214 N  N   . PHE A 1 160 ? -3.686  5.759   11.615  1.00 17.48 ? 160 PHE A N   1 
ATOM   1215 C  CA  . PHE A 1 160 ? -2.244  5.711   11.428  1.00 17.70 ? 160 PHE A CA  1 
ATOM   1216 C  C   . PHE A 1 160 ? -1.816  6.778   10.418  1.00 18.18 ? 160 PHE A C   1 
ATOM   1217 O  O   . PHE A 1 160 ? -2.657  7.307   9.692   1.00 17.62 ? 160 PHE A O   1 
ATOM   1218 C  CB  . PHE A 1 160 ? -1.779  4.301   11.052  1.00 17.28 ? 160 PHE A CB  1 
ATOM   1219 C  CG  . PHE A 1 160 ? -2.350  3.806   9.750   1.00 17.75 ? 160 PHE A CG  1 
ATOM   1220 C  CD1 . PHE A 1 160 ? -3.587  3.182   9.710   1.00 17.96 ? 160 PHE A CD1 1 
ATOM   1221 C  CD2 . PHE A 1 160 ? -1.668  3.997   8.558   1.00 17.48 ? 160 PHE A CD2 1 
ATOM   1222 C  CE1 . PHE A 1 160 ? -4.125  2.741   8.509   1.00 17.69 ? 160 PHE A CE1 1 
ATOM   1223 C  CE2 . PHE A 1 160 ? -2.201  3.546   7.364   1.00 17.59 ? 160 PHE A CE2 1 
ATOM   1224 C  CZ  . PHE A 1 160 ? -3.427  2.920   7.340   1.00 17.53 ? 160 PHE A CZ  1 
ATOM   1225 N  N   . VAL A 1 161 ? -0.506  7.100   10.427  1.00 18.61 ? 161 VAL A N   1 
ATOM   1226 C  CA  . VAL A 1 161 ? 0.126   8.083   9.557   1.00 18.65 ? 161 VAL A CA  1 
ATOM   1227 C  C   . VAL A 1 161 ? 1.268   7.417   8.784   1.00 19.25 ? 161 VAL A C   1 
ATOM   1228 O  O   . VAL A 1 161 ? 2.094   6.722   9.378   1.00 19.01 ? 161 VAL A O   1 
ATOM   1229 C  CB  . VAL A 1 161 ? 0.680   9.279   10.355  1.00 18.90 ? 161 VAL A CB  1 
ATOM   1230 C  CG1 . VAL A 1 161 ? 1.117   10.417  9.437   1.00 19.27 ? 161 VAL A CG1 1 
ATOM   1231 C  CG2 . VAL A 1 161 ? -0.291  9.787   11.414  1.00 18.99 ? 161 VAL A CG2 1 
ATOM   1232 N  N   . VAL A 1 162 ? 1.320   7.657   7.460   1.00 19.00 ? 162 VAL A N   1 
ATOM   1233 C  CA  . VAL A 1 162 ? 2.378   7.124   6.606   1.00 19.39 ? 162 VAL A CA  1 
ATOM   1234 C  C   . VAL A 1 162 ? 3.193   8.269   6.006   1.00 19.25 ? 162 VAL A C   1 
ATOM   1235 O  O   . VAL A 1 162 ? 2.731   9.407   5.983   1.00 19.22 ? 162 VAL A O   1 
ATOM   1236 C  CB  . VAL A 1 162 ? 1.891   6.142   5.517   1.00 18.90 ? 162 VAL A CB  1 
ATOM   1237 C  CG1 . VAL A 1 162 ? 1.272   4.884   6.106   1.00 19.22 ? 162 VAL A CG1 1 
ATOM   1238 C  CG2 . VAL A 1 162 ? 0.958   6.791   4.510   1.00 19.38 ? 162 VAL A CG2 1 
ATOM   1239 N  N   . ASP A 1 163 ? 4.404   7.934   5.534   1.00 18.67 ? 163 ASP A N   1 
ATOM   1240 C  CA  . ASP A 1 163 ? 5.344   8.886   4.967   1.00 18.30 ? 163 ASP A CA  1 
ATOM   1241 C  C   . ASP A 1 163 ? 6.451   8.142   4.217   1.00 17.91 ? 163 ASP A C   1 
ATOM   1242 O  O   . ASP A 1 163 ? 6.725   6.972   4.489   1.00 16.79 ? 163 ASP A O   1 
ATOM   1243 C  CB  . ASP A 1 163 ? 5.919   9.795   6.055   1.00 18.32 ? 163 ASP A CB  1 
ATOM   1244 C  CG  . ASP A 1 163 ? 6.527   11.081  5.520   1.00 19.01 ? 163 ASP A CG  1 
ATOM   1245 O  OD1 . ASP A 1 163 ? 6.382   11.347  4.308   1.00 18.92 ? 163 ASP A OD1 1 
ATOM   1246 O  OD2 . ASP A 1 163 ? 7.139   11.814  6.321   1.00 19.67 ? 163 ASP A OD2 1 
ATOM   1247 N  N   . ASN A 1 164 ? 7.039   8.841   3.238   1.00 18.23 ? 164 ASN A N   1 
ATOM   1248 C  CA  . ASN A 1 164 ? 8.235   8.454   2.494   1.00 18.57 ? 164 ASN A CA  1 
ATOM   1249 C  C   . ASN A 1 164 ? 8.133   7.053   1.882   1.00 18.10 ? 164 ASN A C   1 
ATOM   1250 O  O   . ASN A 1 164 ? 8.948   6.175   2.165   1.00 17.41 ? 164 ASN A O   1 
ATOM   1251 C  CB  . ASN A 1 164 ? 9.507   8.715   3.304   1.00 19.40 ? 164 ASN A CB  1 
ATOM   1252 C  CG  . ASN A 1 164 ? 9.585   10.143  3.805   1.00 20.78 ? 164 ASN A CG  1 
ATOM   1253 O  OD1 . ASN A 1 164 ? 9.554   11.094  3.019   1.00 22.56 ? 164 ASN A OD1 1 
ATOM   1254 N  ND2 . ASN A 1 164 ? 9.659   10.311  5.115   1.00 20.40 ? 164 ASN A ND2 1 
ATOM   1255 N  N   . ILE A 1 165 ? 7.159   6.884   0.983   1.00 18.30 ? 165 ILE A N   1 
ATOM   1256 C  CA  . ILE A 1 165 ? 6.967   5.640   0.252   1.00 18.61 ? 165 ILE A CA  1 
ATOM   1257 C  C   . ILE A 1 165 ? 7.882   5.642   -0.969  1.00 18.76 ? 165 ILE A C   1 
ATOM   1258 O  O   . ILE A 1 165 ? 7.780   6.526   -1.821  1.00 18.82 ? 165 ILE A O   1 
ATOM   1259 C  CB  . ILE A 1 165 ? 5.494   5.494   -0.171  1.00 18.44 ? 165 ILE A CB  1 
ATOM   1260 C  CG1 . ILE A 1 165 ? 4.553   5.956   0.948   1.00 18.85 ? 165 ILE A CG1 1 
ATOM   1261 C  CG2 . ILE A 1 165 ? 5.217   4.080   -0.665  1.00 18.05 ? 165 ILE A CG2 1 
ATOM   1262 C  CD1 . ILE A 1 165 ? 3.168   5.327   0.949   1.00 18.71 ? 165 ILE A CD1 1 
ATOM   1263 N  N   . LYS A 1 166 ? 8.747   4.628   -1.054  1.00 18.57 ? 166 LYS A N   1 
ATOM   1264 C  CA  . LYS A 1 166 ? 9.840   4.654   -2.009  1.00 18.99 ? 166 LYS A CA  1 
ATOM   1265 C  C   . LYS A 1 166 ? 10.144  3.239   -2.480  1.00 19.15 ? 166 LYS A C   1 
ATOM   1266 O  O   . LYS A 1 166 ? 9.695   2.278   -1.861  1.00 19.47 ? 166 LYS A O   1 
ATOM   1267 C  CB  . LYS A 1 166 ? 11.079  5.271   -1.348  1.00 18.61 ? 166 LYS A CB  1 
ATOM   1268 C  CG  . LYS A 1 166 ? 11.624  4.523   -0.137  1.00 18.33 ? 166 LYS A CG  1 
ATOM   1269 C  CD  . LYS A 1 166 ? 12.826  5.181   0.512   1.00 18.42 ? 166 LYS A CD  1 
ATOM   1270 C  CE  . LYS A 1 166 ? 12.455  6.442   1.273   1.00 19.26 ? 166 LYS A CE  1 
ATOM   1271 N  NZ  . LYS A 1 166 ? 13.629  7.175   1.812   1.00 18.55 ? 166 LYS A NZ  1 
ATOM   1272 N  N   . LEU A 1 167 ? 10.921  3.139   -3.570  1.00 19.05 ? 167 LEU A N   1 
ATOM   1273 C  CA  . LEU A 1 167 ? 11.474  1.863   -4.007  1.00 19.20 ? 167 LEU A CA  1 
ATOM   1274 C  C   . LEU A 1 167 ? 12.952  1.824   -3.629  1.00 19.19 ? 167 LEU A C   1 
ATOM   1275 O  O   . LEU A 1 167 ? 13.623  2.852   -3.663  1.00 18.34 ? 167 LEU A O   1 
ATOM   1276 C  CB  . LEU A 1 167 ? 11.306  1.690   -5.522  1.00 18.86 ? 167 LEU A CB  1 
ATOM   1277 C  CG  . LEU A 1 167 ? 9.889   1.814   -6.080  1.00 19.23 ? 167 LEU A CG  1 
ATOM   1278 C  CD1 . LEU A 1 167 ? 9.934   2.096   -7.572  1.00 19.36 ? 167 LEU A CD1 1 
ATOM   1279 C  CD2 . LEU A 1 167 ? 9.071   0.561   -5.790  1.00 19.01 ? 167 LEU A CD2 1 
ATOM   1280 N  N   . ILE A 1 168 ? 13.435  0.626   -3.258  1.00 19.36 ? 168 ILE A N   1 
ATOM   1281 C  CA  . ILE A 1 168 ? 14.826  0.408   -2.882  1.00 18.97 ? 168 ILE A CA  1 
ATOM   1282 C  C   . ILE A 1 168 ? 15.454  -0.537  -3.905  1.00 19.41 ? 168 ILE A C   1 
ATOM   1283 O  O   . ILE A 1 168 ? 14.842  -1.543  -4.268  1.00 19.49 ? 168 ILE A O   1 
ATOM   1284 C  CB  . ILE A 1 168 ? 14.948  -0.198  -1.465  1.00 18.35 ? 168 ILE A CB  1 
ATOM   1285 C  CG1 . ILE A 1 168 ? 14.002  0.432   -0.439  1.00 18.47 ? 168 ILE A CG1 1 
ATOM   1286 C  CG2 . ILE A 1 168 ? 16.389  -0.173  -0.983  1.00 18.10 ? 168 ILE A CG2 1 
ATOM   1287 C  CD1 . ILE A 1 168 ? 14.351  1.855   -0.040  1.00 18.73 ? 168 ILE A CD1 1 
ATOM   1288 N  N   . GLY A 1 169 ? 16.687  -0.220  -4.330  1.00 19.50 ? 169 GLY A N   1 
ATOM   1289 C  CA  . GLY A 1 169 ? 17.475  -1.083  -5.202  1.00 19.14 ? 169 GLY A CA  1 
ATOM   1290 C  C   . GLY A 1 169 ? 18.636  -1.756  -4.466  1.00 18.40 ? 169 GLY A C   1 
ATOM   1291 O  O   . GLY A 1 169 ? 18.510  -2.119  -3.300  1.00 17.15 ? 169 GLY A O   1 
ATOM   1292 N  N   . ALA A 1 170 ? 19.773  -1.914  -5.156  1.00 18.93 ? 170 ALA A N   1 
ATOM   1293 C  CA  . ALA A 1 170 ? 20.955  -2.528  -4.563  1.00 19.93 ? 170 ALA A CA  1 
ATOM   1294 C  C   . ALA A 1 170 ? 21.724  -1.503  -3.732  1.00 19.84 ? 170 ALA A C   1 
ATOM   1295 O  O   . ALA A 1 170 ? 21.450  -0.304  -3.808  1.00 20.49 ? 170 ALA A O   1 
ATOM   1296 C  CB  . ALA A 1 170 ? 21.821  -3.158  -5.635  1.00 19.53 ? 170 ALA A CB  1 
ATOM   1297 N  N   . LEU A 1 171 ? 22.702  -1.990  -2.958  1.00 20.22 ? 171 LEU A N   1 
ATOM   1298 C  CA  . LEU A 1 171 ? 23.469  -1.156  -2.042  1.00 20.74 ? 171 LEU A CA  1 
ATOM   1299 C  C   . LEU A 1 171 ? 24.537  -0.362  -2.798  1.00 21.09 ? 171 LEU A C   1 
ATOM   1300 O  O   . LEU A 1 171 ? 24.709  0.834   -2.562  1.00 21.76 ? 171 LEU A O   1 
ATOM   1301 C  CB  . LEU A 1 171 ? 24.065  -2.021  -0.921  1.00 20.29 ? 171 LEU A CB  1 
ATOM   1302 C  CG  . LEU A 1 171 ? 23.063  -2.516  0.125   1.00 20.40 ? 171 LEU A CG  1 
ATOM   1303 C  CD1 . LEU A 1 171 ? 23.745  -3.317  1.230   1.00 20.44 ? 171 LEU A CD1 1 
ATOM   1304 C  CD2 . LEU A 1 171 ? 22.275  -1.354  0.716   1.00 20.97 ? 171 LEU A CD2 1 
ATOM   1305 N  N   . GLU A 1 172 ? 25.257  -1.027  -3.707  1.00 21.58 ? 172 GLU A N   1 
ATOM   1306 C  CA  . GLU A 1 172 ? 26.271  -0.365  -4.517  1.00 22.20 ? 172 GLU A CA  1 
ATOM   1307 C  C   . GLU A 1 172 ? 26.402  -1.105  -5.844  1.00 22.39 ? 172 GLU A C   1 
ATOM   1308 O  O   . GLU A 1 172 ? 25.881  -2.214  -5.994  1.00 22.51 ? 172 GLU A O   1 
ATOM   1309 C  CB  . GLU A 1 172 ? 27.606  -0.287  -3.774  1.00 23.36 ? 172 GLU A CB  1 
ATOM   1310 C  CG  . GLU A 1 172 ? 28.244  -1.643  -3.508  1.00 24.11 ? 172 GLU A CG  1 
ATOM   1311 C  CD  . GLU A 1 172 ? 29.015  -1.694  -2.200  1.00 25.48 ? 172 GLU A CD  1 
ATOM   1312 O  OE1 . GLU A 1 172 ? 28.494  -1.158  -1.185  1.00 25.68 ? 172 GLU A OE1 1 
ATOM   1313 O  OE2 . GLU A 1 172 ? 30.138  -2.256  -2.196  1.00 26.11 ? 172 GLU A OE2 1 
ATOM   1314 N  N   . HIS A 1 173 ? 27.088  -0.473  -6.807  1.00 22.89 ? 173 HIS A N   1 
ATOM   1315 C  CA  . HIS A 1 173 ? 27.163  -1.012  -8.156  1.00 23.22 ? 173 HIS A CA  1 
ATOM   1316 C  C   . HIS A 1 173 ? 27.968  -2.321  -8.160  1.00 24.09 ? 173 HIS A C   1 
ATOM   1317 O  O   . HIS A 1 173 ? 27.660  -3.235  -8.921  1.00 25.48 ? 173 HIS A O   1 
ATOM   1318 C  CB  . HIS A 1 173 ? 27.688  0.036   -9.144  1.00 22.78 ? 173 HIS A CB  1 
ATOM   1319 C  CG  . HIS A 1 173 ? 26.743  1.163   -9.400  1.00 23.04 ? 173 HIS A CG  1 
ATOM   1320 N  ND1 . HIS A 1 173 ? 27.040  2.475   -9.053  1.00 22.90 ? 173 HIS A ND1 1 
ATOM   1321 C  CD2 . HIS A 1 173 ? 25.526  1.195   -9.989  1.00 23.58 ? 173 HIS A CD2 1 
ATOM   1322 C  CE1 . HIS A 1 173 ? 26.040  3.262   -9.400  1.00 22.76 ? 173 HIS A CE1 1 
ATOM   1323 N  NE2 . HIS A 1 173 ? 25.098  2.505   -9.978  1.00 23.55 ? 173 HIS A NE2 1 
HETATM 1324 C  C2  . BGC B 2 .   ? -9.970  2.686   -7.847  1.00 21.96 ? 1   BGC B C2  1 
HETATM 1325 C  C3  . BGC B 2 .   ? -9.715  1.212   -7.637  1.00 21.58 ? 1   BGC B C3  1 
HETATM 1326 C  C4  . BGC B 2 .   ? -9.160  0.866   -8.996  1.00 21.78 ? 1   BGC B C4  1 
HETATM 1327 C  C5  . BGC B 2 .   ? -7.782  1.452   -9.142  1.00 21.66 ? 1   BGC B C5  1 
HETATM 1328 C  C6  . BGC B 2 .   ? -7.093  0.884   -10.358 1.00 22.93 ? 1   BGC B C6  1 
HETATM 1329 C  C1  . BGC B 2 .   ? -8.696  3.380   -8.270  1.00 22.16 ? 1   BGC B C1  1 
HETATM 1330 O  O1  . BGC B 2 .   ? -8.967  4.677   -8.685  1.00 22.45 ? 1   BGC B O1  1 
HETATM 1331 O  O2  . BGC B 2 .   ? -10.449 3.337   -6.704  1.00 23.07 ? 1   BGC B O2  1 
HETATM 1332 O  O3  . BGC B 2 .   ? -10.918 0.524   -7.475  1.00 20.52 ? 1   BGC B O3  1 
HETATM 1333 O  O4  . BGC B 2 .   ? -9.290  -0.499  -9.390  1.00 21.97 ? 1   BGC B O4  1 
HETATM 1334 O  O5  . BGC B 2 .   ? -8.082  2.780   -9.370  1.00 21.19 ? 1   BGC B O5  1 
HETATM 1335 O  O6  . BGC B 2 .   ? -6.734  1.780   -11.397 1.00 23.01 ? 1   BGC B O6  1 
HETATM 1336 C  C2  . BGC B 2 .   ? -12.544 -0.324  -6.035  1.00 20.69 ? 2   BGC B C2  1 
HETATM 1337 C  C3  . BGC B 2 .   ? -12.786 -1.151  -4.809  1.00 21.29 ? 2   BGC B C3  1 
HETATM 1338 C  C4  . BGC B 2 .   ? -11.795 -2.304  -4.693  1.00 20.95 ? 2   BGC B C4  1 
HETATM 1339 C  C5  . BGC B 2 .   ? -10.400 -1.742  -4.896  1.00 21.15 ? 2   BGC B C5  1 
HETATM 1340 C  C6  . BGC B 2 .   ? -9.318  -2.780  -5.063  1.00 21.67 ? 2   BGC B C6  1 
HETATM 1341 C  C1  . BGC B 2 .   ? -11.125 0.105   -6.174  1.00 20.37 ? 2   BGC B C1  1 
HETATM 1342 O  O2  . BGC B 2 .   ? -13.312 0.820   -5.850  1.00 21.08 ? 2   BGC B O2  1 
HETATM 1343 O  O3  . BGC B 2 .   ? -14.133 -1.542  -4.893  1.00 21.28 ? 2   BGC B O3  1 
HETATM 1344 O  O4  . BGC B 2 .   ? -11.832 -2.880  -3.419  1.00 21.12 ? 2   BGC B O4  1 
HETATM 1345 O  O5  . BGC B 2 .   ? -10.333 -0.993  -6.073  1.00 21.15 ? 2   BGC B O5  1 
HETATM 1346 O  O6  . BGC B 2 .   ? -9.607  -3.523  -6.212  1.00 21.78 ? 2   BGC B O6  1 
HETATM 1347 C  C2  . BGC B 2 .   ? -11.916 -4.801  -2.143  1.00 20.49 ? 3   BGC B C2  1 
HETATM 1348 C  C3  . BGC B 2 .   ? -12.487 -6.171  -2.089  1.00 20.92 ? 3   BGC B C3  1 
HETATM 1349 C  C4  . BGC B 2 .   ? -14.004 -6.134  -2.236  1.00 21.38 ? 3   BGC B C4  1 
HETATM 1350 C  C5  . BGC B 2 .   ? -14.340 -5.317  -3.442  1.00 21.17 ? 3   BGC B C5  1 
HETATM 1351 C  C6  . BGC B 2 .   ? -15.791 -5.044  -3.471  1.00 20.36 ? 3   BGC B C6  1 
HETATM 1352 C  C1  . BGC B 2 .   ? -12.289 -4.193  -3.452  1.00 20.64 ? 3   BGC B C1  1 
HETATM 1353 O  O2  . BGC B 2 .   ? -10.534 -4.917  -2.002  1.00 20.84 ? 3   BGC B O2  1 
HETATM 1354 O  O3  . BGC B 2 .   ? -12.149 -6.611  -0.826  1.00 22.03 ? 3   BGC B O3  1 
HETATM 1355 O  O4  . BGC B 2 .   ? -14.590 -7.419  -2.421  1.00 22.16 ? 3   BGC B O4  1 
HETATM 1356 O  O5  . BGC B 2 .   ? -13.675 -4.106  -3.380  1.00 21.30 ? 3   BGC B O5  1 
HETATM 1357 O  O6  . BGC B 2 .   ? -16.129 -4.355  -4.610  1.00 21.20 ? 3   BGC B O6  1 
HETATM 1358 C  C2  . BGC B 2 .   ? -16.377 -8.910  -1.956  1.00 21.95 ? 4   BGC B C2  1 
HETATM 1359 C  C3  . BGC B 2 .   ? -17.442 -9.351  -1.018  1.00 21.90 ? 4   BGC B C3  1 
HETATM 1360 C  C4  . BGC B 2 .   ? -16.826 -9.529  0.373   1.00 22.51 ? 4   BGC B C4  1 
HETATM 1361 C  C5  . BGC B 2 .   ? -15.815 -8.414  0.708   1.00 22.53 ? 4   BGC B C5  1 
HETATM 1362 C  C6  . BGC B 2 .   ? -15.011 -8.587  1.987   1.00 22.04 ? 4   BGC B C6  1 
HETATM 1363 C  C1  . BGC B 2 .   ? -15.564 -7.762  -1.455  1.00 21.66 ? 4   BGC B C1  1 
HETATM 1364 O  O2  . BGC B 2 .   ? -17.056 -8.546  -3.101  1.00 22.58 ? 4   BGC B O2  1 
HETATM 1365 O  O3  . BGC B 2 .   ? -18.016 -10.519 -1.611  1.00 22.67 ? 4   BGC B O3  1 
HETATM 1366 O  O4  . BGC B 2 .   ? -17.838 -9.540  1.373   1.00 23.02 ? 4   BGC B O4  1 
HETATM 1367 O  O5  . BGC B 2 .   ? -14.907 -8.226  -0.336  1.00 22.07 ? 4   BGC B O5  1 
HETATM 1368 O  O6  . BGC B 2 .   ? -14.725 -9.943  2.295   1.00 21.53 ? 4   BGC B O6  1 
HETATM 1369 C  C2  . BGC B 2 .   ? -19.907 -11.563 -2.696  1.00 22.53 ? 5   BGC B C2  1 
HETATM 1370 C  C3  . BGC B 2 .   ? -21.402 -11.582 -2.897  1.00 23.10 ? 5   BGC B C3  1 
HETATM 1371 C  C4  . BGC B 2 .   ? -22.139 -11.517 -1.580  1.00 22.93 ? 5   BGC B C4  1 
HETATM 1372 C  C5  . BGC B 2 .   ? -21.462 -10.504 -0.697  1.00 23.35 ? 5   BGC B C5  1 
HETATM 1373 C  C6  . BGC B 2 .   ? -21.993 -10.652 0.695   1.00 23.41 ? 5   BGC B C6  1 
HETATM 1374 C  C1  . BGC B 2 .   ? -19.429 -10.458 -1.815  1.00 22.48 ? 5   BGC B C1  1 
HETATM 1375 O  O2  . BGC B 2 .   ? -19.393 -11.431 -3.977  1.00 24.42 ? 5   BGC B O2  1 
HETATM 1376 O  O3  . BGC B 2 .   ? -21.755 -12.743 -3.643  1.00 22.91 ? 5   BGC B O3  1 
HETATM 1377 O  O4  . BGC B 2 .   ? -23.437 -11.058 -1.801  1.00 23.40 ? 5   BGC B O4  1 
HETATM 1378 O  O5  . BGC B 2 .   ? -20.090 -10.743 -0.635  1.00 22.80 ? 5   BGC B O5  1 
HETATM 1379 O  O6  . BGC B 2 .   ? -21.674 -9.510  1.439   1.00 25.07 ? 5   BGC B O6  1 
HETATM 1380 C  C2  . BGC B 2 .   ? -25.674 -11.390 -1.474  1.00 23.22 ? 6   BGC B C2  1 
HETATM 1381 C  C3  . BGC B 2 .   ? -26.729 -12.470 -1.251  1.00 23.17 ? 6   BGC B C3  1 
HETATM 1382 C  C4  . BGC B 2 .   ? -26.654 -13.505 -2.339  1.00 23.36 ? 6   BGC B C4  1 
HETATM 1383 C  C5  . BGC B 2 .   ? -25.255 -14.045 -2.478  1.00 23.62 ? 6   BGC B C5  1 
HETATM 1384 C  C6  . BGC B 2 .   ? -25.161 -15.017 -3.665  1.00 23.65 ? 6   BGC B C6  1 
HETATM 1385 C  C1  . BGC B 2 .   ? -24.339 -12.073 -1.518  1.00 23.27 ? 6   BGC B C1  1 
HETATM 1386 O  O2  . BGC B 2 .   ? -25.586 -10.387 -0.442  1.00 23.86 ? 6   BGC B O2  1 
HETATM 1387 O  O3  . BGC B 2 .   ? -28.044 -11.977 -1.236  1.00 22.52 ? 6   BGC B O3  1 
HETATM 1388 O  O4  . BGC B 2 .   ? -27.466 -14.598 -1.984  1.00 24.57 ? 6   BGC B O4  1 
HETATM 1389 O  O5  . BGC B 2 .   ? -24.326 -12.993 -2.567  1.00 24.14 ? 6   BGC B O5  1 
HETATM 1390 O  O6  . BGC B 2 .   ? -24.639 -14.484 -4.874  1.00 24.01 ? 6   BGC B O6  1 
HETATM 1391 CA CA  . CA  C 3 .   ? 7.092   13.800  4.012   1.00 27.53 ? 207 CA  A CA  1 
HETATM 1392 CA CA  . CA  D 3 .   ? 0.740   -12.209 -11.808 1.00 31.39 ? 208 CA  A CA  1 
HETATM 1393 P  P   . PO4 E 4 .   ? 13.427  -9.419  -4.435  1.00 29.96 ? 209 PO4 A P   1 
HETATM 1394 O  O1  . PO4 E 4 .   ? 13.316  -8.001  -4.969  1.00 30.23 ? 209 PO4 A O1  1 
HETATM 1395 O  O2  . PO4 E 4 .   ? 12.921  -10.413 -5.481  1.00 29.10 ? 209 PO4 A O2  1 
HETATM 1396 O  O3  . PO4 E 4 .   ? 12.581  -9.537  -3.174  1.00 30.37 ? 209 PO4 A O3  1 
HETATM 1397 O  O4  . PO4 E 4 .   ? 14.881  -9.716  -4.118  1.00 30.41 ? 209 PO4 A O4  1 
HETATM 1398 P  P   . PO4 F 4 .   ? -14.725 -9.369  17.322  1.00 38.78 ? 210 PO4 A P   1 
HETATM 1399 O  O1  . PO4 F 4 .   ? -15.293 -7.995  17.698  1.00 37.83 ? 210 PO4 A O1  1 
HETATM 1400 O  O2  . PO4 F 4 .   ? -13.207 -9.307  17.305  1.00 38.65 ? 210 PO4 A O2  1 
HETATM 1401 O  O3  . PO4 F 4 .   ? -15.179 -10.400 18.343  1.00 38.11 ? 210 PO4 A O3  1 
HETATM 1402 O  O4  . PO4 F 4 .   ? -15.210 -9.777  15.936  1.00 39.41 ? 210 PO4 A O4  1 
HETATM 1403 O  O   . HOH G 5 .   ? -1.351  -9.937  4.577   1.00 18.82 ? 301 HOH A O   1 
HETATM 1404 O  O   . HOH G 5 .   ? 6.413   -12.179 -3.675  1.00 16.70 ? 302 HOH A O   1 
HETATM 1405 O  O   . HOH G 5 .   ? -19.740 3.488   4.894   1.00 33.35 ? 303 HOH A O   1 
HETATM 1406 O  O   . HOH G 5 .   ? -7.375  -3.424  9.267   1.00 23.18 ? 304 HOH A O   1 
HETATM 1407 O  O   . HOH G 5 .   ? -19.410 -3.533  -2.272  1.00 16.77 ? 305 HOH A O   1 
HETATM 1408 O  O   . HOH G 5 .   ? -10.027 13.836  11.430  1.00 29.17 ? 306 HOH A O   1 
HETATM 1409 O  O   . HOH G 5 .   ? -7.095  -16.428 -7.804  1.00 15.90 ? 307 HOH A O   1 
HETATM 1410 O  O   . HOH G 5 .   ? 0.814   -7.908  11.670  1.00 19.96 ? 308 HOH A O   1 
HETATM 1411 O  O   . HOH G 5 .   ? 8.606   -9.352  -11.963 1.00 30.91 ? 309 HOH A O   1 
HETATM 1412 O  O   . HOH G 5 .   ? 4.731   2.165   13.560  1.00 13.28 ? 310 HOH A O   1 
HETATM 1413 O  O   . HOH G 5 .   ? 0.822   -8.722  -14.852 1.00 16.77 ? 311 HOH A O   1 
HETATM 1414 O  O   . HOH G 5 .   ? -4.020  0.266   12.312  1.00 23.00 ? 312 HOH A O   1 
HETATM 1415 O  O   . HOH G 5 .   ? 3.492   15.510  -6.007  1.00 33.76 ? 313 HOH A O   1 
HETATM 1416 O  O   . HOH G 5 .   ? -13.546 6.295   10.038  1.00 28.80 ? 314 HOH A O   1 
HETATM 1417 O  O   . HOH G 5 .   ? 8.878   19.421  3.146   1.00 22.82 ? 315 HOH A O   1 
HETATM 1418 O  O   . HOH G 5 .   ? -1.956  2.717   -12.869 1.00 34.76 ? 316 HOH A O   1 
HETATM 1419 O  O   . HOH G 5 .   ? -10.553 -6.189  -12.486 1.00 35.61 ? 317 HOH A O   1 
HETATM 1420 O  O   . HOH G 5 .   ? -13.968 -7.699  7.963   1.00 34.11 ? 318 HOH A O   1 
HETATM 1421 O  O   . HOH G 5 .   ? -3.846  -10.117 8.124   1.00 14.15 ? 319 HOH A O   1 
HETATM 1422 O  O   . HOH G 5 .   ? -10.922 -1.119  17.168  1.00 30.72 ? 320 HOH A O   1 
HETATM 1423 O  O   . HOH G 5 .   ? -7.242  10.203  8.571   1.00 28.86 ? 321 HOH A O   1 
HETATM 1424 O  O   . HOH G 5 .   ? 12.918  -1.054  -16.222 1.00 20.71 ? 322 HOH A O   1 
HETATM 1425 O  O   . HOH G 5 .   ? 2.016   -10.828 5.894   1.00 18.64 ? 323 HOH A O   1 
HETATM 1426 O  O   . HOH G 5 .   ? 11.151  5.741   15.967  1.00 24.03 ? 324 HOH A O   1 
HETATM 1427 O  O   . HOH G 5 .   ? -4.739  7.380   -7.640  1.00 42.39 ? 325 HOH A O   1 
HETATM 1428 O  O   . HOH G 5 .   ? -5.177  -1.862  -14.164 1.00 27.65 ? 326 HOH A O   1 
HETATM 1429 O  O   . HOH G 5 .   ? -4.420  -12.847 2.122   1.00 23.72 ? 327 HOH A O   1 
HETATM 1430 O  O   . HOH G 5 .   ? -8.318  -10.421 -22.444 1.00 27.59 ? 328 HOH A O   1 
HETATM 1431 O  O   . HOH G 5 .   ? 12.756  6.778   5.426   1.00 26.34 ? 329 HOH A O   1 
HETATM 1432 O  O   . HOH G 5 .   ? -5.553  16.913  3.177   1.00 19.31 ? 330 HOH A O   1 
HETATM 1433 O  O   . HOH G 5 .   ? 7.454   -13.006 -8.615  1.00 37.54 ? 331 HOH A O   1 
HETATM 1434 O  O   . HOH G 5 .   ? -17.457 -5.459  14.276  1.00 30.01 ? 332 HOH A O   1 
HETATM 1435 O  O   . HOH G 5 .   ? 0.098   -11.978 8.019   1.00 24.86 ? 333 HOH A O   1 
HETATM 1436 O  O   . HOH G 5 .   ? -14.297 -10.990 -8.212  1.00 25.68 ? 334 HOH A O   1 
HETATM 1437 O  O   . HOH G 5 .   ? 4.186   -0.860  -17.306 1.00 39.81 ? 335 HOH A O   1 
HETATM 1438 O  O   . HOH G 5 .   ? 4.373   -10.022 7.628   1.00 26.33 ? 336 HOH A O   1 
HETATM 1439 O  O   . HOH G 5 .   ? 4.786   -6.235  9.996   1.00 26.75 ? 337 HOH A O   1 
HETATM 1440 O  O   . HOH G 5 .   ? 7.553   5.969   -17.973 1.00 36.81 ? 338 HOH A O   1 
HETATM 1441 O  O   . HOH G 5 .   ? 7.385   12.129  -4.687  1.00 38.41 ? 339 HOH A O   1 
HETATM 1442 O  O   . HOH G 5 .   ? -15.215 -4.425  18.308  1.00 35.11 ? 340 HOH A O   1 
HETATM 1443 O  O   . HOH G 5 .   ? 4.994   5.079   -18.231 1.00 40.78 ? 341 HOH A O   1 
HETATM 1444 O  O   . HOH G 5 .   ? -3.269  11.889  -0.525  1.00 33.97 ? 342 HOH A O   1 
HETATM 1445 O  O   . HOH G 5 .   ? 8.366   8.438   17.030  1.00 17.41 ? 343 HOH A O   1 
HETATM 1446 O  O   . HOH G 5 .   ? 4.684   -13.635 4.273   1.00 35.91 ? 344 HOH A O   1 
HETATM 1447 O  O   . HOH G 5 .   ? 15.615  -8.524  3.628   1.00 34.58 ? 345 HOH A O   1 
HETATM 1448 O  O   . HOH G 5 .   ? 15.989  1.472   6.912   1.00 22.66 ? 346 HOH A O   1 
HETATM 1449 O  O   . HOH G 5 .   ? -7.565  13.113  -6.172  1.00 18.75 ? 347 HOH A O   1 
HETATM 1450 O  O   . HOH G 5 .   ? -0.565  -16.513 2.183   1.00 36.35 ? 348 HOH A O   1 
HETATM 1451 O  O   . HOH G 5 .   ? 7.976   -15.424 -13.927 1.00 22.04 ? 349 HOH A O   1 
HETATM 1452 O  O   . HOH G 5 .   ? -17.917 -3.341  15.671  1.00 37.49 ? 350 HOH A O   1 
HETATM 1453 O  O   . HOH G 5 .   ? -8.287  14.687  -3.266  1.00 21.43 ? 351 HOH A O   1 
HETATM 1454 O  O   . HOH G 5 .   ? -8.979  17.273  -0.337  1.00 25.17 ? 352 HOH A O   1 
# 
